data_6BZ0
#
_entry.id   6BZ0
#
_cell.length_a   57.965
_cell.length_b   82.769
_cell.length_c   96.262
_cell.angle_alpha   80.38
_cell.angle_beta   80.21
_cell.angle_gamma   89.49
#
_symmetry.space_group_name_H-M   'P 1'
#
loop_
_entity.id
_entity.type
_entity.pdbx_description
1 polymer 'Dihydrolipoyl dehydrogenase'
2 non-polymer 'FLAVIN-ADENINE DINUCLEOTIDE'
3 non-polymer 'CHLORIDE ION'
4 non-polymer 'MAGNESIUM ION'
5 water water
#
_entity_poly.entity_id   1
_entity_poly.type   'polypeptide(L)'
_entity_poly.pdbx_seq_one_letter_code
;SNAMSQQFDLVVIGGGPGGYEAAIRAAQLGFKVACIEKRIHNGKPSLGGTCLNVGCIPSKALLDSSHRYEDTVHHLADHG
ITTGEVNFDLAKLLARKDKIVDQLTGGIDQLLKGNGIEWLKGTGKLLAGKKVEFVPHEGETQILEPKYVILASGSVPVNI
PVAPVDQDIIVDSTGALNFPEVPKRLGVIGAGVIGLELGSVWRRLGAEVVVFEAMDAFLPMADKALSKEYQKILTKQGLD
IRIGAKVSGTEVNGREVTVKYTQAGEDKEQTFDKLIVCVGRKAYAEGLLAEDSGIKLTERGLVEVNDHCATSVEGVYAIG
DLVRGPMLAHKAMEEGVMAVERIHGHAAQVNYDTIISIIYTHPEAAWVGLTEEQAKEKGHEVKTGQFGFAVNGRALAAGE
GAGFVKFVADAKTDRLLGMHVIGPAASDIVHQGMIALEFVSSVEDLQLMTFGHPTFSEVVHEAALAVDGRAIHAIQRKRK
;
_entity_poly.pdbx_strand_id   A,B,C,D
#
# COMPACT_ATOMS: atom_id res chain seq x y z
N GLN A 7 -4.00 -30.61 -37.97
CA GLN A 7 -4.69 -30.81 -36.67
C GLN A 7 -4.33 -29.64 -35.73
N PHE A 8 -5.35 -28.92 -35.25
CA PHE A 8 -5.16 -27.78 -34.35
C PHE A 8 -5.81 -27.96 -32.98
N ASP A 9 -5.09 -27.58 -31.95
CA ASP A 9 -5.61 -27.58 -30.59
C ASP A 9 -6.54 -26.38 -30.39
N LEU A 10 -6.11 -25.25 -30.95
CA LEU A 10 -6.81 -23.96 -30.81
C LEU A 10 -7.00 -23.27 -32.15
N VAL A 11 -8.21 -22.77 -32.36
CA VAL A 11 -8.52 -21.99 -33.56
C VAL A 11 -8.99 -20.63 -33.09
N VAL A 12 -8.37 -19.58 -33.63
CA VAL A 12 -8.74 -18.23 -33.33
C VAL A 12 -9.45 -17.69 -34.57
N ILE A 13 -10.67 -17.18 -34.41
CA ILE A 13 -11.43 -16.57 -35.50
C ILE A 13 -11.30 -15.06 -35.40
N GLY A 14 -10.43 -14.51 -36.24
CA GLY A 14 -10.17 -13.06 -36.27
C GLY A 14 -8.69 -12.85 -36.08
N GLY A 15 -8.12 -12.00 -36.93
CA GLY A 15 -6.70 -11.70 -36.90
C GLY A 15 -6.33 -10.30 -36.49
N GLY A 16 -7.22 -9.65 -35.74
CA GLY A 16 -6.91 -8.31 -35.20
C GLY A 16 -6.03 -8.41 -33.95
N PRO A 17 -5.81 -7.26 -33.28
CA PRO A 17 -4.96 -7.21 -32.09
C PRO A 17 -5.29 -8.33 -31.10
N GLY A 18 -6.58 -8.55 -30.84
CA GLY A 18 -6.99 -9.61 -29.95
C GLY A 18 -6.61 -11.00 -30.44
N GLY A 19 -7.07 -11.31 -31.64
CA GLY A 19 -6.83 -12.59 -32.27
C GLY A 19 -5.38 -12.97 -32.49
N TYR A 20 -4.58 -12.08 -33.07
CA TYR A 20 -3.15 -12.45 -33.33
C TYR A 20 -2.30 -12.56 -32.05
N GLU A 21 -2.60 -11.73 -31.04
N GLU A 21 -2.57 -11.72 -31.04
CA GLU A 21 -1.91 -11.74 -29.75
CA GLU A 21 -1.87 -11.81 -29.74
C GLU A 21 -2.20 -13.07 -29.04
C GLU A 21 -2.18 -13.14 -29.09
N ALA A 22 -3.46 -13.52 -29.13
CA ALA A 22 -3.90 -14.78 -28.58
C ALA A 22 -3.20 -15.94 -29.30
N ALA A 23 -3.12 -15.85 -30.63
CA ALA A 23 -2.49 -16.91 -31.41
C ALA A 23 -1.03 -17.05 -31.04
N ILE A 24 -0.34 -15.92 -30.91
CA ILE A 24 1.07 -15.95 -30.58
C ILE A 24 1.29 -16.50 -29.17
N ARG A 25 0.52 -16.01 -28.21
CA ARG A 25 0.66 -16.51 -26.83
C ARG A 25 0.42 -18.02 -26.76
N ALA A 26 -0.59 -18.50 -27.49
CA ALA A 26 -0.92 -19.93 -27.52
C ALA A 26 0.22 -20.74 -28.11
N ALA A 27 0.83 -20.23 -29.17
CA ALA A 27 1.98 -20.91 -29.79
C ALA A 27 3.13 -20.97 -28.80
N GLN A 28 3.35 -19.91 -28.03
CA GLN A 28 4.40 -19.90 -27.01
C GLN A 28 4.15 -20.96 -25.93
N LEU A 29 2.88 -21.21 -25.62
CA LEU A 29 2.50 -22.18 -24.60
C LEU A 29 2.42 -23.63 -25.11
N GLY A 30 2.78 -23.84 -26.37
CA GLY A 30 2.83 -25.18 -26.93
C GLY A 30 1.64 -25.64 -27.76
N PHE A 31 0.63 -24.79 -27.92
CA PHE A 31 -0.55 -25.16 -28.71
C PHE A 31 -0.25 -25.15 -30.21
N LYS A 32 -1.00 -25.98 -30.94
CA LYS A 32 -0.93 -26.04 -32.39
C LYS A 32 -2.09 -25.14 -32.81
N VAL A 33 -1.73 -23.98 -33.35
CA VAL A 33 -2.70 -22.92 -33.59
C VAL A 33 -3.00 -22.54 -35.03
N ALA A 34 -4.26 -22.21 -35.27
CA ALA A 34 -4.71 -21.67 -36.55
C ALA A 34 -5.38 -20.32 -36.27
N CYS A 35 -5.09 -19.35 -37.12
CA CYS A 35 -5.72 -18.03 -37.01
C CYS A 35 -6.45 -17.79 -38.32
N ILE A 36 -7.77 -17.68 -38.25
CA ILE A 36 -8.56 -17.44 -39.43
C ILE A 36 -8.84 -15.93 -39.53
N GLU A 37 -8.55 -15.36 -40.69
CA GLU A 37 -8.69 -13.92 -40.92
C GLU A 37 -9.01 -13.71 -42.38
N LYS A 38 -10.15 -13.06 -42.64
N LYS A 38 -10.15 -13.05 -42.61
CA LYS A 38 -10.63 -12.86 -44.00
CA LYS A 38 -10.70 -12.84 -43.95
C LYS A 38 -10.18 -11.59 -44.71
C LYS A 38 -10.31 -11.54 -44.67
N ARG A 39 -9.68 -10.59 -43.98
CA ARG A 39 -9.33 -9.30 -44.60
C ARG A 39 -8.39 -9.35 -45.81
N ILE A 40 -8.77 -8.62 -46.85
CA ILE A 40 -7.93 -8.42 -48.03
C ILE A 40 -7.91 -6.90 -48.20
N HIS A 41 -6.75 -6.29 -47.98
CA HIS A 41 -6.56 -4.84 -48.02
C HIS A 41 -5.68 -4.49 -49.22
N ASN A 42 -6.25 -3.82 -50.23
CA ASN A 42 -5.52 -3.47 -51.47
C ASN A 42 -4.92 -4.71 -52.15
N GLY A 43 -5.75 -5.72 -52.33
CA GLY A 43 -5.35 -6.96 -52.99
C GLY A 43 -4.41 -7.88 -52.22
N LYS A 44 -4.12 -7.57 -50.95
CA LYS A 44 -3.26 -8.41 -50.12
C LYS A 44 -3.97 -8.91 -48.88
N PRO A 45 -4.00 -10.24 -48.66
CA PRO A 45 -4.55 -10.66 -47.37
C PRO A 45 -3.74 -9.97 -46.28
N SER A 46 -4.42 -9.49 -45.24
CA SER A 46 -3.74 -8.72 -44.19
C SER A 46 -4.25 -9.00 -42.80
N LEU A 47 -3.31 -9.28 -41.89
CA LEU A 47 -3.60 -9.45 -40.48
C LEU A 47 -3.59 -8.03 -39.88
N GLY A 48 -3.89 -7.91 -38.58
CA GLY A 48 -3.84 -6.59 -37.92
C GLY A 48 -5.20 -6.01 -37.57
N GLY A 49 -6.26 -6.54 -38.17
CA GLY A 49 -7.61 -6.09 -37.88
C GLY A 49 -7.89 -4.63 -38.18
N THR A 50 -8.84 -4.07 -37.43
CA THR A 50 -9.22 -2.67 -37.55
C THR A 50 -8.08 -1.76 -37.18
N CYS A 51 -7.40 -2.12 -36.10
CA CYS A 51 -6.31 -1.36 -35.52
C CYS A 51 -5.24 -1.00 -36.54
N LEU A 52 -4.65 -2.01 -37.14
CA LEU A 52 -3.61 -1.78 -38.14
C LEU A 52 -4.06 -1.32 -39.51
N ASN A 53 -5.17 -1.86 -40.01
CA ASN A 53 -5.56 -1.59 -41.38
C ASN A 53 -6.40 -0.34 -41.67
N VAL A 54 -7.34 0.00 -40.78
CA VAL A 54 -8.22 1.13 -41.02
C VAL A 54 -8.54 1.92 -39.75
N GLY A 55 -7.67 1.82 -38.75
CA GLY A 55 -7.97 2.39 -37.45
C GLY A 55 -6.86 3.14 -36.77
N CYS A 56 -6.33 2.57 -35.67
CA CYS A 56 -5.30 3.19 -34.84
C CYS A 56 -4.08 3.68 -35.59
N ILE A 57 -3.44 2.78 -36.32
CA ILE A 57 -2.21 3.14 -37.01
C ILE A 57 -2.41 4.21 -38.08
N PRO A 58 -3.34 4.00 -39.01
CA PRO A 58 -3.49 5.07 -40.02
C PRO A 58 -3.88 6.41 -39.43
N SER A 59 -4.75 6.42 -38.43
CA SER A 59 -5.14 7.68 -37.80
C SER A 59 -3.92 8.34 -37.11
N LYS A 60 -3.11 7.55 -36.42
CA LYS A 60 -1.90 8.09 -35.76
C LYS A 60 -0.90 8.64 -36.76
N ALA A 61 -0.77 8.00 -37.92
CA ALA A 61 0.12 8.51 -38.98
C ALA A 61 -0.34 9.89 -39.50
N LEU A 62 -1.64 10.00 -39.81
CA LEU A 62 -2.16 11.29 -40.29
C LEU A 62 -2.14 12.37 -39.24
N LEU A 63 -2.36 12.00 -37.97
CA LEU A 63 -2.27 12.97 -36.88
C LEU A 63 -0.84 13.50 -36.78
N ASP A 64 0.15 12.63 -36.96
CA ASP A 64 1.54 13.07 -36.83
C ASP A 64 1.95 14.00 -37.97
N SER A 65 1.58 13.64 -39.21
CA SER A 65 1.93 14.44 -40.38
C SER A 65 1.20 15.79 -40.36
N SER A 66 -0.09 15.77 -40.06
CA SER A 66 -0.87 17.00 -39.99
C SER A 66 -0.39 17.92 -38.86
N HIS A 67 0.04 17.32 -37.76
CA HIS A 67 0.60 18.07 -36.64
C HIS A 67 1.89 18.76 -37.08
N ARG A 68 2.73 18.05 -37.82
CA ARG A 68 3.97 18.65 -38.32
C ARG A 68 3.71 19.82 -39.26
N TYR A 69 2.67 19.70 -40.05
CA TYR A 69 2.32 20.79 -40.94
C TYR A 69 1.85 22.02 -40.14
N GLU A 70 0.89 21.83 -39.24
N GLU A 70 0.90 21.80 -39.22
CA GLU A 70 0.41 22.96 -38.42
CA GLU A 70 0.35 22.86 -38.35
C GLU A 70 1.54 23.60 -37.63
C GLU A 70 1.42 23.54 -37.48
N ASP A 71 2.40 22.76 -37.07
CA ASP A 71 3.51 23.22 -36.24
C ASP A 71 4.46 24.08 -37.07
N THR A 72 4.70 23.65 -38.31
CA THR A 72 5.62 24.35 -39.20
C THR A 72 5.06 25.70 -39.61
N VAL A 73 3.76 25.77 -39.89
CA VAL A 73 3.15 27.04 -40.31
C VAL A 73 3.01 28.01 -39.13
N HIS A 74 2.59 27.50 -37.96
CA HIS A 74 2.22 28.38 -36.85
C HIS A 74 3.08 28.43 -35.60
N HIS A 75 3.97 27.48 -35.37
CA HIS A 75 4.72 27.45 -34.12
C HIS A 75 6.22 27.51 -34.28
N LEU A 76 6.69 28.15 -35.35
CA LEU A 76 8.15 28.32 -35.55
C LEU A 76 8.62 29.74 -35.30
N ALA A 77 7.74 30.71 -35.54
CA ALA A 77 8.10 32.14 -35.41
C ALA A 77 8.67 32.53 -34.07
N ASP A 78 8.16 31.97 -32.97
CA ASP A 78 8.66 32.32 -31.62
C ASP A 78 10.09 31.85 -31.38
N HIS A 79 10.51 30.84 -32.14
CA HIS A 79 11.85 30.32 -32.07
C HIS A 79 12.82 31.10 -32.98
N GLY A 80 12.29 32.03 -33.77
CA GLY A 80 13.09 32.82 -34.69
C GLY A 80 13.38 32.08 -35.98
N ILE A 81 12.58 31.06 -36.27
CA ILE A 81 12.74 30.24 -37.46
C ILE A 81 11.71 30.66 -38.52
N THR A 82 12.19 30.91 -39.73
CA THR A 82 11.33 31.30 -40.85
C THR A 82 11.48 30.25 -41.95
N THR A 83 10.42 30.08 -42.73
CA THR A 83 10.36 29.06 -43.75
C THR A 83 9.94 29.54 -45.14
N GLY A 84 9.43 30.77 -45.25
CA GLY A 84 8.87 31.20 -46.52
C GLY A 84 7.60 30.38 -46.74
N GLU A 85 7.36 29.94 -47.97
CA GLU A 85 6.18 29.14 -48.28
C GLU A 85 6.20 27.77 -47.57
N VAL A 86 5.04 27.25 -47.19
CA VAL A 86 4.91 25.94 -46.57
C VAL A 86 3.78 25.25 -47.33
N ASN A 87 4.03 24.03 -47.81
CA ASN A 87 3.05 23.27 -48.60
C ASN A 87 3.05 21.82 -48.17
N PHE A 88 1.94 21.13 -48.41
CA PHE A 88 1.87 19.69 -48.22
C PHE A 88 1.33 19.05 -49.50
N ASP A 89 1.79 17.83 -49.75
CA ASP A 89 1.37 17.03 -50.88
C ASP A 89 0.57 15.89 -50.23
N LEU A 90 -0.76 16.00 -50.29
CA LEU A 90 -1.63 15.03 -49.63
C LEU A 90 -1.38 13.60 -50.08
N ALA A 91 -1.17 13.40 -51.38
CA ALA A 91 -0.93 12.05 -51.88
C ALA A 91 0.30 11.42 -51.24
N LYS A 92 1.35 12.20 -50.99
CA LYS A 92 2.58 11.65 -50.37
C LYS A 92 2.33 11.40 -48.89
N LEU A 93 1.60 12.31 -48.26
CA LEU A 93 1.26 12.18 -46.85
C LEU A 93 0.44 10.87 -46.66
N LEU A 94 -0.56 10.66 -47.52
CA LEU A 94 -1.37 9.44 -47.43
C LEU A 94 -0.58 8.19 -47.80
N ALA A 95 0.31 8.28 -48.80
CA ALA A 95 1.12 7.13 -49.19
C ALA A 95 2.08 6.70 -48.06
N ARG A 96 2.57 7.66 -47.28
CA ARG A 96 3.46 7.34 -46.14
C ARG A 96 2.71 6.46 -45.15
N LYS A 97 1.47 6.86 -44.89
CA LYS A 97 0.59 6.14 -44.00
C LYS A 97 0.35 4.73 -44.54
N ASP A 98 0.10 4.62 -45.85
CA ASP A 98 -0.14 3.32 -46.48
C ASP A 98 1.08 2.41 -46.38
N LYS A 99 2.27 3.01 -46.55
CA LYS A 99 3.50 2.24 -46.46
C LYS A 99 3.73 1.68 -45.04
N ILE A 100 3.49 2.54 -44.05
CA ILE A 100 3.64 2.14 -42.64
C ILE A 100 2.72 0.96 -42.32
N VAL A 101 1.48 1.06 -42.79
CA VAL A 101 0.50 0.00 -42.62
C VAL A 101 1.00 -1.29 -43.27
N ASP A 102 1.48 -1.20 -44.52
N ASP A 102 1.50 -1.20 -44.50
CA ASP A 102 2.00 -2.38 -45.23
CA ASP A 102 2.01 -2.37 -45.22
C ASP A 102 3.15 -3.07 -44.47
C ASP A 102 3.13 -3.08 -44.46
N GLN A 103 4.10 -2.29 -43.99
CA GLN A 103 5.24 -2.81 -43.21
C GLN A 103 4.78 -3.56 -41.96
N LEU A 104 3.88 -2.94 -41.21
CA LEU A 104 3.39 -3.51 -39.97
C LEU A 104 2.56 -4.78 -40.20
N THR A 105 1.67 -4.78 -41.19
CA THR A 105 0.87 -5.99 -41.47
C THR A 105 1.75 -7.15 -41.98
N GLY A 106 2.79 -6.81 -42.73
CA GLY A 106 3.77 -7.80 -43.20
C GLY A 106 4.54 -8.35 -42.00
N GLY A 107 4.80 -7.48 -41.02
CA GLY A 107 5.49 -7.89 -39.80
C GLY A 107 4.72 -8.91 -38.99
N ILE A 108 3.40 -8.75 -38.90
N ILE A 108 3.39 -8.74 -38.90
CA ILE A 108 2.59 -9.70 -38.14
CA ILE A 108 2.56 -9.66 -38.14
C ILE A 108 2.56 -11.05 -38.84
C ILE A 108 2.50 -11.03 -38.83
N ASP A 109 2.42 -11.01 -40.16
CA ASP A 109 2.43 -12.23 -40.97
C ASP A 109 3.72 -13.03 -40.66
N GLN A 110 4.85 -12.32 -40.64
N GLN A 110 4.86 -12.34 -40.64
CA GLN A 110 6.15 -12.92 -40.32
CA GLN A 110 6.13 -13.02 -40.33
C GLN A 110 6.16 -13.51 -38.91
C GLN A 110 6.17 -13.53 -38.88
N LEU A 111 5.53 -12.80 -37.96
CA LEU A 111 5.45 -13.27 -36.56
C LEU A 111 4.68 -14.57 -36.43
N LEU A 112 3.57 -14.69 -37.15
CA LEU A 112 2.80 -15.92 -37.10
C LEU A 112 3.64 -17.05 -37.70
N LYS A 113 4.21 -16.83 -38.87
CA LYS A 113 5.05 -17.85 -39.50
C LYS A 113 6.18 -18.32 -38.61
N GLY A 114 6.84 -17.37 -37.94
CA GLY A 114 7.93 -17.66 -37.00
C GLY A 114 7.50 -18.42 -35.77
N ASN A 115 6.24 -18.22 -35.34
CA ASN A 115 5.71 -18.94 -34.18
C ASN A 115 5.06 -20.28 -34.57
N GLY A 116 5.09 -20.63 -35.85
CA GLY A 116 4.54 -21.92 -36.30
C GLY A 116 3.02 -21.95 -36.28
N ILE A 117 2.42 -20.77 -36.47
CA ILE A 117 0.97 -20.60 -36.48
C ILE A 117 0.51 -20.56 -37.91
N GLU A 118 -0.55 -21.28 -38.25
N GLU A 118 -0.55 -21.29 -38.25
CA GLU A 118 -1.06 -21.28 -39.63
CA GLU A 118 -1.05 -21.26 -39.62
C GLU A 118 -2.14 -20.22 -39.79
C GLU A 118 -2.11 -20.19 -39.76
N TRP A 119 -1.93 -19.32 -40.73
CA TRP A 119 -2.87 -18.25 -41.02
C TRP A 119 -3.75 -18.78 -42.13
N LEU A 120 -4.98 -19.11 -41.76
CA LEU A 120 -5.97 -19.57 -42.72
C LEU A 120 -6.67 -18.33 -43.28
N LYS A 121 -6.45 -18.08 -44.56
CA LYS A 121 -6.98 -16.90 -45.24
C LYS A 121 -8.38 -17.19 -45.76
N GLY A 122 -9.36 -16.65 -45.07
CA GLY A 122 -10.76 -16.86 -45.37
C GLY A 122 -11.61 -16.59 -44.16
N THR A 123 -12.82 -17.17 -44.15
N THR A 123 -12.84 -17.10 -44.15
CA THR A 123 -13.82 -16.93 -43.11
CA THR A 123 -13.75 -16.88 -43.04
C THR A 123 -14.04 -18.13 -42.21
C THR A 123 -13.90 -18.11 -42.18
N GLY A 124 -14.27 -17.86 -40.92
CA GLY A 124 -14.47 -18.91 -39.93
C GLY A 124 -15.83 -18.80 -39.27
N LYS A 125 -16.45 -19.94 -38.99
N LYS A 125 -16.45 -19.94 -38.99
CA LYS A 125 -17.74 -20.01 -38.32
CA LYS A 125 -17.73 -19.98 -38.29
C LYS A 125 -17.70 -21.11 -37.25
C LYS A 125 -17.70 -21.10 -37.25
N LEU A 126 -18.15 -20.79 -36.04
CA LEU A 126 -18.19 -21.76 -34.95
C LEU A 126 -19.41 -22.66 -35.11
N LEU A 127 -19.20 -23.97 -35.12
CA LEU A 127 -20.28 -24.93 -35.25
C LEU A 127 -20.47 -25.66 -33.92
N ALA A 128 -21.48 -26.52 -33.87
CA ALA A 128 -21.73 -27.32 -32.67
C ALA A 128 -20.50 -28.18 -32.41
N GLY A 129 -20.28 -28.50 -31.14
CA GLY A 129 -19.16 -29.34 -30.72
C GLY A 129 -17.81 -28.68 -30.90
N LYS A 130 -17.80 -27.34 -30.92
CA LYS A 130 -16.60 -26.54 -31.14
C LYS A 130 -15.85 -26.78 -32.44
N LYS A 131 -16.52 -27.39 -33.42
CA LYS A 131 -15.90 -27.55 -34.72
C LYS A 131 -15.93 -26.19 -35.40
N VAL A 132 -15.02 -25.96 -36.33
CA VAL A 132 -14.95 -24.68 -36.99
C VAL A 132 -14.93 -24.87 -38.51
N GLU A 133 -15.85 -24.18 -39.17
CA GLU A 133 -15.94 -24.20 -40.62
C GLU A 133 -15.04 -23.11 -41.17
N PHE A 134 -14.03 -23.50 -41.93
CA PHE A 134 -13.13 -22.55 -42.57
C PHE A 134 -13.40 -22.55 -44.06
N VAL A 135 -13.89 -21.42 -44.57
CA VAL A 135 -14.14 -21.24 -45.99
C VAL A 135 -13.00 -20.36 -46.52
N PRO A 136 -12.04 -20.96 -47.24
CA PRO A 136 -10.91 -20.16 -47.74
C PRO A 136 -11.31 -19.25 -48.90
N HIS A 137 -10.53 -18.21 -49.15
CA HIS A 137 -10.81 -17.34 -50.28
C HIS A 137 -10.81 -18.16 -51.54
N GLU A 138 -9.85 -19.06 -51.65
CA GLU A 138 -9.73 -19.95 -52.81
C GLU A 138 -9.58 -21.40 -52.32
N GLY A 139 -10.46 -22.27 -52.77
CA GLY A 139 -10.33 -23.69 -52.45
C GLY A 139 -11.40 -24.36 -51.61
N GLU A 140 -11.07 -25.58 -51.18
CA GLU A 140 -11.99 -26.42 -50.44
C GLU A 140 -12.21 -25.99 -48.99
N THR A 141 -13.49 -25.96 -48.62
CA THR A 141 -13.91 -25.68 -47.26
C THR A 141 -13.41 -26.78 -46.34
N GLN A 142 -12.95 -26.42 -45.14
CA GLN A 142 -12.47 -27.40 -44.17
C GLN A 142 -13.27 -27.31 -42.90
N ILE A 143 -13.43 -28.44 -42.21
CA ILE A 143 -14.12 -28.48 -40.94
C ILE A 143 -13.04 -28.87 -39.94
N LEU A 144 -12.64 -27.89 -39.12
CA LEU A 144 -11.61 -28.09 -38.11
C LEU A 144 -12.25 -28.57 -36.81
N GLU A 145 -11.50 -29.35 -36.04
CA GLU A 145 -12.02 -29.92 -34.79
C GLU A 145 -11.10 -29.60 -33.61
N PRO A 146 -10.98 -28.32 -33.24
CA PRO A 146 -10.11 -27.95 -32.13
C PRO A 146 -10.76 -28.20 -30.78
N LYS A 147 -9.96 -28.29 -29.73
CA LYS A 147 -10.51 -28.41 -28.39
C LYS A 147 -10.92 -27.04 -27.88
N TYR A 148 -10.21 -26.01 -28.34
CA TYR A 148 -10.46 -24.63 -27.90
C TYR A 148 -10.65 -23.68 -29.05
N VAL A 149 -11.51 -22.67 -28.82
CA VAL A 149 -11.80 -21.65 -29.80
C VAL A 149 -11.85 -20.26 -29.15
N ILE A 150 -11.18 -19.29 -29.77
CA ILE A 150 -11.22 -17.89 -29.33
C ILE A 150 -11.92 -17.06 -30.43
N LEU A 151 -13.05 -16.47 -30.08
CA LEU A 151 -13.81 -15.62 -30.99
C LEU A 151 -13.29 -14.19 -30.84
N ALA A 152 -12.75 -13.65 -31.92
CA ALA A 152 -12.13 -12.34 -31.91
C ALA A 152 -12.49 -11.60 -33.20
N SER A 153 -13.79 -11.53 -33.50
CA SER A 153 -14.27 -10.97 -34.75
C SER A 153 -14.38 -9.44 -34.82
N GLY A 154 -14.14 -8.79 -33.69
CA GLY A 154 -14.06 -7.34 -33.63
C GLY A 154 -15.32 -6.54 -33.85
N SER A 155 -15.14 -5.38 -34.50
CA SER A 155 -16.20 -4.41 -34.70
C SER A 155 -16.25 -3.80 -36.10
N VAL A 156 -17.32 -3.05 -36.33
CA VAL A 156 -17.57 -2.25 -37.53
C VAL A 156 -18.24 -0.94 -37.07
N PRO A 157 -18.29 0.06 -37.97
CA PRO A 157 -18.93 1.29 -37.53
C PRO A 157 -20.42 1.17 -37.31
N VAL A 158 -20.94 1.94 -36.36
CA VAL A 158 -22.37 2.06 -36.17
C VAL A 158 -22.87 2.84 -37.39
N ASN A 159 -24.01 2.42 -37.91
CA ASN A 159 -24.65 3.04 -39.06
C ASN A 159 -25.75 4.00 -38.59
N ILE A 160 -25.92 5.10 -39.31
CA ILE A 160 -26.99 6.04 -39.05
C ILE A 160 -27.86 6.00 -40.31
N PRO A 161 -29.04 5.40 -40.22
CA PRO A 161 -29.95 5.31 -41.36
C PRO A 161 -30.20 6.63 -42.12
N VAL A 162 -30.30 7.75 -41.41
CA VAL A 162 -30.55 9.04 -42.06
C VAL A 162 -29.29 9.72 -42.65
N ALA A 163 -28.13 9.09 -42.46
CA ALA A 163 -26.86 9.57 -43.02
C ALA A 163 -26.10 8.36 -43.57
N PRO A 164 -26.63 7.73 -44.63
CA PRO A 164 -26.00 6.54 -45.19
C PRO A 164 -24.64 6.76 -45.86
N VAL A 165 -23.70 5.88 -45.56
CA VAL A 165 -22.35 5.96 -46.08
C VAL A 165 -22.34 5.48 -47.53
N ASP A 166 -21.74 6.28 -48.42
CA ASP A 166 -21.64 5.93 -49.85
C ASP A 166 -20.17 5.86 -50.32
N GLN A 167 -19.22 5.95 -49.37
CA GLN A 167 -17.79 5.87 -49.66
C GLN A 167 -17.25 7.04 -50.51
N ASP A 168 -18.09 8.05 -50.75
CA ASP A 168 -17.70 9.18 -51.58
C ASP A 168 -17.95 10.52 -50.84
N ILE A 169 -19.19 11.01 -50.84
CA ILE A 169 -19.53 12.25 -50.15
C ILE A 169 -19.74 12.02 -48.65
N ILE A 170 -20.40 10.92 -48.32
CA ILE A 170 -20.63 10.53 -46.93
C ILE A 170 -19.78 9.28 -46.67
N VAL A 171 -18.78 9.43 -45.80
CA VAL A 171 -17.87 8.33 -45.49
C VAL A 171 -17.92 7.91 -44.04
N ASP A 172 -17.38 6.73 -43.77
CA ASP A 172 -17.16 6.30 -42.38
C ASP A 172 -15.68 6.58 -42.09
N SER A 173 -15.19 6.11 -40.96
CA SER A 173 -13.79 6.37 -40.60
C SER A 173 -12.80 5.85 -41.63
N THR A 174 -13.14 4.78 -42.36
CA THR A 174 -12.24 4.22 -43.38
C THR A 174 -12.03 5.23 -44.50
N GLY A 175 -13.14 5.73 -45.05
CA GLY A 175 -13.09 6.73 -46.11
C GLY A 175 -12.45 8.03 -45.64
N ALA A 176 -12.64 8.38 -44.36
CA ALA A 176 -12.08 9.61 -43.78
C ALA A 176 -10.55 9.60 -43.72
N LEU A 177 -9.94 8.44 -43.80
CA LEU A 177 -8.50 8.34 -43.78
C LEU A 177 -7.93 8.34 -45.19
N ASN A 178 -8.80 8.53 -46.18
CA ASN A 178 -8.40 8.40 -47.57
C ASN A 178 -8.87 9.50 -48.52
N PHE A 179 -9.41 10.61 -48.03
CA PHE A 179 -9.86 11.69 -48.92
C PHE A 179 -8.74 12.05 -49.91
N PRO A 180 -9.04 12.11 -51.23
CA PRO A 180 -8.04 12.49 -52.23
C PRO A 180 -7.67 13.98 -52.25
N GLU A 181 -8.55 14.82 -51.69
CA GLU A 181 -8.29 16.26 -51.55
C GLU A 181 -8.84 16.68 -50.19
N VAL A 182 -8.27 17.73 -49.60
CA VAL A 182 -8.78 18.24 -48.34
C VAL A 182 -10.12 18.90 -48.60
N PRO A 183 -11.19 18.42 -47.94
CA PRO A 183 -12.49 19.08 -48.16
C PRO A 183 -12.48 20.50 -47.57
N LYS A 184 -13.04 21.46 -48.30
CA LYS A 184 -13.08 22.83 -47.80
C LYS A 184 -14.00 22.95 -46.58
N ARG A 185 -15.12 22.23 -46.58
CA ARG A 185 -16.06 22.21 -45.46
C ARG A 185 -16.28 20.74 -45.11
N LEU A 186 -16.01 20.38 -43.85
CA LEU A 186 -16.13 18.98 -43.38
C LEU A 186 -17.05 18.88 -42.18
N GLY A 187 -18.04 17.99 -42.27
CA GLY A 187 -18.92 17.72 -41.18
C GLY A 187 -18.51 16.38 -40.58
N VAL A 188 -18.55 16.29 -39.26
CA VAL A 188 -18.19 15.05 -38.56
C VAL A 188 -19.31 14.74 -37.62
N ILE A 189 -19.98 13.60 -37.78
CA ILE A 189 -21.04 13.24 -36.87
C ILE A 189 -20.48 12.30 -35.81
N GLY A 190 -20.35 12.82 -34.60
CA GLY A 190 -19.81 12.07 -33.46
C GLY A 190 -18.57 12.78 -32.92
N ALA A 191 -18.62 13.11 -31.64
CA ALA A 191 -17.53 13.82 -30.96
C ALA A 191 -16.81 12.96 -29.94
N GLY A 192 -16.72 11.66 -30.22
CA GLY A 192 -15.95 10.73 -29.39
C GLY A 192 -14.49 10.81 -29.87
N VAL A 193 -13.66 9.94 -29.32
N VAL A 193 -13.65 9.92 -29.36
CA VAL A 193 -12.25 9.91 -29.68
CA VAL A 193 -12.22 9.95 -29.70
C VAL A 193 -11.97 9.88 -31.20
C VAL A 193 -11.95 9.88 -31.21
N ILE A 194 -12.70 9.07 -31.94
CA ILE A 194 -12.50 8.94 -33.38
C ILE A 194 -12.83 10.23 -34.14
N GLY A 195 -13.98 10.82 -33.87
CA GLY A 195 -14.37 12.06 -34.54
C GLY A 195 -13.44 13.23 -34.22
N LEU A 196 -13.01 13.34 -32.97
CA LEU A 196 -12.12 14.43 -32.56
C LEU A 196 -10.79 14.31 -33.27
N GLU A 197 -10.27 13.09 -33.38
CA GLU A 197 -9.01 12.87 -34.07
C GLU A 197 -9.15 13.12 -35.60
N LEU A 198 -10.17 12.56 -36.22
CA LEU A 198 -10.35 12.74 -37.65
C LEU A 198 -10.62 14.20 -38.00
N GLY A 199 -11.41 14.88 -37.16
CA GLY A 199 -11.69 16.30 -37.38
C GLY A 199 -10.42 17.14 -37.29
N SER A 200 -9.56 16.81 -36.33
CA SER A 200 -8.31 17.54 -36.14
C SER A 200 -7.36 17.39 -37.31
N VAL A 201 -7.26 16.16 -37.84
CA VAL A 201 -6.40 15.91 -38.99
C VAL A 201 -6.77 16.85 -40.14
N TRP A 202 -8.02 16.83 -40.54
CA TRP A 202 -8.45 17.61 -41.70
C TRP A 202 -8.48 19.12 -41.43
N ARG A 203 -8.81 19.51 -40.19
CA ARG A 203 -8.80 20.91 -39.83
C ARG A 203 -7.39 21.47 -39.98
N ARG A 204 -6.41 20.74 -39.48
CA ARG A 204 -5.00 21.16 -39.58
C ARG A 204 -4.55 21.34 -41.02
N LEU A 205 -5.09 20.51 -41.92
CA LEU A 205 -4.74 20.55 -43.34
C LEU A 205 -5.59 21.53 -44.13
N GLY A 206 -6.44 22.30 -43.45
CA GLY A 206 -7.19 23.39 -44.08
C GLY A 206 -8.71 23.32 -44.13
N ALA A 207 -9.30 22.22 -43.70
CA ALA A 207 -10.76 22.12 -43.75
C ALA A 207 -11.45 22.97 -42.66
N GLU A 208 -12.60 23.51 -43.02
CA GLU A 208 -13.45 24.17 -42.03
C GLU A 208 -14.28 23.00 -41.49
N VAL A 209 -14.09 22.67 -40.22
CA VAL A 209 -14.74 21.49 -39.61
C VAL A 209 -15.80 21.77 -38.56
N VAL A 210 -16.93 21.04 -38.62
CA VAL A 210 -17.93 21.09 -37.58
C VAL A 210 -18.07 19.66 -37.04
N VAL A 211 -17.94 19.52 -35.73
CA VAL A 211 -18.05 18.21 -35.11
C VAL A 211 -19.35 18.19 -34.35
N PHE A 212 -20.31 17.36 -34.79
CA PHE A 212 -21.63 17.25 -34.15
C PHE A 212 -21.66 16.20 -33.03
N GLU A 213 -22.17 16.58 -31.86
CA GLU A 213 -22.37 15.61 -30.78
C GLU A 213 -23.83 15.67 -30.36
N ALA A 214 -24.55 14.59 -30.63
CA ALA A 214 -25.99 14.52 -30.32
C ALA A 214 -26.30 14.50 -28.83
N MET A 215 -25.44 13.88 -28.01
CA MET A 215 -25.66 13.83 -26.56
C MET A 215 -25.53 15.25 -26.00
N ASP A 216 -26.01 15.46 -24.77
CA ASP A 216 -25.90 16.79 -24.14
C ASP A 216 -24.56 16.97 -23.44
N ALA A 217 -23.74 15.92 -23.40
CA ALA A 217 -22.44 15.98 -22.73
C ALA A 217 -21.28 15.55 -23.62
N PHE A 218 -20.14 16.19 -23.40
CA PHE A 218 -18.90 15.89 -24.14
C PHE A 218 -18.07 14.89 -23.34
N LEU A 219 -17.56 13.85 -24.02
CA LEU A 219 -16.73 12.81 -23.40
C LEU A 219 -17.27 12.43 -22.01
N PRO A 220 -18.47 11.82 -21.97
CA PRO A 220 -19.15 11.46 -20.73
C PRO A 220 -18.42 10.48 -19.78
N MET A 221 -17.54 9.64 -20.34
N MET A 221 -17.57 9.62 -20.34
CA MET A 221 -16.80 8.66 -19.53
CA MET A 221 -16.80 8.68 -19.53
C MET A 221 -15.50 9.26 -18.95
C MET A 221 -15.57 9.31 -18.88
N ALA A 222 -15.11 10.45 -19.41
CA ALA A 222 -13.93 11.13 -18.87
C ALA A 222 -14.26 11.93 -17.60
N ASP A 223 -13.22 12.28 -16.83
CA ASP A 223 -13.40 13.09 -15.63
C ASP A 223 -13.93 14.46 -16.07
N LYS A 224 -14.93 14.98 -15.36
CA LYS A 224 -15.54 16.25 -15.79
C LYS A 224 -14.58 17.41 -15.90
N ALA A 225 -13.61 17.49 -15.00
CA ALA A 225 -12.61 18.57 -15.07
C ALA A 225 -11.81 18.44 -16.36
N LEU A 226 -11.48 17.19 -16.71
CA LEU A 226 -10.74 16.96 -17.94
C LEU A 226 -11.54 17.32 -19.20
N SER A 227 -12.77 16.81 -19.32
CA SER A 227 -13.55 17.09 -20.52
C SER A 227 -13.85 18.58 -20.67
N LYS A 228 -14.11 19.26 -19.56
CA LYS A 228 -14.36 20.72 -19.61
C LYS A 228 -13.15 21.48 -20.16
N GLU A 229 -11.98 21.19 -19.61
CA GLU A 229 -10.75 21.87 -20.06
C GLU A 229 -10.38 21.43 -21.47
N TYR A 230 -10.59 20.16 -21.78
CA TYR A 230 -10.21 19.61 -23.06
C TYR A 230 -11.07 20.20 -24.17
N GLN A 231 -12.37 20.31 -23.93
CA GLN A 231 -13.24 20.92 -24.93
C GLN A 231 -12.80 22.37 -25.19
N LYS A 232 -12.44 23.07 -24.14
CA LYS A 232 -12.00 24.46 -24.22
C LYS A 232 -10.73 24.55 -25.07
N ILE A 233 -9.80 23.63 -24.83
CA ILE A 233 -8.55 23.58 -25.59
C ILE A 233 -8.78 23.28 -27.06
N LEU A 234 -9.57 22.24 -27.37
CA LEU A 234 -9.84 21.89 -28.77
C LEU A 234 -10.59 23.01 -29.49
N THR A 235 -11.59 23.59 -28.82
CA THR A 235 -12.36 24.70 -29.43
C THR A 235 -11.40 25.86 -29.77
N LYS A 236 -10.51 26.20 -28.84
CA LYS A 236 -9.48 27.24 -29.02
C LYS A 236 -8.59 27.05 -30.24
N GLN A 237 -8.36 25.79 -30.60
CA GLN A 237 -7.55 25.43 -31.77
C GLN A 237 -8.29 25.61 -33.05
N GLY A 238 -9.60 25.79 -32.97
CA GLY A 238 -10.42 25.95 -34.15
C GLY A 238 -11.32 24.76 -34.41
N LEU A 239 -11.36 23.78 -33.49
CA LEU A 239 -12.24 22.62 -33.68
C LEU A 239 -13.64 22.97 -33.16
N ASP A 240 -14.55 23.12 -34.11
CA ASP A 240 -15.89 23.53 -33.80
C ASP A 240 -16.74 22.36 -33.37
N ILE A 241 -16.85 22.17 -32.06
CA ILE A 241 -17.64 21.09 -31.49
C ILE A 241 -19.00 21.65 -31.17
N ARG A 242 -20.03 21.10 -31.83
CA ARG A 242 -21.40 21.56 -31.68
C ARG A 242 -22.18 20.57 -30.85
N ILE A 243 -22.69 21.05 -29.73
CA ILE A 243 -23.35 20.20 -28.76
C ILE A 243 -24.86 20.30 -28.87
N GLY A 244 -25.56 19.25 -28.44
CA GLY A 244 -27.03 19.21 -28.49
C GLY A 244 -27.62 19.20 -29.90
N ALA A 245 -26.81 18.78 -30.87
CA ALA A 245 -27.21 18.74 -32.27
C ALA A 245 -27.44 17.30 -32.72
N LYS A 246 -28.70 16.95 -32.94
CA LYS A 246 -29.10 15.60 -33.39
C LYS A 246 -29.43 15.60 -34.89
N VAL A 247 -28.61 14.90 -35.68
CA VAL A 247 -28.80 14.83 -37.13
C VAL A 247 -30.10 14.09 -37.45
N SER A 248 -30.94 14.72 -38.25
CA SER A 248 -32.24 14.18 -38.60
C SER A 248 -32.33 13.77 -40.08
N GLY A 249 -31.39 14.22 -40.90
CA GLY A 249 -31.40 13.85 -42.30
C GLY A 249 -30.21 14.41 -43.04
N THR A 250 -30.02 13.91 -44.26
CA THR A 250 -28.95 14.39 -45.12
C THR A 250 -29.51 14.43 -46.52
N GLU A 251 -28.96 15.33 -47.32
CA GLU A 251 -29.35 15.47 -48.71
C GLU A 251 -28.07 15.73 -49.52
N VAL A 252 -27.69 14.75 -50.35
CA VAL A 252 -26.53 14.85 -51.21
C VAL A 252 -26.98 15.47 -52.54
N ASN A 253 -26.40 16.63 -52.88
CA ASN A 253 -26.70 17.35 -54.13
C ASN A 253 -25.38 17.56 -54.84
N GLY A 254 -25.09 16.73 -55.83
CA GLY A 254 -23.81 16.80 -56.55
C GLY A 254 -22.63 16.46 -55.66
N ARG A 255 -21.69 17.39 -55.52
CA ARG A 255 -20.49 17.22 -54.71
C ARG A 255 -20.62 17.85 -53.31
N GLU A 256 -21.85 18.07 -52.87
CA GLU A 256 -22.17 18.68 -51.58
C GLU A 256 -23.17 17.82 -50.83
N VAL A 257 -23.21 18.00 -49.51
CA VAL A 257 -24.17 17.30 -48.68
C VAL A 257 -24.69 18.29 -47.64
N THR A 258 -26.01 18.35 -47.49
CA THR A 258 -26.63 19.21 -46.49
C THR A 258 -27.07 18.35 -45.34
N VAL A 259 -26.65 18.72 -44.14
CA VAL A 259 -27.00 18.03 -42.92
C VAL A 259 -28.15 18.76 -42.23
N LYS A 260 -29.26 18.06 -42.02
CA LYS A 260 -30.39 18.62 -41.31
C LYS A 260 -30.27 18.11 -39.88
N TYR A 261 -30.35 19.03 -38.93
CA TYR A 261 -30.24 18.63 -37.54
C TYR A 261 -31.13 19.48 -36.65
N THR A 262 -31.50 18.91 -35.51
N THR A 262 -31.49 18.92 -35.50
CA THR A 262 -32.32 19.61 -34.52
CA THR A 262 -32.31 19.61 -34.52
C THR A 262 -31.42 20.08 -33.39
C THR A 262 -31.37 20.09 -33.42
N GLN A 263 -31.58 21.32 -32.97
CA GLN A 263 -30.77 21.90 -31.91
C GLN A 263 -31.65 22.92 -31.20
N ALA A 264 -31.69 22.83 -29.87
CA ALA A 264 -32.45 23.76 -29.05
C ALA A 264 -33.90 23.87 -29.52
N GLY A 265 -34.47 22.73 -29.91
CA GLY A 265 -35.87 22.67 -30.35
C GLY A 265 -36.14 23.22 -31.75
N GLU A 266 -35.09 23.50 -32.51
CA GLU A 266 -35.28 24.07 -33.86
C GLU A 266 -34.61 23.22 -34.93
N ASP A 267 -35.16 23.26 -36.14
CA ASP A 267 -34.63 22.53 -37.29
C ASP A 267 -33.64 23.41 -38.03
N LYS A 268 -32.39 22.97 -38.08
CA LYS A 268 -31.30 23.73 -38.68
C LYS A 268 -30.64 22.93 -39.81
N GLU A 269 -29.77 23.60 -40.55
CA GLU A 269 -29.07 22.95 -41.66
C GLU A 269 -27.70 23.52 -41.85
N GLN A 270 -26.82 22.72 -42.40
CA GLN A 270 -25.50 23.22 -42.79
C GLN A 270 -25.01 22.31 -43.89
N THR A 271 -24.35 22.94 -44.86
CA THR A 271 -23.85 22.25 -46.04
C THR A 271 -22.34 22.03 -45.98
N PHE A 272 -21.92 20.83 -46.36
CA PHE A 272 -20.51 20.45 -46.36
C PHE A 272 -20.11 19.80 -47.68
N ASP A 273 -18.80 19.73 -47.91
CA ASP A 273 -18.25 19.05 -49.10
C ASP A 273 -18.11 17.54 -48.83
N LYS A 274 -17.85 17.17 -47.58
CA LYS A 274 -17.73 15.78 -47.14
C LYS A 274 -18.32 15.66 -45.75
N LEU A 275 -18.86 14.49 -45.45
CA LEU A 275 -19.44 14.19 -44.17
C LEU A 275 -18.88 12.87 -43.67
N ILE A 276 -18.43 12.85 -42.43
CA ILE A 276 -17.90 11.64 -41.79
C ILE A 276 -18.88 11.16 -40.75
N VAL A 277 -19.28 9.90 -40.82
CA VAL A 277 -20.16 9.32 -39.83
C VAL A 277 -19.30 8.47 -38.88
N CYS A 278 -19.12 8.93 -37.65
CA CYS A 278 -18.33 8.19 -36.65
C CYS A 278 -18.92 8.35 -35.27
N VAL A 279 -20.09 7.74 -35.06
CA VAL A 279 -20.79 7.79 -33.78
C VAL A 279 -20.54 6.55 -32.93
N GLY A 280 -19.46 5.84 -33.18
CA GLY A 280 -19.18 4.66 -32.39
C GLY A 280 -19.06 3.44 -33.24
N ARG A 281 -18.74 2.33 -32.60
CA ARG A 281 -18.57 1.07 -33.27
C ARG A 281 -19.37 0.01 -32.55
N LYS A 282 -19.78 -1.02 -33.29
CA LYS A 282 -20.56 -2.12 -32.73
C LYS A 282 -19.88 -3.46 -33.04
N ALA A 283 -20.13 -4.44 -32.19
CA ALA A 283 -19.56 -5.76 -32.38
C ALA A 283 -19.97 -6.32 -33.75
N TYR A 284 -19.05 -7.02 -34.38
CA TYR A 284 -19.28 -7.66 -35.67
C TYR A 284 -19.21 -9.15 -35.47
N ALA A 285 -20.27 -9.87 -35.82
CA ALA A 285 -20.31 -11.32 -35.67
C ALA A 285 -21.08 -11.97 -36.81
N GLU A 286 -21.08 -11.31 -37.97
CA GLU A 286 -21.78 -11.83 -39.13
C GLU A 286 -21.02 -13.05 -39.62
N GLY A 287 -21.74 -14.18 -39.71
CA GLY A 287 -21.17 -15.44 -40.13
C GLY A 287 -20.25 -16.08 -39.11
N LEU A 288 -20.30 -15.60 -37.86
CA LEU A 288 -19.43 -16.11 -36.80
C LEU A 288 -19.95 -17.40 -36.15
N LEU A 289 -21.26 -17.46 -35.96
CA LEU A 289 -21.84 -18.57 -35.23
C LEU A 289 -22.92 -19.33 -36.00
N ALA A 290 -22.87 -20.65 -35.92
CA ALA A 290 -23.91 -21.50 -36.49
C ALA A 290 -25.07 -21.40 -35.51
N GLU A 291 -26.28 -21.61 -36.00
CA GLU A 291 -27.46 -21.55 -35.13
C GLU A 291 -27.39 -22.49 -33.91
N ASP A 292 -26.64 -23.57 -34.02
CA ASP A 292 -26.51 -24.51 -32.91
C ASP A 292 -25.10 -24.47 -32.30
N SER A 293 -24.46 -23.30 -32.33
CA SER A 293 -23.14 -23.14 -31.75
C SER A 293 -23.20 -23.26 -30.23
N GLY A 294 -24.37 -22.94 -29.67
CA GLY A 294 -24.57 -22.99 -28.22
C GLY A 294 -24.08 -21.74 -27.48
N ILE A 295 -23.65 -20.71 -28.23
CA ILE A 295 -23.14 -19.49 -27.62
C ILE A 295 -24.25 -18.51 -27.24
N LYS A 296 -24.31 -18.16 -25.94
CA LYS A 296 -25.32 -17.20 -25.43
C LYS A 296 -25.03 -15.77 -25.86
N LEU A 297 -26.07 -15.09 -26.37
CA LEU A 297 -25.99 -13.72 -26.85
C LEU A 297 -26.65 -12.76 -25.87
N THR A 298 -26.31 -11.46 -25.99
CA THR A 298 -26.92 -10.42 -25.16
C THR A 298 -27.89 -9.60 -26.03
N GLU A 299 -28.81 -8.90 -25.38
CA GLU A 299 -29.80 -8.10 -26.09
C GLU A 299 -29.18 -6.99 -26.99
N ARG A 300 -28.02 -6.48 -26.60
CA ARG A 300 -27.34 -5.42 -27.37
C ARG A 300 -26.49 -5.88 -28.56
N GLY A 301 -26.39 -7.19 -28.79
CA GLY A 301 -25.63 -7.73 -29.94
C GLY A 301 -24.25 -8.31 -29.63
N LEU A 302 -23.91 -8.42 -28.35
CA LEU A 302 -22.61 -8.96 -27.96
C LEU A 302 -22.68 -10.46 -27.63
N VAL A 303 -21.51 -11.08 -27.57
CA VAL A 303 -21.37 -12.47 -27.16
C VAL A 303 -21.17 -12.34 -25.66
N GLU A 304 -21.97 -13.07 -24.89
CA GLU A 304 -21.87 -12.98 -23.43
C GLU A 304 -20.64 -13.74 -22.91
N VAL A 305 -19.88 -13.08 -22.05
CA VAL A 305 -18.71 -13.69 -21.40
C VAL A 305 -18.66 -13.24 -19.95
N ASN A 306 -17.86 -13.95 -19.16
CA ASN A 306 -17.65 -13.62 -17.75
C ASN A 306 -16.40 -12.73 -17.65
N ASP A 307 -15.90 -12.53 -16.42
CA ASP A 307 -14.70 -11.70 -16.22
C ASP A 307 -13.44 -12.21 -16.90
N HIS A 308 -13.38 -13.50 -17.19
CA HIS A 308 -12.20 -14.12 -17.79
C HIS A 308 -12.40 -14.34 -19.31
N CYS A 309 -13.44 -13.73 -19.90
CA CYS A 309 -13.75 -13.87 -21.33
C CYS A 309 -14.28 -15.25 -21.77
N ALA A 310 -14.70 -16.06 -20.81
CA ALA A 310 -15.24 -17.37 -21.09
C ALA A 310 -16.69 -17.24 -21.50
N THR A 311 -17.08 -17.93 -22.57
CA THR A 311 -18.46 -17.94 -23.06
C THR A 311 -19.22 -19.04 -22.33
N SER A 312 -20.49 -19.23 -22.67
CA SER A 312 -21.26 -20.29 -22.06
C SER A 312 -20.80 -21.70 -22.50
N VAL A 313 -20.04 -21.79 -23.60
CA VAL A 313 -19.55 -23.06 -24.10
C VAL A 313 -18.14 -23.29 -23.59
N GLU A 314 -17.95 -24.39 -22.83
CA GLU A 314 -16.65 -24.72 -22.26
C GLU A 314 -15.60 -24.81 -23.35
N GLY A 315 -14.48 -24.10 -23.18
CA GLY A 315 -13.41 -24.12 -24.17
C GLY A 315 -13.51 -23.04 -25.22
N VAL A 316 -14.62 -22.28 -25.21
CA VAL A 316 -14.82 -21.17 -26.17
C VAL A 316 -14.78 -19.83 -25.40
N TYR A 317 -13.86 -18.97 -25.81
CA TYR A 317 -13.66 -17.65 -25.24
C TYR A 317 -13.97 -16.62 -26.29
N ALA A 318 -14.36 -15.44 -25.87
CA ALA A 318 -14.65 -14.35 -26.79
C ALA A 318 -13.96 -13.09 -26.22
N ILE A 319 -13.35 -12.31 -27.11
CA ILE A 319 -12.53 -11.16 -26.70
C ILE A 319 -12.64 -9.93 -27.57
N GLY A 320 -12.04 -8.85 -27.07
CA GLY A 320 -11.95 -7.63 -27.81
C GLY A 320 -13.24 -6.88 -28.02
N ASP A 321 -13.33 -6.21 -29.18
CA ASP A 321 -14.50 -5.39 -29.53
C ASP A 321 -15.79 -6.20 -29.64
N LEU A 322 -15.67 -7.52 -29.73
CA LEU A 322 -16.85 -8.39 -29.79
C LEU A 322 -17.61 -8.50 -28.47
N VAL A 323 -16.93 -8.27 -27.35
CA VAL A 323 -17.54 -8.43 -26.02
C VAL A 323 -17.51 -7.13 -25.20
N ARG A 324 -18.10 -7.18 -24.00
CA ARG A 324 -18.20 -6.01 -23.12
C ARG A 324 -16.87 -5.35 -22.80
N GLY A 325 -16.95 -4.05 -22.49
CA GLY A 325 -15.78 -3.25 -22.07
C GLY A 325 -15.33 -2.24 -23.10
N PRO A 326 -14.38 -1.37 -22.74
CA PRO A 326 -13.88 -0.35 -23.66
C PRO A 326 -13.40 -0.99 -24.97
N MET A 327 -13.79 -0.41 -26.10
CA MET A 327 -13.43 -0.96 -27.40
C MET A 327 -12.10 -0.36 -27.79
N LEU A 328 -11.06 -0.88 -27.13
CA LEU A 328 -9.68 -0.41 -27.33
C LEU A 328 -8.77 -1.57 -27.74
N ALA A 329 -7.72 -1.24 -28.46
CA ALA A 329 -6.80 -2.26 -28.96
C ALA A 329 -6.09 -3.04 -27.86
N HIS A 330 -5.60 -2.33 -26.86
CA HIS A 330 -4.89 -2.98 -25.75
C HIS A 330 -5.80 -3.85 -24.88
N LYS A 331 -7.08 -3.50 -24.83
CA LYS A 331 -8.06 -4.31 -24.11
C LYS A 331 -8.21 -5.63 -24.85
N ALA A 332 -8.33 -5.58 -26.17
CA ALA A 332 -8.42 -6.80 -27.00
C ALA A 332 -7.15 -7.65 -26.87
N MET A 333 -5.99 -7.00 -26.91
CA MET A 333 -4.71 -7.73 -26.80
C MET A 333 -4.59 -8.47 -25.46
N GLU A 334 -4.83 -7.76 -24.36
CA GLU A 334 -4.69 -8.42 -23.07
C GLU A 334 -5.77 -9.45 -22.81
N GLU A 335 -6.94 -9.27 -23.42
CA GLU A 335 -7.99 -10.30 -23.30
C GLU A 335 -7.59 -11.57 -24.04
N GLY A 336 -6.93 -11.40 -25.18
CA GLY A 336 -6.42 -12.51 -25.98
C GLY A 336 -5.43 -13.32 -25.15
N VAL A 337 -4.48 -12.64 -24.55
CA VAL A 337 -3.51 -13.29 -23.69
C VAL A 337 -4.21 -13.97 -22.49
N MET A 338 -5.16 -13.27 -21.87
CA MET A 338 -5.86 -13.85 -20.73
C MET A 338 -6.61 -15.13 -21.09
N ALA A 339 -7.31 -15.11 -22.22
CA ALA A 339 -8.05 -16.30 -22.68
C ALA A 339 -7.13 -17.51 -22.84
N VAL A 340 -6.03 -17.32 -23.54
CA VAL A 340 -5.07 -18.39 -23.75
C VAL A 340 -4.50 -18.92 -22.44
N GLU A 341 -4.11 -18.01 -21.55
CA GLU A 341 -3.56 -18.43 -20.27
C GLU A 341 -4.60 -19.18 -19.42
N ARG A 342 -5.86 -18.76 -19.49
CA ARG A 342 -6.97 -19.45 -18.80
C ARG A 342 -7.16 -20.85 -19.39
N ILE A 343 -7.14 -20.94 -20.70
CA ILE A 343 -7.24 -22.23 -21.39
C ILE A 343 -6.14 -23.19 -20.91
N HIS A 344 -4.96 -22.63 -20.69
CA HIS A 344 -3.78 -23.38 -20.23
C HIS A 344 -3.74 -23.54 -18.70
N GLY A 345 -4.82 -23.18 -18.02
CA GLY A 345 -4.93 -23.38 -16.56
C GLY A 345 -4.43 -22.29 -15.62
N HIS A 346 -3.93 -21.18 -16.13
CA HIS A 346 -3.45 -20.07 -15.29
C HIS A 346 -4.58 -19.08 -15.04
N ALA A 347 -4.68 -18.58 -13.83
CA ALA A 347 -5.74 -17.62 -13.49
C ALA A 347 -5.38 -16.19 -13.94
N ALA A 348 -5.15 -16.01 -15.23
CA ALA A 348 -4.82 -14.68 -15.74
C ALA A 348 -6.05 -13.79 -15.63
N GLN A 349 -5.85 -12.50 -15.39
CA GLN A 349 -6.98 -11.62 -15.26
C GLN A 349 -6.64 -10.21 -15.67
N VAL A 350 -7.51 -9.63 -16.50
CA VAL A 350 -7.38 -8.27 -16.94
C VAL A 350 -8.05 -7.42 -15.87
N ASN A 351 -7.36 -6.37 -15.41
CA ASN A 351 -7.91 -5.44 -14.44
C ASN A 351 -8.61 -4.36 -15.27
N TYR A 352 -9.94 -4.44 -15.31
CA TYR A 352 -10.73 -3.48 -16.07
C TYR A 352 -10.76 -2.07 -15.45
N ASP A 353 -10.27 -1.93 -14.22
CA ASP A 353 -10.19 -0.61 -13.57
C ASP A 353 -8.86 0.06 -13.81
N THR A 354 -7.98 -0.55 -14.59
CA THR A 354 -6.70 0.07 -14.92
C THR A 354 -6.43 0.13 -16.43
N ILE A 355 -7.50 0.12 -17.22
N ILE A 355 -7.51 0.13 -17.21
CA ILE A 355 -7.38 0.23 -18.68
CA ILE A 355 -7.42 0.26 -18.67
C ILE A 355 -7.25 1.70 -19.06
C ILE A 355 -7.24 1.73 -19.03
N ILE A 356 -6.18 2.02 -19.78
CA ILE A 356 -5.90 3.40 -20.19
C ILE A 356 -6.71 3.84 -21.41
N SER A 357 -7.16 5.09 -21.39
CA SER A 357 -7.84 5.71 -22.51
C SER A 357 -6.96 6.86 -22.98
N ILE A 358 -6.74 6.97 -24.29
CA ILE A 358 -5.92 8.05 -24.85
C ILE A 358 -6.62 8.66 -26.05
N ILE A 359 -6.53 9.98 -26.19
CA ILE A 359 -7.03 10.69 -27.39
C ILE A 359 -5.78 11.34 -27.96
N TYR A 360 -5.41 10.96 -29.16
CA TYR A 360 -4.15 11.42 -29.77
C TYR A 360 -4.13 12.77 -30.49
N THR A 361 -4.96 13.71 -30.03
CA THR A 361 -4.96 15.06 -30.49
C THR A 361 -3.67 15.69 -29.93
N HIS A 362 -3.45 16.96 -30.23
CA HIS A 362 -2.31 17.69 -29.67
C HIS A 362 -2.89 18.97 -29.04
N PRO A 363 -2.79 19.12 -27.71
CA PRO A 363 -2.18 18.16 -26.82
C PRO A 363 -3.02 16.92 -26.63
N GLU A 364 -2.38 15.82 -26.24
CA GLU A 364 -3.04 14.55 -26.01
C GLU A 364 -3.84 14.60 -24.69
N ALA A 365 -4.87 13.78 -24.61
CA ALA A 365 -5.62 13.56 -23.37
C ALA A 365 -5.49 12.10 -23.08
N ALA A 366 -5.37 11.75 -21.80
CA ALA A 366 -5.27 10.36 -21.39
C ALA A 366 -5.73 10.22 -19.96
N TRP A 367 -6.32 9.09 -19.64
CA TRP A 367 -6.77 8.84 -18.28
C TRP A 367 -6.84 7.34 -17.95
N VAL A 368 -6.87 7.06 -16.66
CA VAL A 368 -6.90 5.69 -16.17
C VAL A 368 -7.49 5.68 -14.78
N GLY A 369 -8.24 4.63 -14.45
CA GLY A 369 -8.86 4.52 -13.14
C GLY A 369 -10.14 5.34 -13.05
N LEU A 370 -10.54 5.63 -11.82
CA LEU A 370 -11.78 6.33 -11.55
C LEU A 370 -11.78 7.84 -11.73
N THR A 371 -12.86 8.35 -12.30
CA THR A 371 -13.06 9.79 -12.40
C THR A 371 -13.52 10.22 -11.01
N GLU A 372 -13.49 11.52 -10.74
CA GLU A 372 -13.94 12.05 -9.46
C GLU A 372 -15.40 11.60 -9.17
N GLU A 373 -16.25 11.68 -10.19
CA GLU A 373 -17.66 11.27 -10.03
C GLU A 373 -17.82 9.78 -9.74
N GLN A 374 -17.06 8.94 -10.45
CA GLN A 374 -17.12 7.48 -10.23
C GLN A 374 -16.69 7.09 -8.84
N ALA A 375 -15.63 7.74 -8.34
CA ALA A 375 -15.14 7.49 -7.00
C ALA A 375 -16.21 7.83 -5.95
N LYS A 376 -16.84 9.00 -6.13
CA LYS A 376 -17.94 9.41 -5.23
C LYS A 376 -19.10 8.42 -5.30
N GLU A 377 -19.55 8.09 -6.52
CA GLU A 377 -20.62 7.10 -6.75
C GLU A 377 -20.34 5.78 -6.04
N LYS A 378 -19.08 5.37 -6.00
CA LYS A 378 -18.69 4.11 -5.37
C LYS A 378 -18.50 4.18 -3.85
N GLY A 379 -18.92 5.28 -3.23
CA GLY A 379 -18.85 5.41 -1.77
C GLY A 379 -17.55 5.96 -1.20
N HIS A 380 -16.59 6.35 -2.03
CA HIS A 380 -15.33 6.87 -1.51
C HIS A 380 -15.45 8.30 -0.97
N GLU A 381 -14.72 8.60 0.10
CA GLU A 381 -14.59 9.98 0.56
C GLU A 381 -13.42 10.41 -0.32
N VAL A 382 -13.69 11.33 -1.25
CA VAL A 382 -12.69 11.70 -2.27
C VAL A 382 -11.91 12.98 -1.98
N LYS A 383 -10.63 12.96 -2.32
CA LYS A 383 -9.79 14.13 -2.29
C LYS A 383 -9.14 14.13 -3.67
N THR A 384 -8.92 15.30 -4.22
CA THR A 384 -8.28 15.42 -5.53
C THR A 384 -7.17 16.45 -5.45
N GLY A 385 -6.33 16.46 -6.48
CA GLY A 385 -5.22 17.40 -6.56
C GLY A 385 -4.78 17.49 -8.02
N GLN A 386 -4.44 18.69 -8.47
CA GLN A 386 -3.98 18.83 -9.83
C GLN A 386 -2.90 19.90 -9.91
N PHE A 387 -2.09 19.81 -10.94
CA PHE A 387 -1.03 20.79 -11.19
C PHE A 387 -0.90 20.95 -12.71
N GLY A 388 -0.68 22.18 -13.15
CA GLY A 388 -0.62 22.48 -14.58
C GLY A 388 0.77 22.51 -15.17
N PHE A 389 0.82 22.36 -16.48
CA PHE A 389 2.06 22.43 -17.24
C PHE A 389 2.47 23.89 -17.54
N ALA A 390 1.57 24.84 -17.29
CA ALA A 390 1.81 26.27 -17.61
C ALA A 390 3.12 26.82 -17.05
N VAL A 391 3.46 26.47 -15.81
CA VAL A 391 4.70 26.93 -15.16
C VAL A 391 5.84 25.90 -15.23
N ASN A 392 5.59 24.73 -15.82
CA ASN A 392 6.59 23.68 -15.93
C ASN A 392 7.74 24.13 -16.83
N GLY A 393 8.97 24.12 -16.28
CA GLY A 393 10.16 24.56 -17.01
C GLY A 393 10.35 23.85 -18.33
N ARG A 394 10.19 22.52 -18.31
CA ARG A 394 10.34 21.74 -19.52
C ARG A 394 9.32 22.14 -20.58
N ALA A 395 8.06 22.28 -20.15
CA ALA A 395 6.96 22.68 -21.05
C ALA A 395 7.19 24.06 -21.63
N LEU A 396 7.67 25.00 -20.83
CA LEU A 396 7.94 26.36 -21.36
C LEU A 396 9.03 26.32 -22.41
N ALA A 397 10.09 25.56 -22.14
CA ALA A 397 11.19 25.44 -23.09
C ALA A 397 10.69 24.84 -24.42
N ALA A 398 9.79 23.87 -24.32
CA ALA A 398 9.23 23.20 -25.51
C ALA A 398 8.12 24.01 -26.17
N GLY A 399 7.56 24.97 -25.44
CA GLY A 399 6.43 25.76 -25.95
C GLY A 399 5.13 24.98 -25.89
N GLU A 400 4.99 24.12 -24.87
CA GLU A 400 3.80 23.27 -24.70
C GLU A 400 3.23 23.39 -23.28
N GLY A 401 3.11 24.62 -22.80
CA GLY A 401 2.61 24.89 -21.45
C GLY A 401 1.10 25.05 -21.33
N ALA A 402 0.37 23.96 -21.54
CA ALA A 402 -1.08 23.92 -21.42
C ALA A 402 -1.49 22.52 -20.95
N GLY A 403 -2.58 22.44 -20.19
CA GLY A 403 -3.05 21.16 -19.68
C GLY A 403 -2.66 20.95 -18.23
N PHE A 404 -2.92 19.75 -17.71
CA PHE A 404 -2.65 19.42 -16.31
C PHE A 404 -2.65 17.93 -16.01
N VAL A 405 -2.25 17.60 -14.77
CA VAL A 405 -2.31 16.25 -14.25
C VAL A 405 -3.22 16.37 -13.04
N LYS A 406 -4.27 15.56 -13.01
CA LYS A 406 -5.21 15.50 -11.89
C LYS A 406 -5.25 14.10 -11.31
N PHE A 407 -5.17 14.01 -9.97
CA PHE A 407 -5.28 12.73 -9.28
C PHE A 407 -6.57 12.70 -8.50
N VAL A 408 -7.18 11.52 -8.42
CA VAL A 408 -8.39 11.26 -7.64
C VAL A 408 -7.95 10.22 -6.60
N ALA A 409 -8.26 10.46 -5.32
CA ALA A 409 -7.82 9.57 -4.26
C ALA A 409 -8.82 9.45 -3.13
N ASP A 410 -8.63 8.43 -2.30
CA ASP A 410 -9.49 8.21 -1.15
C ASP A 410 -8.91 8.98 0.05
N ALA A 411 -9.75 9.83 0.65
CA ALA A 411 -9.36 10.64 1.81
C ALA A 411 -9.05 9.84 3.08
N LYS A 412 -9.76 8.72 3.28
CA LYS A 412 -9.56 7.89 4.46
C LYS A 412 -8.29 7.04 4.41
N THR A 413 -8.08 6.38 3.28
CA THR A 413 -6.97 5.45 3.10
C THR A 413 -5.75 6.01 2.39
N ASP A 414 -5.94 7.14 1.70
CA ASP A 414 -4.86 7.78 0.92
C ASP A 414 -4.62 6.98 -0.36
N ARG A 415 -5.54 6.10 -0.71
CA ARG A 415 -5.40 5.26 -1.89
C ARG A 415 -5.58 6.04 -3.19
N LEU A 416 -4.66 5.87 -4.12
CA LEU A 416 -4.79 6.47 -5.46
C LEU A 416 -5.90 5.72 -6.21
N LEU A 417 -6.85 6.46 -6.78
CA LEU A 417 -7.96 5.84 -7.48
C LEU A 417 -8.00 6.12 -8.96
N GLY A 418 -7.47 7.27 -9.39
CA GLY A 418 -7.49 7.65 -10.81
C GLY A 418 -6.52 8.77 -11.17
N MET A 419 -6.15 8.82 -12.44
CA MET A 419 -5.23 9.84 -12.95
C MET A 419 -5.77 10.31 -14.30
N HIS A 420 -5.81 11.63 -14.49
CA HIS A 420 -6.40 12.25 -15.68
C HIS A 420 -5.47 13.35 -16.14
N VAL A 421 -5.06 13.24 -17.40
CA VAL A 421 -4.04 14.12 -17.94
C VAL A 421 -4.32 14.73 -19.29
N ILE A 422 -3.99 16.02 -19.43
CA ILE A 422 -4.02 16.70 -20.72
C ILE A 422 -2.67 17.36 -20.79
N GLY A 423 -1.92 17.11 -21.85
CA GLY A 423 -0.63 17.78 -21.97
C GLY A 423 0.40 17.02 -22.75
N PRO A 424 1.64 17.56 -22.73
CA PRO A 424 2.77 16.93 -23.37
C PRO A 424 3.03 15.53 -22.80
N ALA A 425 3.29 14.59 -23.69
CA ALA A 425 3.56 13.21 -23.36
C ALA A 425 2.44 12.56 -22.55
N ALA A 426 1.21 13.06 -22.67
CA ALA A 426 0.12 12.50 -21.84
C ALA A 426 -0.01 10.99 -21.96
N SER A 427 0.07 10.47 -23.19
CA SER A 427 -0.10 9.04 -23.43
C SER A 427 0.97 8.17 -22.75
N ASP A 428 2.14 8.73 -22.45
CA ASP A 428 3.19 8.00 -21.77
C ASP A 428 3.21 8.33 -20.27
N ILE A 429 2.86 9.56 -19.92
CA ILE A 429 2.71 9.94 -18.51
C ILE A 429 1.60 9.17 -17.82
N VAL A 430 0.48 8.91 -18.52
CA VAL A 430 -0.62 8.18 -17.90
C VAL A 430 -0.20 6.76 -17.50
N HIS A 431 0.80 6.18 -18.18
CA HIS A 431 1.32 4.86 -17.77
C HIS A 431 1.92 4.89 -16.37
N GLN A 432 2.46 6.04 -15.93
CA GLN A 432 3.00 6.16 -14.58
C GLN A 432 1.87 5.92 -13.57
N GLY A 433 0.71 6.50 -13.83
CA GLY A 433 -0.46 6.34 -12.99
C GLY A 433 -1.01 4.92 -13.05
N MET A 434 -1.02 4.34 -14.24
CA MET A 434 -1.49 2.98 -14.42
C MET A 434 -0.61 2.01 -13.60
N ILE A 435 0.70 2.20 -13.64
CA ILE A 435 1.62 1.37 -12.89
C ILE A 435 1.40 1.54 -11.39
N ALA A 436 1.26 2.80 -10.95
CA ALA A 436 1.01 3.06 -9.53
C ALA A 436 -0.28 2.37 -9.09
N LEU A 437 -1.30 2.44 -9.93
CA LEU A 437 -2.59 1.79 -9.61
C LEU A 437 -2.44 0.26 -9.50
N GLU A 438 -1.67 -0.33 -10.39
CA GLU A 438 -1.44 -1.80 -10.37
C GLU A 438 -0.72 -2.23 -9.08
N PHE A 439 0.15 -1.37 -8.57
CA PHE A 439 0.84 -1.62 -7.32
C PHE A 439 0.08 -1.14 -6.09
N VAL A 440 -1.18 -0.74 -6.26
CA VAL A 440 -2.03 -0.29 -5.15
C VAL A 440 -1.37 0.85 -4.38
N SER A 441 -0.85 1.80 -5.13
CA SER A 441 -0.16 2.96 -4.60
C SER A 441 -1.05 3.87 -3.78
N SER A 442 -0.45 4.47 -2.77
CA SER A 442 -1.09 5.52 -2.00
C SER A 442 -0.59 6.78 -2.64
N VAL A 443 -1.25 7.90 -2.36
CA VAL A 443 -0.79 9.17 -2.89
C VAL A 443 0.60 9.46 -2.29
N GLU A 444 0.78 9.12 -1.01
CA GLU A 444 2.07 9.31 -0.33
C GLU A 444 3.24 8.61 -1.04
N ASP A 445 3.01 7.42 -1.55
CA ASP A 445 4.05 6.68 -2.27
C ASP A 445 4.65 7.52 -3.40
N LEU A 446 3.78 8.18 -4.17
CA LEU A 446 4.20 9.04 -5.26
C LEU A 446 4.86 10.31 -4.76
N GLN A 447 4.36 10.86 -3.66
CA GLN A 447 4.97 12.07 -3.06
C GLN A 447 6.42 11.81 -2.61
N LEU A 448 6.70 10.58 -2.16
CA LEU A 448 8.04 10.21 -1.66
C LEU A 448 9.10 9.93 -2.74
N MET A 449 8.68 9.84 -3.99
CA MET A 449 9.60 9.54 -5.11
C MET A 449 10.29 10.76 -5.69
N THR A 450 11.40 10.50 -6.36
CA THR A 450 12.19 11.54 -7.02
C THR A 450 11.89 11.49 -8.51
N PHE A 451 11.27 12.55 -9.00
CA PHE A 451 11.01 12.71 -10.42
C PHE A 451 12.10 13.61 -11.03
N GLY A 452 12.53 13.30 -12.26
CA GLY A 452 13.56 14.10 -12.93
C GLY A 452 13.16 15.55 -13.16
N HIS A 453 14.14 16.45 -13.14
CA HIS A 453 13.92 17.88 -13.35
C HIS A 453 15.01 18.39 -14.31
N PRO A 454 14.66 19.08 -15.40
CA PRO A 454 13.29 19.42 -15.77
C PRO A 454 12.67 18.36 -16.68
N THR A 455 11.44 17.96 -16.38
CA THR A 455 10.74 16.94 -17.17
C THR A 455 9.26 17.21 -17.15
N PHE A 456 8.55 16.73 -18.16
CA PHE A 456 7.09 16.86 -18.14
C PHE A 456 6.58 16.05 -16.95
N SER A 457 7.20 14.91 -16.67
CA SER A 457 6.74 14.02 -15.59
C SER A 457 6.72 14.63 -14.20
N GLU A 458 7.53 15.64 -13.91
CA GLU A 458 7.52 16.19 -12.55
C GLU A 458 6.20 16.85 -12.18
N VAL A 459 5.38 17.16 -13.19
CA VAL A 459 4.03 17.68 -12.94
C VAL A 459 3.22 16.61 -12.21
N VAL A 460 3.52 15.34 -12.49
CA VAL A 460 2.89 14.22 -11.81
C VAL A 460 3.19 14.32 -10.30
N HIS A 461 4.45 14.60 -9.97
CA HIS A 461 4.88 14.71 -8.56
C HIS A 461 4.19 15.89 -7.88
N GLU A 462 4.16 17.02 -8.56
CA GLU A 462 3.49 18.21 -8.04
C GLU A 462 1.99 17.96 -7.84
N ALA A 463 1.38 17.21 -8.76
CA ALA A 463 -0.05 16.89 -8.61
C ALA A 463 -0.29 16.00 -7.37
N ALA A 464 0.62 15.04 -7.14
CA ALA A 464 0.56 14.17 -5.94
C ALA A 464 0.63 14.99 -4.64
N LEU A 465 1.54 15.95 -4.59
CA LEU A 465 1.65 16.85 -3.46
C LEU A 465 0.39 17.74 -3.31
N ALA A 466 -0.19 18.13 -4.43
CA ALA A 466 -1.35 19.01 -4.45
C ALA A 466 -2.60 18.34 -3.86
N VAL A 467 -2.64 17.00 -3.86
CA VAL A 467 -3.75 16.25 -3.30
C VAL A 467 -3.86 16.57 -1.80
N ASP A 468 -2.71 16.78 -1.15
CA ASP A 468 -2.67 17.15 0.29
C ASP A 468 -2.32 18.66 0.48
N GLY A 469 -2.59 19.45 -0.56
CA GLY A 469 -2.39 20.89 -0.58
C GLY A 469 -0.99 21.39 -0.28
N ARG A 470 0.02 20.67 -0.75
CA ARG A 470 1.39 21.09 -0.48
C ARG A 470 2.37 20.98 -1.64
N ALA A 471 1.91 21.32 -2.85
CA ALA A 471 2.80 21.34 -3.99
C ALA A 471 3.81 22.47 -3.74
N ILE A 472 5.08 22.22 -4.04
CA ILE A 472 6.15 23.21 -3.80
C ILE A 472 5.97 24.49 -4.62
N HIS A 473 5.68 24.32 -5.90
CA HIS A 473 5.55 25.45 -6.84
C HIS A 473 4.13 26.03 -7.00
N ALA A 474 3.28 25.84 -5.98
CA ALA A 474 1.92 26.35 -6.04
C ALA A 474 1.83 27.70 -5.34
N ILE A 475 0.90 28.53 -5.79
CA ILE A 475 0.71 29.86 -5.20
C ILE A 475 -0.21 29.77 -3.98
N GLN B 7 14.18 37.69 12.48
CA GLN B 7 14.49 36.46 13.27
C GLN B 7 14.11 35.19 12.47
N PHE B 8 14.96 34.16 12.51
CA PHE B 8 14.72 32.95 11.72
C PHE B 8 15.06 31.61 12.41
N ASP B 9 14.20 30.62 12.20
CA ASP B 9 14.40 29.26 12.66
C ASP B 9 15.41 28.55 11.76
N LEU B 10 15.27 28.77 10.45
CA LEU B 10 16.12 28.14 9.45
C LEU B 10 16.73 29.15 8.50
N VAL B 11 18.01 28.96 8.21
CA VAL B 11 18.72 29.79 7.23
C VAL B 11 19.29 28.85 6.21
N VAL B 12 18.94 29.08 4.94
CA VAL B 12 19.43 28.27 3.84
C VAL B 12 20.40 29.12 3.04
N ILE B 13 21.61 28.61 2.84
CA ILE B 13 22.63 29.32 2.11
C ILE B 13 22.66 28.75 0.70
N GLY B 14 22.03 29.49 -0.22
CA GLY B 14 21.93 29.08 -1.61
C GLY B 14 20.47 29.02 -2.03
N GLY B 15 20.18 29.61 -3.19
CA GLY B 15 18.83 29.67 -3.74
C GLY B 15 18.64 28.91 -5.04
N GLY B 16 19.35 27.78 -5.16
CA GLY B 16 19.22 26.90 -6.33
C GLY B 16 18.12 25.90 -6.01
N PRO B 17 17.91 24.89 -6.88
CA PRO B 17 16.89 23.88 -6.66
C PRO B 17 16.91 23.30 -5.27
N GLY B 18 18.10 23.01 -4.73
CA GLY B 18 18.19 22.44 -3.38
C GLY B 18 17.69 23.41 -2.32
N GLY B 19 18.28 24.61 -2.33
CA GLY B 19 17.96 25.63 -1.37
C GLY B 19 16.54 26.15 -1.37
N TYR B 20 16.02 26.58 -2.52
CA TYR B 20 14.66 27.14 -2.49
C TYR B 20 13.62 26.05 -2.21
N GLU B 21 13.90 24.82 -2.64
CA GLU B 21 12.99 23.70 -2.38
C GLU B 21 12.94 23.44 -0.88
N ALA B 22 14.10 23.50 -0.24
CA ALA B 22 14.19 23.32 1.22
C ALA B 22 13.43 24.43 1.95
N ALA B 23 13.61 25.66 1.48
CA ALA B 23 12.96 26.82 2.11
C ALA B 23 11.45 26.71 2.07
N ILE B 24 10.90 26.39 0.89
CA ILE B 24 9.46 26.27 0.75
C ILE B 24 8.91 25.16 1.65
N ARG B 25 9.53 23.98 1.62
CA ARG B 25 9.07 22.86 2.48
C ARG B 25 9.09 23.30 3.96
N ALA B 26 10.17 23.97 4.36
CA ALA B 26 10.32 24.45 5.73
C ALA B 26 9.19 25.41 6.11
N ALA B 27 8.87 26.34 5.20
CA ALA B 27 7.78 27.28 5.45
C ALA B 27 6.43 26.57 5.57
N GLN B 28 6.23 25.51 4.78
CA GLN B 28 4.99 24.72 4.86
C GLN B 28 4.89 24.07 6.24
N LEU B 29 6.04 23.70 6.80
CA LEU B 29 6.08 23.07 8.12
C LEU B 29 6.09 24.07 9.29
N GLY B 30 5.84 25.36 9.00
CA GLY B 30 5.72 26.38 10.04
C GLY B 30 6.98 27.08 10.51
N PHE B 31 8.11 26.84 9.84
CA PHE B 31 9.36 27.51 10.21
C PHE B 31 9.42 28.91 9.59
N LYS B 32 10.08 29.83 10.30
CA LYS B 32 10.37 31.16 9.76
C LYS B 32 11.69 30.98 9.03
N VAL B 33 11.69 31.27 7.73
CA VAL B 33 12.83 30.95 6.88
C VAL B 33 13.51 32.11 6.14
N ALA B 34 14.83 32.01 6.03
CA ALA B 34 15.64 32.96 5.29
C ALA B 34 16.48 32.17 4.28
N CYS B 35 16.40 32.56 3.01
CA CYS B 35 17.21 31.96 1.96
C CYS B 35 18.18 33.04 1.49
N ILE B 36 19.48 32.75 1.59
CA ILE B 36 20.50 33.69 1.17
C ILE B 36 21.04 33.27 -0.19
N GLU B 37 20.83 34.13 -1.18
CA GLU B 37 21.28 33.88 -2.55
C GLU B 37 21.92 35.17 -3.09
N LYS B 38 23.15 35.03 -3.55
CA LYS B 38 23.95 36.15 -4.03
C LYS B 38 23.87 36.46 -5.54
N ARG B 39 23.53 35.44 -6.35
CA ARG B 39 23.54 35.60 -7.81
C ARG B 39 22.95 36.89 -8.33
N ILE B 40 23.68 37.49 -9.26
CA ILE B 40 23.26 38.68 -9.99
C ILE B 40 23.32 38.23 -11.45
N HIS B 41 22.15 38.04 -12.06
CA HIS B 41 22.07 37.56 -13.45
C HIS B 41 21.44 38.64 -14.32
N ASN B 42 22.16 39.05 -15.36
CA ASN B 42 21.72 40.11 -16.28
C ASN B 42 21.44 41.43 -15.55
N GLY B 43 22.30 41.76 -14.59
CA GLY B 43 22.18 43.01 -13.85
C GLY B 43 21.37 43.02 -12.56
N LYS B 44 20.41 42.09 -12.40
CA LYS B 44 19.56 42.06 -11.20
C LYS B 44 19.68 40.77 -10.37
N PRO B 45 19.33 40.85 -9.07
CA PRO B 45 19.35 39.66 -8.22
C PRO B 45 18.36 38.60 -8.72
N SER B 46 18.75 37.33 -8.69
CA SER B 46 17.84 36.26 -9.14
C SER B 46 18.06 34.89 -8.47
N LEU B 47 16.95 34.24 -8.16
CA LEU B 47 16.96 32.92 -7.56
C LEU B 47 16.96 31.89 -8.69
N GLY B 48 16.93 30.62 -8.31
CA GLY B 48 16.89 29.51 -9.26
C GLY B 48 18.21 28.81 -9.45
N GLY B 49 19.30 29.47 -9.07
CA GLY B 49 20.62 28.87 -9.13
C GLY B 49 21.13 28.54 -10.51
N THR B 50 21.99 27.53 -10.55
CA THR B 50 22.60 27.04 -11.78
C THR B 50 21.57 26.52 -12.74
N CYS B 51 20.68 25.70 -12.21
CA CYS B 51 19.65 25.07 -13.00
C CYS B 51 18.84 26.06 -13.83
N LEU B 52 18.25 27.05 -13.18
CA LEU B 52 17.38 27.99 -13.87
C LEU B 52 18.10 29.10 -14.64
N ASN B 53 19.22 29.60 -14.11
CA ASN B 53 19.93 30.73 -14.72
C ASN B 53 20.93 30.42 -15.84
N VAL B 54 21.75 29.38 -15.67
CA VAL B 54 22.76 29.02 -16.68
C VAL B 54 22.92 27.51 -16.90
N GLY B 55 21.87 26.74 -16.60
CA GLY B 55 21.97 25.29 -16.67
C GLY B 55 20.86 24.58 -17.42
N CYS B 56 20.09 23.78 -16.68
CA CYS B 56 19.01 22.97 -17.24
C CYS B 56 18.05 23.76 -18.13
N ILE B 57 17.47 24.83 -17.61
CA ILE B 57 16.45 25.55 -18.37
C ILE B 57 16.94 26.19 -19.67
N PRO B 58 17.98 27.01 -19.62
CA PRO B 58 18.42 27.59 -20.88
C PRO B 58 18.88 26.53 -21.88
N SER B 59 19.57 25.49 -21.41
CA SER B 59 20.01 24.43 -22.31
C SER B 59 18.81 23.72 -22.94
N LYS B 60 17.76 23.49 -22.16
CA LYS B 60 16.55 22.83 -22.71
C LYS B 60 15.85 23.72 -23.76
N ALA B 61 15.83 25.03 -23.55
CA ALA B 61 15.23 25.96 -24.50
C ALA B 61 15.94 25.93 -25.86
N LEU B 62 17.27 25.98 -25.84
CA LEU B 62 18.06 25.94 -27.05
C LEU B 62 17.99 24.58 -27.74
N LEU B 63 17.93 23.52 -26.95
CA LEU B 63 17.78 22.18 -27.53
C LEU B 63 16.46 22.07 -28.30
N ASP B 64 15.40 22.62 -27.72
CA ASP B 64 14.08 22.58 -28.36
C ASP B 64 14.05 23.42 -29.66
N SER B 65 14.55 24.65 -29.60
CA SER B 65 14.57 25.50 -30.79
C SER B 65 15.45 24.92 -31.89
N SER B 66 16.63 24.42 -31.52
CA SER B 66 17.54 23.83 -32.51
C SER B 66 16.98 22.53 -33.08
N HIS B 67 16.25 21.79 -32.26
CA HIS B 67 15.55 20.59 -32.73
C HIS B 67 14.45 20.96 -33.75
N ARG B 68 13.71 22.05 -33.49
N ARG B 68 13.72 22.05 -33.50
CA ARG B 68 12.69 22.53 -34.42
CA ARG B 68 12.68 22.48 -34.46
C ARG B 68 13.32 22.89 -35.76
C ARG B 68 13.32 22.90 -35.79
N TYR B 69 14.46 23.59 -35.72
CA TYR B 69 15.15 23.98 -36.93
C TYR B 69 15.57 22.74 -37.74
N GLU B 70 16.26 21.83 -37.07
CA GLU B 70 16.73 20.60 -37.73
C GLU B 70 15.57 19.79 -38.31
N ASP B 71 14.50 19.62 -37.54
N ASP B 71 14.49 19.67 -37.53
CA ASP B 71 13.32 18.89 -38.03
CA ASP B 71 13.30 18.92 -37.92
C ASP B 71 12.72 19.56 -39.26
C ASP B 71 12.64 19.56 -39.17
N THR B 72 12.68 20.89 -39.25
CA THR B 72 12.10 21.64 -40.35
C THR B 72 12.93 21.51 -41.64
N VAL B 73 14.25 21.42 -41.51
CA VAL B 73 15.12 21.27 -42.66
C VAL B 73 15.15 19.82 -43.20
N HIS B 74 15.25 18.85 -42.31
CA HIS B 74 15.48 17.46 -42.70
C HIS B 74 14.36 16.44 -42.53
N HIS B 75 13.36 16.70 -41.70
CA HIS B 75 12.37 15.67 -41.39
C HIS B 75 10.95 16.03 -41.76
N LEU B 76 10.81 16.90 -42.76
CA LEU B 76 9.48 17.26 -43.26
C LEU B 76 9.14 16.52 -44.56
N ALA B 77 10.16 16.30 -45.40
CA ALA B 77 9.94 15.65 -46.70
C ALA B 77 9.18 14.32 -46.67
N ASP B 78 9.51 13.45 -45.72
N ASP B 78 9.50 13.46 -45.71
CA ASP B 78 8.84 12.14 -45.62
CA ASP B 78 8.85 12.15 -45.64
C ASP B 78 7.32 12.29 -45.42
C ASP B 78 7.33 12.28 -45.39
N HIS B 79 6.93 13.39 -44.79
CA HIS B 79 5.51 13.67 -44.53
C HIS B 79 4.81 14.38 -45.71
N GLY B 80 5.54 14.64 -46.78
CA GLY B 80 5.00 15.33 -47.91
C GLY B 80 4.91 16.83 -47.68
N ILE B 81 5.67 17.35 -46.72
CA ILE B 81 5.64 18.77 -46.40
C ILE B 81 6.90 19.43 -46.99
N THR B 82 6.72 20.55 -47.69
CA THR B 82 7.84 21.28 -48.30
C THR B 82 7.75 22.74 -47.85
N THR B 83 8.89 23.40 -47.82
CA THR B 83 9.02 24.78 -47.40
C THR B 83 9.94 25.53 -48.34
N GLY B 84 10.00 26.85 -48.18
CA GLY B 84 10.99 27.67 -48.88
C GLY B 84 12.29 27.50 -48.09
N GLU B 85 13.24 28.39 -48.32
N GLU B 85 13.28 28.36 -48.34
CA GLU B 85 14.53 28.34 -47.61
CA GLU B 85 14.55 28.25 -47.60
C GLU B 85 14.31 28.59 -46.10
C GLU B 85 14.28 28.54 -46.13
N VAL B 86 14.83 27.70 -45.27
CA VAL B 86 14.63 27.82 -43.83
C VAL B 86 15.79 28.64 -43.27
N ASN B 87 15.46 29.58 -42.38
CA ASN B 87 16.46 30.43 -41.72
C ASN B 87 16.11 30.59 -40.28
N PHE B 88 17.10 30.97 -39.49
CA PHE B 88 16.88 31.24 -38.08
C PHE B 88 17.53 32.59 -37.76
N ASP B 89 16.88 33.35 -36.87
CA ASP B 89 17.39 34.63 -36.38
C ASP B 89 17.93 34.27 -35.00
N LEU B 90 19.24 34.09 -34.91
CA LEU B 90 19.85 33.65 -33.67
C LEU B 90 19.56 34.57 -32.48
N ALA B 91 19.57 35.88 -32.71
CA ALA B 91 19.30 36.81 -31.62
C ALA B 91 17.91 36.57 -31.01
N LYS B 92 16.93 36.39 -31.87
CA LYS B 92 15.55 36.16 -31.43
C LYS B 92 15.41 34.77 -30.77
N LEU B 93 16.13 33.77 -31.28
CA LEU B 93 16.10 32.42 -30.71
C LEU B 93 16.65 32.49 -29.27
N LEU B 94 17.72 33.26 -29.08
CA LEU B 94 18.32 33.43 -27.74
C LEU B 94 17.43 34.25 -26.82
N ALA B 95 16.77 35.27 -27.39
CA ALA B 95 15.86 36.13 -26.64
C ALA B 95 14.71 35.32 -26.08
N ARG B 96 14.25 34.30 -26.82
CA ARG B 96 13.17 33.46 -26.34
C ARG B 96 13.63 32.74 -25.07
N LYS B 97 14.83 32.16 -25.14
CA LYS B 97 15.40 31.48 -24.00
C LYS B 97 15.53 32.45 -22.81
N ASP B 98 16.06 33.65 -23.06
CA ASP B 98 16.20 34.65 -22.00
C ASP B 98 14.88 35.06 -21.34
N LYS B 99 13.83 35.18 -22.14
CA LYS B 99 12.52 35.56 -21.62
C LYS B 99 11.93 34.43 -20.73
N ILE B 100 12.14 33.17 -21.13
CA ILE B 100 11.68 32.01 -20.34
C ILE B 100 12.40 31.97 -18.97
N VAL B 101 13.72 32.19 -18.97
CA VAL B 101 14.49 32.23 -17.73
C VAL B 101 14.00 33.38 -16.82
N ASP B 102 13.73 34.54 -17.41
N ASP B 102 13.72 34.54 -17.41
CA ASP B 102 13.23 35.71 -16.66
CA ASP B 102 13.24 35.70 -16.65
C ASP B 102 11.87 35.45 -16.05
C ASP B 102 11.87 35.44 -16.05
N GLN B 103 11.00 34.79 -16.82
CA GLN B 103 9.66 34.47 -16.34
C GLN B 103 9.77 33.51 -15.15
N LEU B 104 10.59 32.48 -15.30
CA LEU B 104 10.78 31.49 -14.25
C LEU B 104 11.44 32.04 -12.99
N THR B 105 12.51 32.83 -13.15
CA THR B 105 13.19 33.41 -11.96
C THR B 105 12.23 34.28 -11.15
N GLY B 106 11.45 35.12 -11.85
CA GLY B 106 10.44 35.96 -11.23
C GLY B 106 9.40 35.13 -10.51
N GLY B 107 9.07 33.98 -11.10
CA GLY B 107 8.11 33.03 -10.53
C GLY B 107 8.56 32.48 -9.17
N ILE B 108 9.83 32.12 -9.07
N ILE B 108 9.84 32.13 -9.07
CA ILE B 108 10.38 31.62 -7.81
CA ILE B 108 10.40 31.59 -7.83
C ILE B 108 10.33 32.69 -6.74
C ILE B 108 10.39 32.67 -6.73
N ASP B 109 10.69 33.92 -7.12
CA ASP B 109 10.69 35.07 -6.20
C ASP B 109 9.30 35.24 -5.59
N GLN B 110 8.27 35.19 -6.43
CA GLN B 110 6.91 35.35 -5.93
C GLN B 110 6.46 34.14 -5.08
N LEU B 111 7.03 32.95 -5.34
CA LEU B 111 6.74 31.76 -4.48
C LEU B 111 7.30 31.93 -3.07
N LEU B 112 8.52 32.44 -2.95
CA LEU B 112 9.12 32.66 -1.64
C LEU B 112 8.28 33.65 -0.84
N LYS B 113 7.89 34.74 -1.50
CA LYS B 113 7.06 35.77 -0.87
C LYS B 113 5.70 35.22 -0.47
N GLY B 114 5.13 34.39 -1.33
CA GLY B 114 3.84 33.76 -1.05
C GLY B 114 3.89 32.81 0.14
N ASN B 115 5.05 32.20 0.35
CA ASN B 115 5.26 31.26 1.45
C ASN B 115 5.74 31.94 2.73
N GLY B 116 5.93 33.27 2.68
CA GLY B 116 6.39 34.03 3.82
C GLY B 116 7.87 33.80 4.12
N ILE B 117 8.65 33.60 3.06
CA ILE B 117 10.09 33.37 3.17
C ILE B 117 10.78 34.65 2.79
N GLU B 118 11.82 35.03 3.52
CA GLU B 118 12.55 36.25 3.20
C GLU B 118 13.79 35.90 2.38
N TRP B 119 13.86 36.45 1.17
CA TRP B 119 15.03 36.27 0.34
C TRP B 119 16.01 37.40 0.64
N LEU B 120 17.13 37.03 1.24
CA LEU B 120 18.20 37.95 1.59
C LEU B 120 19.16 37.94 0.41
N LYS B 121 19.27 39.08 -0.26
CA LYS B 121 20.11 39.21 -1.46
C LYS B 121 21.55 39.57 -1.10
N GLY B 122 22.41 38.56 -1.15
CA GLY B 122 23.82 38.72 -0.84
C GLY B 122 24.44 37.39 -0.51
N THR B 123 25.60 37.42 0.15
CA THR B 123 26.35 36.22 0.50
C THR B 123 26.13 35.78 1.95
N GLY B 124 26.21 34.47 2.15
CA GLY B 124 26.05 33.84 3.47
C GLY B 124 27.30 33.05 3.82
N LYS B 125 27.63 33.03 5.11
CA LYS B 125 28.79 32.30 5.60
C LYS B 125 28.46 31.72 6.97
N LEU B 126 28.76 30.43 7.14
CA LEU B 126 28.50 29.76 8.41
C LEU B 126 29.65 30.03 9.37
N LEU B 127 29.33 30.77 10.44
CA LEU B 127 30.29 31.11 11.50
C LEU B 127 30.15 30.06 12.62
N ALA B 128 31.04 30.14 13.60
CA ALA B 128 31.00 29.21 14.73
C ALA B 128 29.68 29.32 15.49
N GLY B 129 29.20 28.19 16.00
CA GLY B 129 27.97 28.16 16.79
C GLY B 129 26.69 28.39 15.98
N LYS B 130 26.67 27.86 14.75
CA LYS B 130 25.52 28.00 13.84
C LYS B 130 25.12 29.44 13.55
N LYS B 131 26.03 30.39 13.74
CA LYS B 131 25.75 31.78 13.43
C LYS B 131 25.98 31.91 11.93
N VAL B 132 25.22 32.79 11.27
CA VAL B 132 25.38 33.00 9.82
C VAL B 132 25.56 34.48 9.54
N GLU B 133 26.64 34.82 8.81
CA GLU B 133 26.89 36.21 8.43
C GLU B 133 26.27 36.52 7.08
N PHE B 134 25.34 37.48 7.05
CA PHE B 134 24.71 37.92 5.81
C PHE B 134 25.31 39.25 5.39
N VAL B 135 26.00 39.23 4.24
CA VAL B 135 26.63 40.40 3.64
C VAL B 135 25.78 40.78 2.44
N PRO B 136 24.83 41.73 2.61
CA PRO B 136 23.95 42.09 1.50
C PRO B 136 24.68 42.78 0.38
N HIS B 137 24.08 42.79 -0.80
CA HIS B 137 24.69 43.50 -1.92
C HIS B 137 24.64 45.01 -1.62
N GLU B 138 23.51 45.45 -1.06
CA GLU B 138 23.29 46.86 -0.68
C GLU B 138 22.64 46.92 0.70
N GLY B 139 23.39 47.36 1.71
CA GLY B 139 22.86 47.48 3.07
C GLY B 139 23.84 47.10 4.16
N GLU B 140 23.35 47.15 5.39
CA GLU B 140 24.14 46.83 6.57
C GLU B 140 24.30 45.31 6.74
N THR B 141 25.52 44.88 7.10
CA THR B 141 25.83 43.45 7.35
C THR B 141 25.16 43.00 8.64
N GLN B 142 24.57 41.81 8.63
CA GLN B 142 23.87 41.29 9.80
C GLN B 142 24.24 39.84 10.11
N ILE B 143 24.30 39.52 11.41
CA ILE B 143 24.60 38.18 11.87
C ILE B 143 23.33 37.55 12.43
N LEU B 144 22.90 36.47 11.80
CA LEU B 144 21.67 35.76 12.18
C LEU B 144 21.99 34.57 13.08
N GLU B 145 21.05 34.27 13.98
CA GLU B 145 21.20 33.19 14.96
C GLU B 145 20.10 32.16 14.84
N PRO B 146 20.10 31.38 13.74
CA PRO B 146 19.08 30.36 13.53
C PRO B 146 19.34 29.05 14.29
N LYS B 147 18.26 28.28 14.45
CA LYS B 147 18.33 26.98 15.10
C LYS B 147 18.91 25.96 14.13
N TYR B 148 18.58 26.10 12.85
CA TYR B 148 19.05 25.17 11.82
C TYR B 148 19.62 25.90 10.60
N VAL B 149 20.60 25.27 9.96
CA VAL B 149 21.24 25.80 8.75
C VAL B 149 21.36 24.70 7.69
N ILE B 150 21.02 25.03 6.46
CA ILE B 150 21.18 24.12 5.35
C ILE B 150 22.15 24.76 4.36
N LEU B 151 23.23 24.05 4.05
CA LEU B 151 24.21 24.51 3.08
C LEU B 151 23.83 24.00 1.70
N ALA B 152 23.58 24.91 0.77
CA ALA B 152 23.17 24.55 -0.60
C ALA B 152 23.85 25.49 -1.58
N SER B 153 25.17 25.60 -1.47
CA SER B 153 25.95 26.50 -2.31
C SER B 153 26.19 25.98 -3.73
N GLY B 154 25.78 24.76 -4.03
CA GLY B 154 25.87 24.25 -5.40
C GLY B 154 27.24 23.96 -6.00
N SER B 155 27.35 24.23 -7.31
CA SER B 155 28.54 23.92 -8.10
C SER B 155 28.94 25.00 -9.11
N VAL B 156 30.11 24.78 -9.73
CA VAL B 156 30.62 25.64 -10.80
C VAL B 156 31.40 24.71 -11.71
N PRO B 157 31.67 25.13 -12.95
CA PRO B 157 32.41 24.24 -13.83
C PRO B 157 33.83 23.94 -13.36
N VAL B 158 34.32 22.77 -13.75
CA VAL B 158 35.70 22.40 -13.50
C VAL B 158 36.51 23.27 -14.45
N ASN B 159 37.58 23.85 -13.93
N ASN B 159 37.58 23.87 -13.95
CA ASN B 159 38.46 24.70 -14.71
CA ASN B 159 38.42 24.73 -14.80
C ASN B 159 39.72 23.91 -15.08
C ASN B 159 39.74 24.02 -15.05
N ILE B 160 40.24 24.15 -16.28
CA ILE B 160 41.49 23.51 -16.70
C ILE B 160 42.43 24.59 -17.28
N PRO B 161 43.51 24.97 -16.54
CA PRO B 161 44.48 25.98 -16.96
C PRO B 161 44.96 25.89 -18.41
N VAL B 162 44.91 24.68 -18.97
CA VAL B 162 45.24 24.41 -20.37
C VAL B 162 44.26 25.06 -21.35
N ALA B 163 43.01 25.23 -20.93
CA ALA B 163 41.98 25.85 -21.76
C ALA B 163 41.25 26.90 -20.91
N PRO B 164 41.89 28.06 -20.72
CA PRO B 164 41.31 29.11 -19.87
C PRO B 164 40.11 29.79 -20.51
N VAL B 165 39.05 29.94 -19.71
CA VAL B 165 37.81 30.55 -20.15
C VAL B 165 37.88 32.08 -20.16
N ASP B 166 37.79 32.69 -21.34
CA ASP B 166 37.75 34.14 -21.45
C ASP B 166 36.31 34.58 -21.69
N GLN B 167 35.44 33.60 -21.89
CA GLN B 167 34.01 33.78 -22.14
C GLN B 167 33.76 34.53 -23.47
N ASP B 168 34.67 34.32 -24.43
CA ASP B 168 34.57 34.88 -25.78
C ASP B 168 34.92 33.76 -26.77
N ILE B 169 36.21 33.47 -26.90
CA ILE B 169 36.69 32.40 -27.78
C ILE B 169 36.64 31.07 -27.07
N ILE B 170 37.06 31.05 -25.81
CA ILE B 170 37.02 29.86 -24.99
C ILE B 170 35.97 30.16 -23.93
N VAL B 171 34.87 29.40 -24.00
CA VAL B 171 33.75 29.57 -23.10
C VAL B 171 33.51 28.34 -22.25
N ASP B 172 32.77 28.53 -21.15
CA ASP B 172 32.32 27.38 -20.37
C ASP B 172 30.84 27.21 -20.75
N SER B 173 30.10 26.38 -20.03
CA SER B 173 28.70 26.12 -20.39
C SER B 173 27.85 27.42 -20.41
N THR B 174 28.24 28.42 -19.63
CA THR B 174 27.49 29.68 -19.59
C THR B 174 27.59 30.45 -20.91
N GLY B 175 28.81 30.68 -21.37
CA GLY B 175 29.05 31.36 -22.65
C GLY B 175 28.52 30.58 -23.84
N ALA B 176 28.59 29.25 -23.74
CA ALA B 176 28.12 28.34 -24.80
C ALA B 176 26.62 28.50 -25.09
N LEU B 177 25.88 28.98 -24.11
CA LEU B 177 24.44 29.22 -24.28
C LEU B 177 24.15 30.62 -24.82
N ASN B 178 25.18 31.41 -25.13
CA ASN B 178 25.01 32.81 -25.56
C ASN B 178 25.86 33.26 -26.75
N PHE B 179 26.36 32.31 -27.57
CA PHE B 179 27.17 32.71 -28.73
C PHE B 179 26.39 33.73 -29.56
N PRO B 180 27.03 34.82 -29.99
CA PRO B 180 26.32 35.81 -30.80
C PRO B 180 26.10 35.35 -32.25
N GLU B 181 26.92 34.42 -32.71
CA GLU B 181 26.81 33.84 -34.05
C GLU B 181 27.13 32.35 -33.93
N VAL B 182 26.62 31.55 -34.86
CA VAL B 182 26.90 30.13 -34.83
C VAL B 182 28.34 29.94 -35.29
N PRO B 183 29.18 29.29 -34.47
CA PRO B 183 30.57 29.11 -34.94
C PRO B 183 30.63 28.10 -36.10
N LYS B 184 31.47 28.34 -37.12
CA LYS B 184 31.55 27.40 -38.23
C LYS B 184 32.19 26.10 -37.75
N ARG B 185 33.23 26.23 -36.93
CA ARG B 185 33.95 25.10 -36.35
C ARG B 185 33.86 25.22 -34.82
N LEU B 186 33.32 24.20 -34.16
CA LEU B 186 33.17 24.21 -32.73
C LEU B 186 33.86 23.01 -32.11
N GLY B 187 34.77 23.28 -31.17
CA GLY B 187 35.46 22.26 -30.40
C GLY B 187 34.77 22.18 -29.05
N VAL B 188 34.57 20.97 -28.53
CA VAL B 188 33.96 20.76 -27.22
C VAL B 188 34.83 19.82 -26.40
N ILE B 189 35.36 20.29 -25.27
CA ILE B 189 36.18 19.46 -24.39
C ILE B 189 35.26 18.91 -23.31
N GLY B 190 34.98 17.61 -23.39
CA GLY B 190 34.11 16.90 -22.45
C GLY B 190 32.96 16.28 -23.22
N ALA B 191 32.82 14.96 -23.13
CA ALA B 191 31.74 14.24 -23.78
C ALA B 191 30.73 13.73 -22.75
N GLY B 192 30.48 14.55 -21.73
CA GLY B 192 29.50 14.23 -20.72
C GLY B 192 28.16 14.72 -21.20
N VAL B 193 27.15 14.58 -20.36
CA VAL B 193 25.79 15.03 -20.68
C VAL B 193 25.77 16.46 -21.22
N ILE B 194 26.47 17.37 -20.54
CA ILE B 194 26.48 18.78 -20.92
C ILE B 194 27.10 19.04 -22.30
N GLY B 195 28.27 18.45 -22.56
CA GLY B 195 28.95 18.59 -23.83
C GLY B 195 28.16 18.02 -25.01
N LEU B 196 27.52 16.88 -24.79
CA LEU B 196 26.71 16.23 -25.83
C LEU B 196 25.52 17.12 -26.20
N GLU B 197 24.91 17.74 -25.19
CA GLU B 197 23.79 18.65 -25.39
C GLU B 197 24.21 19.96 -26.07
N LEU B 198 25.23 20.65 -25.54
CA LEU B 198 25.68 21.91 -26.13
C LEU B 198 26.22 21.69 -27.53
N GLY B 199 26.91 20.59 -27.73
CA GLY B 199 27.42 20.24 -29.05
C GLY B 199 26.26 20.03 -30.02
N SER B 200 25.23 19.33 -29.57
CA SER B 200 24.07 19.07 -30.43
C SER B 200 23.34 20.35 -30.84
N VAL B 201 23.19 21.29 -29.91
CA VAL B 201 22.54 22.57 -30.20
C VAL B 201 23.21 23.27 -31.37
N TRP B 202 24.50 23.54 -31.23
CA TRP B 202 25.22 24.28 -32.26
C TRP B 202 25.40 23.49 -33.55
N ARG B 203 25.56 22.16 -33.47
CA ARG B 203 25.66 21.34 -34.68
C ARG B 203 24.37 21.49 -35.50
N ARG B 204 23.23 21.41 -34.82
CA ARG B 204 21.94 21.56 -35.49
C ARG B 204 21.80 22.89 -36.23
N LEU B 205 22.40 23.92 -35.64
CA LEU B 205 22.36 25.27 -36.19
C LEU B 205 23.44 25.53 -37.25
N GLY B 206 24.23 24.52 -37.58
CA GLY B 206 25.18 24.62 -38.68
C GLY B 206 26.66 24.47 -38.37
N ALA B 207 27.02 24.36 -37.09
CA ALA B 207 28.44 24.23 -36.72
C ALA B 207 28.96 22.84 -37.05
N GLU B 208 30.24 22.77 -37.44
CA GLU B 208 30.91 21.48 -37.65
C GLU B 208 31.52 21.21 -36.27
N VAL B 209 31.03 20.17 -35.59
CA VAL B 209 31.40 19.92 -34.19
C VAL B 209 32.29 18.73 -33.91
N VAL B 210 33.31 18.97 -33.07
CA VAL B 210 34.20 17.92 -32.60
C VAL B 210 34.15 17.91 -31.06
N VAL B 211 34.00 16.73 -30.48
CA VAL B 211 33.90 16.57 -29.04
C VAL B 211 35.04 15.69 -28.55
N PHE B 212 35.88 16.23 -27.67
CA PHE B 212 37.03 15.52 -27.12
C PHE B 212 36.66 14.92 -25.76
N GLU B 213 36.94 13.63 -25.59
CA GLU B 213 36.70 12.97 -24.31
C GLU B 213 38.03 12.37 -23.86
N ALA B 214 38.52 12.81 -22.70
CA ALA B 214 39.79 12.36 -22.15
C ALA B 214 39.84 10.85 -21.88
N MET B 215 38.76 10.31 -21.32
CA MET B 215 38.68 8.88 -20.96
C MET B 215 38.57 7.97 -22.18
N ASP B 216 38.99 6.71 -22.00
CA ASP B 216 38.93 5.68 -23.04
C ASP B 216 37.53 5.14 -23.27
N ALA B 217 36.59 5.50 -22.40
CA ALA B 217 35.21 5.04 -22.53
C ALA B 217 34.25 6.20 -22.68
N PHE B 218 33.14 5.94 -23.37
CA PHE B 218 32.07 6.91 -23.56
C PHE B 218 31.00 6.63 -22.51
N LEU B 219 30.57 7.67 -21.78
CA LEU B 219 29.53 7.53 -20.74
C LEU B 219 29.71 6.26 -19.89
N PRO B 220 30.84 6.17 -19.17
CA PRO B 220 31.12 4.98 -18.36
C PRO B 220 30.10 4.65 -17.27
N MET B 221 29.29 5.62 -16.85
CA MET B 221 28.26 5.35 -15.81
C MET B 221 27.00 4.72 -16.43
N ALA B 222 26.86 4.84 -17.74
CA ALA B 222 25.70 4.28 -18.43
C ALA B 222 25.90 2.80 -18.67
N ASP B 223 24.80 2.11 -18.95
CA ASP B 223 24.85 0.70 -19.25
C ASP B 223 25.61 0.60 -20.58
N LYS B 224 26.47 -0.41 -20.72
CA LYS B 224 27.29 -0.56 -21.95
C LYS B 224 26.51 -0.64 -23.24
N ALA B 225 25.39 -1.34 -23.23
CA ALA B 225 24.57 -1.45 -24.43
C ALA B 225 24.01 -0.06 -24.84
N LEU B 226 23.65 0.75 -23.85
CA LEU B 226 23.10 2.08 -24.12
C LEU B 226 24.17 3.01 -24.66
N SER B 227 25.33 3.08 -24.00
CA SER B 227 26.40 3.97 -24.46
C SER B 227 26.89 3.59 -25.86
N LYS B 228 26.95 2.29 -26.16
CA LYS B 228 27.39 1.81 -27.49
C LYS B 228 26.48 2.32 -28.60
N GLU B 229 25.19 2.04 -28.47
CA GLU B 229 24.22 2.46 -29.45
C GLU B 229 24.12 3.99 -29.54
N TYR B 230 24.13 4.62 -28.36
CA TYR B 230 24.02 6.07 -28.27
C TYR B 230 25.21 6.76 -28.92
N GLN B 231 26.41 6.21 -28.76
CA GLN B 231 27.58 6.78 -29.41
C GLN B 231 27.41 6.70 -30.93
N LYS B 232 26.93 5.55 -31.41
CA LYS B 232 26.73 5.34 -32.85
C LYS B 232 25.72 6.36 -33.41
N ILE B 233 24.61 6.54 -32.68
CA ILE B 233 23.56 7.48 -33.09
C ILE B 233 24.06 8.91 -33.15
N LEU B 234 24.74 9.34 -32.10
CA LEU B 234 25.23 10.72 -32.05
C LEU B 234 26.31 10.97 -33.11
N THR B 235 27.15 9.96 -33.34
CA THR B 235 28.21 10.11 -34.33
C THR B 235 27.62 10.24 -35.74
N LYS B 236 26.59 9.45 -36.04
CA LYS B 236 25.92 9.49 -37.33
C LYS B 236 25.23 10.83 -37.57
N GLN B 237 24.79 11.48 -36.49
CA GLN B 237 24.16 12.81 -36.61
C GLN B 237 25.18 13.86 -37.02
N GLY B 238 26.46 13.63 -36.75
CA GLY B 238 27.49 14.59 -37.09
C GLY B 238 28.40 15.03 -35.95
N LEU B 239 28.19 14.48 -34.74
CA LEU B 239 29.09 14.79 -33.63
C LEU B 239 30.30 13.91 -33.73
N ASP B 240 31.44 14.50 -34.06
CA ASP B 240 32.68 13.76 -34.15
C ASP B 240 33.22 13.60 -32.72
N ILE B 241 32.79 12.53 -32.06
CA ILE B 241 33.21 12.23 -30.68
C ILE B 241 34.56 11.49 -30.67
N ARG B 242 35.60 12.16 -30.19
CA ARG B 242 36.94 11.58 -30.16
C ARG B 242 37.28 11.02 -28.77
N ILE B 243 37.26 9.69 -28.67
CA ILE B 243 37.52 8.98 -27.42
C ILE B 243 39.01 8.86 -27.15
N GLY B 244 39.39 8.96 -25.88
CA GLY B 244 40.80 8.90 -25.50
C GLY B 244 41.63 10.07 -26.01
N ALA B 245 40.99 11.22 -26.21
CA ALA B 245 41.65 12.43 -26.72
C ALA B 245 41.90 13.40 -25.57
N LYS B 246 43.16 13.48 -25.14
CA LYS B 246 43.55 14.31 -24.01
C LYS B 246 44.17 15.62 -24.49
N VAL B 247 43.52 16.73 -24.12
CA VAL B 247 43.97 18.08 -24.49
C VAL B 247 45.19 18.47 -23.66
N SER B 248 46.29 18.76 -24.34
CA SER B 248 47.55 19.14 -23.71
C SER B 248 47.74 20.65 -23.67
N GLY B 249 47.06 21.36 -24.57
CA GLY B 249 47.19 22.83 -24.65
C GLY B 249 46.24 23.45 -25.66
N THR B 250 45.94 24.73 -25.47
CA THR B 250 45.15 25.50 -26.43
C THR B 250 46.00 26.70 -26.86
N GLU B 251 45.74 27.19 -28.07
CA GLU B 251 46.45 28.33 -28.63
C GLU B 251 45.46 29.23 -29.34
N VAL B 252 45.36 30.46 -28.86
CA VAL B 252 44.43 31.43 -29.41
C VAL B 252 45.21 32.34 -30.37
N ASN B 253 44.78 32.37 -31.63
CA ASN B 253 45.39 33.20 -32.68
C ASN B 253 44.29 34.03 -33.35
N GLY B 254 44.12 35.25 -32.88
CA GLY B 254 43.09 36.14 -33.39
C GLY B 254 41.74 35.56 -32.98
N ARG B 255 40.89 35.29 -33.97
CA ARG B 255 39.54 34.76 -33.71
C ARG B 255 39.43 33.25 -33.91
N GLU B 256 40.54 32.56 -33.73
CA GLU B 256 40.62 31.12 -33.86
C GLU B 256 41.36 30.55 -32.67
N VAL B 257 41.08 29.30 -32.36
CA VAL B 257 41.72 28.60 -31.26
C VAL B 257 42.11 27.19 -31.70
N THR B 258 43.39 26.88 -31.58
CA THR B 258 43.91 25.57 -31.92
C THR B 258 44.02 24.74 -30.66
N VAL B 259 43.39 23.56 -30.70
CA VAL B 259 43.42 22.61 -29.60
C VAL B 259 44.52 21.61 -29.92
N LYS B 260 45.50 21.47 -29.02
CA LYS B 260 46.55 20.46 -29.18
C LYS B 260 46.15 19.33 -28.25
N TYR B 261 46.24 18.09 -28.75
CA TYR B 261 45.82 16.95 -27.94
C TYR B 261 46.51 15.67 -28.36
N THR B 262 46.44 14.68 -27.48
CA THR B 262 47.03 13.39 -27.70
C THR B 262 45.97 12.30 -27.66
N GLN B 263 45.96 11.43 -28.68
CA GLN B 263 45.10 10.24 -28.67
C GLN B 263 45.80 9.12 -29.45
N ALA B 264 45.62 7.89 -28.97
CA ALA B 264 46.23 6.72 -29.61
C ALA B 264 47.73 6.95 -29.87
N GLY B 265 48.44 7.39 -28.84
CA GLY B 265 49.89 7.63 -28.91
C GLY B 265 50.39 8.82 -29.72
N GLU B 266 49.56 9.39 -30.59
CA GLU B 266 49.97 10.51 -31.45
C GLU B 266 49.57 11.88 -30.97
N ASP B 267 50.45 12.86 -31.22
CA ASP B 267 50.17 14.25 -30.92
C ASP B 267 49.43 14.82 -32.14
N LYS B 268 48.29 15.46 -31.90
CA LYS B 268 47.49 16.01 -32.99
C LYS B 268 47.00 17.39 -32.65
N GLU B 269 46.40 18.03 -33.65
CA GLU B 269 45.81 19.33 -33.44
C GLU B 269 44.74 19.64 -34.46
N GLN B 270 43.85 20.55 -34.11
CA GLN B 270 42.81 21.01 -34.99
C GLN B 270 42.41 22.41 -34.53
N THR B 271 42.01 23.23 -35.49
CA THR B 271 41.63 24.60 -35.22
C THR B 271 40.12 24.79 -35.27
N PHE B 272 39.61 25.65 -34.38
CA PHE B 272 38.18 25.95 -34.28
C PHE B 272 37.97 27.44 -34.13
N ASP B 273 36.72 27.86 -34.32
CA ASP B 273 36.32 29.26 -34.15
C ASP B 273 35.99 29.51 -32.68
N LYS B 274 35.43 28.51 -32.00
N LYS B 274 35.43 28.52 -32.01
CA LYS B 274 35.08 28.59 -30.59
CA LYS B 274 35.07 28.60 -30.59
C LYS B 274 35.38 27.26 -29.93
C LYS B 274 35.39 27.27 -29.93
N LEU B 275 35.58 27.30 -28.62
CA LEU B 275 35.89 26.12 -27.82
C LEU B 275 35.05 26.20 -26.54
N ILE B 276 34.32 25.12 -26.22
CA ILE B 276 33.55 25.05 -24.99
C ILE B 276 34.30 24.14 -24.03
N VAL B 277 34.46 24.55 -22.77
CA VAL B 277 35.08 23.71 -21.74
C VAL B 277 33.97 23.17 -20.83
N CYS B 278 33.71 21.87 -20.89
CA CYS B 278 32.68 21.26 -20.05
C CYS B 278 33.13 19.84 -19.68
N VAL B 279 34.17 19.79 -18.86
CA VAL B 279 34.74 18.53 -18.42
C VAL B 279 34.16 18.09 -17.08
N GLY B 280 33.08 18.72 -16.65
CA GLY B 280 32.43 18.36 -15.39
C GLY B 280 32.22 19.58 -14.51
N ARG B 281 31.63 19.35 -13.35
CA ARG B 281 31.38 20.41 -12.38
C ARG B 281 31.90 19.99 -11.01
N LYS B 282 32.28 20.97 -10.20
CA LYS B 282 32.80 20.72 -8.87
C LYS B 282 32.01 21.49 -7.82
N ALA B 283 32.00 20.98 -6.61
CA ALA B 283 31.34 21.66 -5.51
C ALA B 283 31.92 23.07 -5.36
N TYR B 284 31.04 24.02 -5.04
CA TYR B 284 31.43 25.40 -4.82
C TYR B 284 31.13 25.80 -3.38
N ALA B 285 32.17 26.21 -2.67
CA ALA B 285 32.02 26.56 -1.26
C ALA B 285 32.91 27.74 -0.86
N GLU B 286 33.14 28.67 -1.78
CA GLU B 286 33.96 29.84 -1.49
C GLU B 286 33.14 30.80 -0.63
N GLY B 287 33.72 31.25 0.47
CA GLY B 287 33.05 32.16 1.41
C GLY B 287 31.88 31.54 2.17
N LEU B 288 31.82 30.19 2.18
CA LEU B 288 30.72 29.47 2.81
C LEU B 288 30.95 29.15 4.29
N LEU B 289 32.19 28.84 4.65
CA LEU B 289 32.51 28.43 6.00
C LEU B 289 33.62 29.25 6.63
N ALA B 290 33.43 29.60 7.89
CA ALA B 290 34.47 30.25 8.66
C ALA B 290 35.40 29.10 9.04
N GLU B 291 36.66 29.43 9.26
CA GLU B 291 37.67 28.43 9.62
C GLU B 291 37.26 27.62 10.85
N ASP B 292 36.51 28.27 11.76
CA ASP B 292 36.03 27.63 13.00
C ASP B 292 34.51 27.31 12.99
N SER B 293 33.98 26.96 11.82
CA SER B 293 32.55 26.61 11.71
C SER B 293 32.26 25.24 12.31
N GLY B 294 33.28 24.39 12.37
CA GLY B 294 33.18 23.04 12.92
C GLY B 294 32.72 21.98 11.93
N ILE B 295 32.77 22.30 10.62
CA ILE B 295 32.31 21.36 9.59
C ILE B 295 33.43 20.51 8.96
N LYS B 296 33.19 19.21 8.96
CA LYS B 296 34.13 18.21 8.47
C LYS B 296 34.19 18.17 6.94
N LEU B 297 35.35 17.74 6.42
CA LEU B 297 35.60 17.61 4.97
C LEU B 297 36.17 16.22 4.66
N THR B 298 36.07 15.79 3.40
CA THR B 298 36.57 14.46 2.98
C THR B 298 37.96 14.55 2.29
N GLU B 299 38.02 14.43 0.97
CA GLU B 299 39.30 14.48 0.23
C GLU B 299 39.39 15.65 -0.76
N ARG B 300 38.62 15.59 -1.85
CA ARG B 300 38.70 16.61 -2.90
C ARG B 300 38.15 17.99 -2.50
N GLY B 301 36.86 18.07 -2.18
CA GLY B 301 36.27 19.35 -1.79
C GLY B 301 34.78 19.36 -1.48
N LEU B 302 34.30 18.29 -0.85
CA LEU B 302 32.88 18.19 -0.48
C LEU B 302 32.70 18.34 1.03
N VAL B 303 31.54 18.84 1.43
CA VAL B 303 31.16 18.91 2.84
C VAL B 303 30.72 17.49 3.16
N GLU B 304 31.31 16.89 4.19
CA GLU B 304 30.97 15.51 4.54
C GLU B 304 29.60 15.42 5.19
N VAL B 305 28.80 14.45 4.75
CA VAL B 305 27.47 14.23 5.30
C VAL B 305 27.13 12.75 5.28
N ASN B 306 26.23 12.34 6.16
CA ASN B 306 25.75 10.95 6.20
C ASN B 306 24.64 10.77 5.15
N ASP B 307 23.93 9.65 5.20
CA ASP B 307 22.84 9.39 4.22
C ASP B 307 21.69 10.39 4.21
N HIS B 308 21.46 11.07 5.34
CA HIS B 308 20.36 12.03 5.48
C HIS B 308 20.84 13.48 5.31
N CYS B 309 22.04 13.66 4.76
CA CYS B 309 22.63 14.99 4.54
C CYS B 309 22.99 15.77 5.81
N ALA B 310 23.13 15.08 6.94
CA ALA B 310 23.51 15.74 8.18
C ALA B 310 25.03 15.92 8.20
N THR B 311 25.50 17.12 8.58
CA THR B 311 26.94 17.38 8.67
C THR B 311 27.46 16.93 10.05
N SER B 312 28.72 17.28 10.36
CA SER B 312 29.30 16.96 11.65
C SER B 312 28.76 17.88 12.75
N VAL B 313 28.16 19.00 12.36
CA VAL B 313 27.60 19.97 13.32
C VAL B 313 26.09 19.73 13.43
N GLU B 314 25.64 19.49 14.66
CA GLU B 314 24.22 19.27 14.93
C GLU B 314 23.43 20.51 14.52
N GLY B 315 22.34 20.29 13.80
CA GLY B 315 21.49 21.38 13.29
C GLY B 315 21.90 21.90 11.91
N VAL B 316 22.99 21.39 11.35
CA VAL B 316 23.46 21.84 10.05
C VAL B 316 23.47 20.68 9.04
N TYR B 317 22.83 20.91 7.89
CA TYR B 317 22.73 19.92 6.81
C TYR B 317 23.36 20.51 5.55
N ALA B 318 23.75 19.65 4.63
CA ALA B 318 24.35 20.10 3.37
C ALA B 318 23.76 19.24 2.27
N ILE B 319 23.31 19.90 1.19
CA ILE B 319 22.62 19.23 0.10
C ILE B 319 23.10 19.62 -1.29
N GLY B 320 22.56 18.91 -2.28
CA GLY B 320 22.83 19.19 -3.69
C GLY B 320 24.22 18.96 -4.22
N ASP B 321 24.61 19.75 -5.21
CA ASP B 321 25.90 19.64 -5.84
C ASP B 321 27.04 19.84 -4.84
N LEU B 322 26.74 20.48 -3.71
CA LEU B 322 27.75 20.66 -2.67
C LEU B 322 28.25 19.35 -2.07
N VAL B 323 27.43 18.29 -2.08
CA VAL B 323 27.80 16.99 -1.47
C VAL B 323 27.82 15.80 -2.43
N ARG B 324 28.22 14.64 -1.92
CA ARG B 324 28.30 13.40 -2.72
C ARG B 324 27.00 13.02 -3.42
N GLY B 325 27.13 12.25 -4.49
CA GLY B 325 26.01 11.74 -5.26
C GLY B 325 25.92 12.41 -6.61
N PRO B 326 24.98 11.96 -7.46
CA PRO B 326 24.83 12.52 -8.80
C PRO B 326 24.55 14.01 -8.76
N MET B 327 25.23 14.78 -9.59
CA MET B 327 25.07 16.23 -9.63
C MET B 327 23.89 16.59 -10.52
N LEU B 328 22.69 16.40 -9.97
CA LEU B 328 21.44 16.62 -10.69
C LEU B 328 20.49 17.49 -9.88
N ALA B 329 19.64 18.23 -10.59
CA ALA B 329 18.70 19.15 -9.95
C ALA B 329 17.69 18.44 -9.04
N HIS B 330 17.14 17.31 -9.51
CA HIS B 330 16.16 16.57 -8.74
C HIS B 330 16.77 15.90 -7.50
N LYS B 331 18.06 15.60 -7.54
CA LYS B 331 18.77 15.06 -6.38
C LYS B 331 18.89 16.19 -5.31
N ALA B 332 19.24 17.40 -5.76
CA ALA B 332 19.35 18.55 -4.85
C ALA B 332 17.98 18.84 -4.23
N MET B 333 16.97 18.87 -5.09
CA MET B 333 15.60 19.09 -4.67
C MET B 333 15.15 18.10 -3.59
N GLU B 334 15.37 16.81 -3.81
CA GLU B 334 14.97 15.79 -2.82
C GLU B 334 15.79 15.79 -1.55
N GLU B 335 17.07 16.11 -1.65
CA GLU B 335 17.90 16.20 -0.46
C GLU B 335 17.49 17.39 0.42
N GLY B 336 16.99 18.45 -0.23
CA GLY B 336 16.49 19.65 0.46
C GLY B 336 15.22 19.35 1.26
N VAL B 337 14.30 18.61 0.65
CA VAL B 337 13.09 18.17 1.35
C VAL B 337 13.45 17.18 2.46
N MET B 338 14.41 16.30 2.19
CA MET B 338 14.83 15.34 3.21
C MET B 338 15.44 16.05 4.43
N ALA B 339 16.36 16.98 4.19
CA ALA B 339 17.02 17.74 5.28
C ALA B 339 15.98 18.42 6.17
N VAL B 340 15.04 19.11 5.54
CA VAL B 340 13.97 19.78 6.26
C VAL B 340 13.08 18.80 7.06
N GLU B 341 12.76 17.63 6.49
CA GLU B 341 11.91 16.68 7.24
C GLU B 341 12.68 16.02 8.39
N ARG B 342 14.00 15.87 8.23
CA ARG B 342 14.89 15.37 9.30
C ARG B 342 14.97 16.39 10.42
N ILE B 343 15.10 17.67 10.07
CA ILE B 343 15.11 18.75 11.05
C ILE B 343 13.79 18.73 11.83
N HIS B 344 12.69 18.50 11.13
CA HIS B 344 11.36 18.47 11.74
C HIS B 344 11.05 17.19 12.55
N GLY B 345 11.99 16.23 12.58
CA GLY B 345 11.83 15.00 13.36
C GLY B 345 11.48 13.71 12.64
N HIS B 346 11.26 13.77 11.32
CA HIS B 346 10.88 12.58 10.53
C HIS B 346 12.09 11.88 9.91
N ALA B 347 12.07 10.54 9.89
CA ALA B 347 13.19 9.77 9.34
C ALA B 347 13.14 9.68 7.81
N ALA B 348 13.09 10.84 7.16
CA ALA B 348 13.04 10.90 5.70
C ALA B 348 14.30 10.30 5.11
N GLN B 349 14.17 9.77 3.89
CA GLN B 349 15.26 9.08 3.24
C GLN B 349 15.17 9.23 1.71
N VAL B 350 16.32 9.42 1.06
CA VAL B 350 16.36 9.51 -0.39
C VAL B 350 16.96 8.20 -0.86
N ASN B 351 16.31 7.57 -1.85
CA ASN B 351 16.83 6.33 -2.41
C ASN B 351 17.74 6.71 -3.58
N TYR B 352 19.06 6.58 -3.37
CA TYR B 352 20.05 6.91 -4.40
C TYR B 352 20.14 5.90 -5.54
N ASP B 353 19.49 4.76 -5.39
CA ASP B 353 19.45 3.74 -6.45
C ASP B 353 18.22 3.93 -7.36
N THR B 354 17.40 4.97 -7.12
CA THR B 354 16.27 5.24 -8.00
C THR B 354 16.33 6.66 -8.57
N ILE B 355 17.51 7.28 -8.56
N ILE B 355 17.51 7.26 -8.58
CA ILE B 355 17.68 8.61 -9.13
CA ILE B 355 17.70 8.60 -9.13
C ILE B 355 17.85 8.47 -10.65
C ILE B 355 17.88 8.50 -10.65
N ILE B 356 17.00 9.18 -11.39
CA ILE B 356 17.01 9.17 -12.84
C ILE B 356 18.08 10.04 -13.47
N SER B 357 18.73 9.53 -14.52
CA SER B 357 19.68 10.32 -15.31
C SER B 357 19.08 10.47 -16.69
N ILE B 358 19.08 11.69 -17.21
CA ILE B 358 18.54 11.97 -18.56
C ILE B 358 19.50 12.82 -19.38
N ILE B 359 19.58 12.52 -20.68
CA ILE B 359 20.36 13.33 -21.60
C ILE B 359 19.34 13.79 -22.63
N TYR B 360 19.18 15.12 -22.75
CA TYR B 360 18.14 15.74 -23.60
C TYR B 360 18.47 15.98 -25.06
N THR B 361 19.34 15.15 -25.61
CA THR B 361 19.61 15.18 -27.03
C THR B 361 18.37 14.60 -27.72
N HIS B 362 18.41 14.47 -29.04
CA HIS B 362 17.32 13.83 -29.77
C HIS B 362 17.93 12.77 -30.69
N PRO B 363 17.62 11.48 -30.47
CA PRO B 363 16.71 11.03 -29.41
C PRO B 363 17.28 11.15 -28.01
N GLU B 364 16.37 11.22 -27.05
CA GLU B 364 16.74 11.28 -25.64
C GLU B 364 17.27 9.93 -25.15
N ALA B 365 18.09 9.98 -24.12
CA ALA B 365 18.60 8.80 -23.45
C ALA B 365 18.26 9.01 -21.99
N ALA B 366 17.89 7.93 -21.30
CA ALA B 366 17.54 8.03 -19.88
C ALA B 366 17.71 6.68 -19.22
N TRP B 367 18.06 6.70 -17.94
CA TRP B 367 18.25 5.45 -17.20
C TRP B 367 18.09 5.64 -15.70
N VAL B 368 17.85 4.52 -15.03
CA VAL B 368 17.63 4.51 -13.61
C VAL B 368 17.94 3.11 -13.09
N GLY B 369 18.52 3.04 -11.90
CA GLY B 369 18.82 1.75 -11.31
C GLY B 369 20.16 1.24 -11.75
N LEU B 370 20.34 -0.07 -11.68
CA LEU B 370 21.63 -0.67 -11.98
C LEU B 370 21.84 -0.98 -13.44
N THR B 371 23.07 -0.81 -13.87
CA THR B 371 23.47 -1.23 -15.19
C THR B 371 23.69 -2.74 -15.05
N GLU B 372 23.86 -3.39 -16.17
CA GLU B 372 24.09 -4.84 -16.19
C GLU B 372 25.39 -5.16 -15.44
N GLU B 373 26.41 -4.36 -15.63
CA GLU B 373 27.69 -4.59 -14.96
C GLU B 373 27.59 -4.39 -13.43
N GLN B 374 26.91 -3.33 -13.01
CA GLN B 374 26.72 -3.07 -11.57
C GLN B 374 25.97 -4.22 -10.90
N ALA B 375 24.92 -4.72 -11.55
CA ALA B 375 24.17 -5.82 -10.96
C ALA B 375 25.04 -7.05 -10.73
N LYS B 376 25.88 -7.38 -11.72
CA LYS B 376 26.80 -8.52 -11.59
C LYS B 376 27.82 -8.30 -10.48
N GLU B 377 28.33 -7.07 -10.37
CA GLU B 377 29.30 -6.68 -9.34
C GLU B 377 28.73 -6.89 -7.93
N LYS B 378 27.46 -6.56 -7.75
CA LYS B 378 26.80 -6.71 -6.44
C LYS B 378 26.38 -8.14 -6.10
N GLY B 379 26.61 -9.09 -7.01
CA GLY B 379 26.35 -10.50 -6.73
C GLY B 379 25.09 -11.15 -7.30
N HIS B 380 24.34 -10.40 -8.11
CA HIS B 380 23.14 -10.91 -8.72
C HIS B 380 23.45 -11.80 -9.92
N GLU B 381 22.66 -12.86 -10.10
CA GLU B 381 22.72 -13.65 -11.31
C GLU B 381 21.79 -12.79 -12.18
N VAL B 382 22.32 -12.23 -13.26
CA VAL B 382 21.57 -11.28 -14.08
C VAL B 382 20.91 -11.83 -15.34
N LYS B 383 19.70 -11.34 -15.60
CA LYS B 383 19.02 -11.61 -16.84
C LYS B 383 18.60 -10.23 -17.37
N THR B 384 18.61 -10.07 -18.69
CA THR B 384 18.25 -8.80 -19.32
C THR B 384 17.30 -9.04 -20.46
N GLY B 385 16.62 -7.98 -20.87
CA GLY B 385 15.69 -8.08 -21.97
C GLY B 385 15.59 -6.71 -22.60
N GLN B 386 15.43 -6.69 -23.90
CA GLN B 386 15.27 -5.43 -24.58
C GLN B 386 14.41 -5.56 -25.82
N PHE B 387 13.85 -4.44 -26.22
CA PHE B 387 12.99 -4.38 -27.39
C PHE B 387 13.15 -3.00 -27.98
N GLY B 388 13.15 -2.93 -29.32
CA GLY B 388 13.37 -1.69 -30.05
C GLY B 388 12.14 -0.93 -30.51
N PHE B 389 12.31 0.38 -30.71
CA PHE B 389 11.22 1.21 -31.24
C PHE B 389 11.07 1.07 -32.75
N ALA B 390 12.05 0.47 -33.42
CA ALA B 390 12.03 0.32 -34.90
C ALA B 390 10.77 -0.35 -35.45
N VAL B 391 10.21 -1.28 -34.69
CA VAL B 391 8.97 -1.99 -35.10
C VAL B 391 7.72 -1.51 -34.35
N ASN B 392 7.88 -0.55 -33.44
CA ASN B 392 6.75 0.01 -32.70
C ASN B 392 5.89 0.89 -33.62
N GLY B 393 4.60 0.55 -33.74
CA GLY B 393 3.69 1.30 -34.59
C GLY B 393 3.58 2.79 -34.29
N ARG B 394 3.59 3.16 -33.01
CA ARG B 394 3.51 4.57 -32.65
C ARG B 394 4.76 5.30 -33.13
N ALA B 395 5.93 4.67 -32.95
CA ALA B 395 7.19 5.27 -33.39
C ALA B 395 7.24 5.41 -34.92
N LEU B 396 6.71 4.41 -35.63
CA LEU B 396 6.71 4.48 -37.09
C LEU B 396 5.82 5.60 -37.56
N ALA B 397 4.63 5.69 -36.94
CA ALA B 397 3.68 6.74 -37.28
C ALA B 397 4.34 8.12 -37.11
N ALA B 398 5.10 8.28 -36.02
CA ALA B 398 5.78 9.56 -35.70
C ALA B 398 7.11 9.78 -36.41
N GLY B 399 7.63 8.77 -37.10
CA GLY B 399 8.96 8.86 -37.74
C GLY B 399 10.09 8.87 -36.70
N GLU B 400 9.86 8.22 -35.56
CA GLU B 400 10.81 8.16 -34.44
C GLU B 400 11.26 6.72 -34.16
N GLY B 401 11.29 5.89 -35.20
CA GLY B 401 11.60 4.47 -35.04
C GLY B 401 13.06 4.10 -34.85
N ALA B 402 13.60 4.40 -33.67
CA ALA B 402 14.99 4.10 -33.33
C ALA B 402 15.18 4.04 -31.82
N GLY B 403 16.14 3.24 -31.38
CA GLY B 403 16.43 3.08 -29.96
C GLY B 403 15.76 1.85 -29.35
N PHE B 404 15.81 1.77 -28.02
CA PHE B 404 15.24 0.61 -27.35
C PHE B 404 15.04 0.84 -25.87
N VAL B 405 14.31 -0.08 -25.24
CA VAL B 405 14.17 -0.12 -23.80
C VAL B 405 14.86 -1.41 -23.35
N LYS B 406 15.80 -1.31 -22.40
CA LYS B 406 16.48 -2.46 -21.86
C LYS B 406 16.26 -2.55 -20.35
N PHE B 407 15.86 -3.72 -19.86
CA PHE B 407 15.69 -3.97 -18.43
C PHE B 407 16.81 -4.88 -17.94
N VAL B 408 17.20 -4.66 -16.69
CA VAL B 408 18.17 -5.49 -16.00
C VAL B 408 17.44 -6.04 -14.80
N ALA B 409 17.54 -7.34 -14.58
CA ALA B 409 16.83 -8.01 -13.49
C ALA B 409 17.60 -9.18 -12.92
N ASP B 410 17.20 -9.60 -11.72
CA ASP B 410 17.81 -10.75 -11.04
C ASP B 410 17.16 -12.03 -11.56
N ALA B 411 17.99 -12.95 -12.05
CA ALA B 411 17.52 -14.21 -12.61
C ALA B 411 16.93 -15.18 -11.57
N LYS B 412 17.32 -15.06 -10.31
CA LYS B 412 16.82 -15.97 -9.28
C LYS B 412 15.52 -15.52 -8.63
N THR B 413 15.41 -14.23 -8.35
CA THR B 413 14.24 -13.69 -7.66
C THR B 413 13.25 -12.96 -8.58
N ASP B 414 13.65 -12.71 -9.82
CA ASP B 414 12.84 -11.95 -10.80
C ASP B 414 12.77 -10.44 -10.49
N ARG B 415 13.54 -9.97 -9.50
CA ARG B 415 13.52 -8.54 -9.14
C ARG B 415 14.06 -7.64 -10.24
N LEU B 416 13.29 -6.60 -10.56
CA LEU B 416 13.74 -5.60 -11.50
C LEU B 416 14.88 -4.82 -10.83
N LEU B 417 15.96 -4.59 -11.56
CA LEU B 417 17.13 -3.87 -11.01
C LEU B 417 17.47 -2.53 -11.67
N GLY B 418 17.18 -2.41 -12.97
CA GLY B 418 17.45 -1.17 -13.70
C GLY B 418 16.73 -1.12 -15.03
N MET B 419 16.64 0.09 -15.58
CA MET B 419 16.00 0.35 -16.87
C MET B 419 16.86 1.36 -17.61
N HIS B 420 17.08 1.09 -18.91
CA HIS B 420 17.96 1.90 -19.74
C HIS B 420 17.29 2.13 -21.08
N VAL B 421 17.03 3.40 -21.39
CA VAL B 421 16.27 3.75 -22.58
C VAL B 421 16.90 4.79 -23.49
N ILE B 422 16.81 4.52 -24.79
CA ILE B 422 17.14 5.49 -25.81
C ILE B 422 15.90 5.54 -26.70
N GLY B 423 15.37 6.72 -26.97
CA GLY B 423 14.24 6.81 -27.89
C GLY B 423 13.19 7.85 -27.54
N PRO B 424 12.06 7.82 -28.27
CA PRO B 424 11.02 8.82 -28.05
C PRO B 424 10.48 8.77 -26.63
N ALA B 425 10.27 9.95 -26.04
CA ALA B 425 9.72 10.09 -24.70
C ALA B 425 10.57 9.39 -23.64
N ALA B 426 11.86 9.20 -23.92
CA ALA B 426 12.71 8.48 -22.97
C ALA B 426 12.68 9.08 -21.56
N SER B 427 12.68 10.41 -21.48
CA SER B 427 12.71 11.08 -20.17
C SER B 427 11.46 10.80 -19.36
N ASP B 428 10.36 10.53 -20.05
CA ASP B 428 9.10 10.24 -19.38
C ASP B 428 8.84 8.73 -19.24
N ILE B 429 9.30 7.93 -20.19
CA ILE B 429 9.19 6.47 -20.08
C ILE B 429 10.04 5.95 -18.93
N VAL B 430 11.21 6.56 -18.69
CA VAL B 430 12.10 6.10 -17.62
C VAL B 430 11.46 6.24 -16.24
N HIS B 431 10.48 7.16 -16.10
CA HIS B 431 9.77 7.31 -14.84
C HIS B 431 8.92 6.09 -14.53
N GLN B 432 8.50 5.37 -15.56
CA GLN B 432 7.76 4.13 -15.38
C GLN B 432 8.65 3.09 -14.66
N GLY B 433 9.90 2.97 -15.11
CA GLY B 433 10.87 2.09 -14.47
C GLY B 433 11.21 2.54 -13.07
N MET B 434 11.34 3.85 -12.87
CA MET B 434 11.62 4.40 -11.56
C MET B 434 10.52 4.01 -10.57
N ILE B 435 9.28 4.20 -10.97
CA ILE B 435 8.14 3.84 -10.13
C ILE B 435 8.13 2.35 -9.82
N ALA B 436 8.37 1.51 -10.83
CA ALA B 436 8.41 0.07 -10.63
C ALA B 436 9.52 -0.28 -9.61
N LEU B 437 10.69 0.33 -9.74
CA LEU B 437 11.76 0.07 -8.75
C LEU B 437 11.36 0.50 -7.34
N GLU B 438 10.72 1.65 -7.20
CA GLU B 438 10.26 2.14 -5.87
C GLU B 438 9.28 1.16 -5.24
N PHE B 439 8.48 0.49 -6.08
CA PHE B 439 7.54 -0.54 -5.61
C PHE B 439 8.12 -1.95 -5.55
N VAL B 440 9.43 -2.08 -5.64
CA VAL B 440 10.11 -3.39 -5.53
C VAL B 440 9.50 -4.41 -6.51
N SER B 441 9.25 -3.93 -7.72
CA SER B 441 8.65 -4.73 -8.75
C SER B 441 9.50 -5.89 -9.21
N SER B 442 8.81 -6.97 -9.58
CA SER B 442 9.44 -8.09 -10.23
C SER B 442 9.27 -7.79 -11.72
N VAL B 443 9.94 -8.55 -12.57
CA VAL B 443 9.72 -8.40 -14.00
C VAL B 443 8.28 -8.86 -14.33
N GLU B 444 7.81 -9.90 -13.64
CA GLU B 444 6.46 -10.44 -13.89
C GLU B 444 5.36 -9.42 -13.63
N ASP B 445 5.54 -8.58 -12.61
CA ASP B 445 4.57 -7.52 -12.30
C ASP B 445 4.29 -6.66 -13.52
N LEU B 446 5.36 -6.25 -14.21
CA LEU B 446 5.24 -5.39 -15.40
C LEU B 446 4.65 -6.16 -16.57
N GLN B 447 5.00 -7.44 -16.68
CA GLN B 447 4.48 -8.31 -17.74
C GLN B 447 2.96 -8.45 -17.66
N LEU B 448 2.42 -8.46 -16.44
CA LEU B 448 0.98 -8.63 -16.24
C LEU B 448 0.16 -7.36 -16.41
N MET B 449 0.80 -6.25 -16.72
CA MET B 449 0.08 -4.97 -16.87
C MET B 449 -0.30 -4.69 -18.29
N THR B 450 -1.39 -3.94 -18.46
CA THR B 450 -1.91 -3.54 -19.75
C THR B 450 -1.37 -2.16 -20.14
N PHE B 451 -0.49 -2.13 -21.14
CA PHE B 451 0.04 -0.90 -21.66
C PHE B 451 -0.81 -0.50 -22.86
N GLY B 452 -0.98 0.80 -23.04
CA GLY B 452 -1.77 1.29 -24.15
C GLY B 452 -1.17 1.03 -25.51
N HIS B 453 -2.05 0.87 -26.49
CA HIS B 453 -1.66 0.62 -27.88
C HIS B 453 -2.47 1.53 -28.80
N PRO B 454 -1.85 2.28 -29.71
CA PRO B 454 -0.40 2.34 -29.93
C PRO B 454 0.28 3.46 -29.13
N THR B 455 1.35 3.12 -28.41
CA THR B 455 2.10 4.10 -27.61
C THR B 455 3.56 3.76 -27.60
N PHE B 456 4.40 4.75 -27.31
CA PHE B 456 5.82 4.48 -27.18
C PHE B 456 6.03 3.58 -25.95
N SER B 457 5.17 3.77 -24.93
CA SER B 457 5.30 3.02 -23.69
C SER B 457 5.15 1.50 -23.82
N GLU B 458 4.42 1.00 -24.81
CA GLU B 458 4.26 -0.46 -24.91
C GLU B 458 5.57 -1.18 -25.20
N VAL B 459 6.60 -0.44 -25.63
CA VAL B 459 7.93 -1.01 -25.80
C VAL B 459 8.44 -1.46 -24.43
N VAL B 460 8.03 -0.77 -23.36
CA VAL B 460 8.38 -1.14 -22.00
C VAL B 460 7.84 -2.54 -21.71
N HIS B 461 6.59 -2.77 -22.07
CA HIS B 461 5.97 -4.08 -21.86
C HIS B 461 6.69 -5.16 -22.65
N GLU B 462 6.98 -4.89 -23.93
CA GLU B 462 7.67 -5.86 -24.76
C GLU B 462 9.05 -6.19 -24.17
N ALA B 463 9.78 -5.19 -23.70
CA ALA B 463 11.11 -5.44 -23.11
C ALA B 463 10.99 -6.28 -21.81
N ALA B 464 9.94 -6.04 -21.02
CA ALA B 464 9.73 -6.85 -19.80
C ALA B 464 9.49 -8.31 -20.18
N LEU B 465 8.71 -8.53 -21.24
CA LEU B 465 8.43 -9.88 -21.73
C LEU B 465 9.68 -10.48 -22.36
N ALA B 466 10.53 -9.65 -22.97
CA ALA B 466 11.77 -10.14 -23.59
C ALA B 466 12.76 -10.64 -22.56
N VAL B 467 12.64 -10.17 -21.31
CA VAL B 467 13.54 -10.63 -20.24
C VAL B 467 13.40 -12.14 -20.10
N ASP B 468 12.18 -12.65 -20.26
CA ASP B 468 11.92 -14.08 -20.18
C ASP B 468 11.80 -14.73 -21.57
N GLY B 469 12.28 -14.02 -22.60
CA GLY B 469 12.25 -14.53 -23.97
C GLY B 469 10.86 -14.81 -24.53
N ARG B 470 9.89 -13.96 -24.19
CA ARG B 470 8.53 -14.16 -24.71
C ARG B 470 7.80 -12.89 -25.16
N ALA B 471 8.54 -11.94 -25.72
CA ALA B 471 7.92 -10.75 -26.29
C ALA B 471 7.02 -11.24 -27.42
N ILE B 472 5.82 -10.71 -27.49
CA ILE B 472 4.88 -11.11 -28.53
C ILE B 472 5.37 -10.68 -29.92
N HIS B 473 5.91 -9.47 -30.02
CA HIS B 473 6.35 -8.93 -31.33
C HIS B 473 7.83 -9.10 -31.70
N ALA B 474 8.54 -10.00 -31.03
CA ALA B 474 9.97 -10.22 -31.31
C ALA B 474 10.12 -11.27 -32.40
N ILE B 475 10.87 -10.92 -33.44
CA ILE B 475 11.12 -11.81 -34.56
C ILE B 475 12.26 -12.79 -34.26
N PHE C 8 29.69 -20.07 -0.09
CA PHE C 8 28.50 -19.32 0.39
C PHE C 8 28.55 -17.87 -0.07
N ASP C 9 27.40 -17.34 -0.46
CA ASP C 9 27.25 -15.94 -0.85
C ASP C 9 27.12 -15.08 0.41
N LEU C 10 26.37 -15.60 1.40
CA LEU C 10 26.13 -14.91 2.67
C LEU C 10 26.41 -15.82 3.85
N VAL C 11 27.14 -15.30 4.83
CA VAL C 11 27.36 -16.02 6.09
C VAL C 11 26.72 -15.18 7.19
N VAL C 12 25.91 -15.81 8.02
CA VAL C 12 25.30 -15.14 9.17
C VAL C 12 25.98 -15.70 10.43
N ILE C 13 26.52 -14.83 11.28
CA ILE C 13 27.13 -15.28 12.54
C ILE C 13 26.12 -15.03 13.64
N GLY C 14 25.55 -16.11 14.15
CA GLY C 14 24.51 -16.08 15.19
C GLY C 14 23.27 -16.74 14.64
N GLY C 15 22.65 -17.59 15.44
CA GLY C 15 21.44 -18.30 15.06
C GLY C 15 20.24 -18.01 15.92
N GLY C 16 20.19 -16.80 16.49
CA GLY C 16 19.01 -16.35 17.24
C GLY C 16 17.97 -15.82 16.25
N PRO C 17 16.88 -15.21 16.74
CA PRO C 17 15.81 -14.68 15.87
C PRO C 17 16.31 -13.78 14.76
N GLY C 18 17.29 -12.94 15.07
CA GLY C 18 17.83 -12.08 14.04
C GLY C 18 18.54 -12.88 12.95
N GLY C 19 19.49 -13.72 13.37
CA GLY C 19 20.25 -14.51 12.45
C GLY C 19 19.48 -15.53 11.64
N TYR C 20 18.57 -16.29 12.27
CA TYR C 20 17.87 -17.31 11.50
C TYR C 20 16.88 -16.70 10.52
N GLU C 21 16.24 -15.58 10.89
CA GLU C 21 15.33 -14.88 9.99
C GLU C 21 16.10 -14.25 8.81
N ALA C 22 17.28 -13.72 9.08
CA ALA C 22 18.09 -13.18 8.02
C ALA C 22 18.50 -14.32 7.08
N ALA C 23 18.87 -15.46 7.65
CA ALA C 23 19.28 -16.62 6.86
C ALA C 23 18.12 -17.11 5.97
N ILE C 24 16.94 -17.24 6.57
CA ILE C 24 15.78 -17.72 5.81
C ILE C 24 15.43 -16.77 4.66
N ARG C 25 15.42 -15.46 4.90
N ARG C 25 15.43 -15.46 4.90
CA ARG C 25 15.11 -14.51 3.81
CA ARG C 25 15.10 -14.50 3.84
C ARG C 25 16.17 -14.59 2.72
C ARG C 25 16.17 -14.49 2.74
N ALA C 26 17.43 -14.71 3.11
CA ALA C 26 18.52 -14.78 2.15
C ALA C 26 18.36 -16.05 1.30
N ALA C 27 17.93 -17.12 1.94
CA ALA C 27 17.67 -18.39 1.26
C ALA C 27 16.53 -18.21 0.25
N GLN C 28 15.46 -17.53 0.68
CA GLN C 28 14.30 -17.28 -0.19
C GLN C 28 14.69 -16.40 -1.39
N LEU C 29 15.67 -15.51 -1.21
CA LEU C 29 16.12 -14.65 -2.33
C LEU C 29 17.25 -15.27 -3.17
N GLY C 30 17.47 -16.58 -3.01
CA GLY C 30 18.45 -17.33 -3.82
C GLY C 30 19.91 -17.34 -3.41
N PHE C 31 20.25 -16.85 -2.22
CA PHE C 31 21.64 -16.87 -1.79
C PHE C 31 22.05 -18.28 -1.29
N LYS C 32 23.34 -18.58 -1.38
CA LYS C 32 23.92 -19.78 -0.78
C LYS C 32 24.26 -19.30 0.63
N VAL C 33 23.56 -19.83 1.63
CA VAL C 33 23.71 -19.32 2.99
C VAL C 33 24.25 -20.31 4.04
N ALA C 34 25.10 -19.78 4.93
CA ALA C 34 25.54 -20.52 6.10
C ALA C 34 25.15 -19.71 7.32
N CYS C 35 24.71 -20.39 8.37
CA CYS C 35 24.38 -19.76 9.64
C CYS C 35 25.28 -20.43 10.67
N ILE C 36 26.20 -19.66 11.24
CA ILE C 36 27.10 -20.19 12.28
C ILE C 36 26.49 -19.91 13.67
N GLU C 37 26.35 -20.95 14.48
CA GLU C 37 25.76 -20.83 15.80
C GLU C 37 26.47 -21.83 16.70
N LYS C 38 27.01 -21.32 17.80
N LYS C 38 27.03 -21.33 17.80
CA LYS C 38 27.82 -22.09 18.76
CA LYS C 38 27.82 -22.17 18.74
C LYS C 38 27.10 -22.74 19.94
C LYS C 38 27.08 -22.79 19.92
N ARG C 39 25.84 -22.39 20.18
CA ARG C 39 25.11 -22.92 21.35
C ARG C 39 24.97 -24.44 21.43
N ILE C 40 25.23 -24.96 22.64
CA ILE C 40 25.02 -26.36 22.97
C ILE C 40 24.22 -26.26 24.28
N HIS C 41 22.96 -26.69 24.24
CA HIS C 41 22.04 -26.59 25.37
C HIS C 41 21.78 -28.02 25.87
N ASN C 42 22.15 -28.30 27.13
CA ASN C 42 21.99 -29.64 27.70
C ASN C 42 22.50 -30.73 26.76
N GLY C 43 23.72 -30.55 26.27
CA GLY C 43 24.36 -31.52 25.40
C GLY C 43 23.95 -31.53 23.94
N LYS C 44 23.03 -30.63 23.54
CA LYS C 44 22.57 -30.56 22.15
C LYS C 44 22.78 -29.21 21.47
N PRO C 45 23.50 -29.19 20.31
CA PRO C 45 23.59 -27.95 19.56
C PRO C 45 22.17 -27.45 19.32
N SER C 46 21.95 -26.14 19.49
CA SER C 46 20.60 -25.58 19.33
C SER C 46 20.59 -24.21 18.72
N LEU C 47 19.67 -24.01 17.79
CA LEU C 47 19.42 -22.70 17.21
C LEU C 47 18.39 -22.03 18.11
N GLY C 48 18.03 -20.81 17.79
CA GLY C 48 17.00 -20.09 18.54
C GLY C 48 17.50 -18.97 19.41
N GLY C 49 18.79 -18.97 19.72
CA GLY C 49 19.38 -17.90 20.47
C GLY C 49 18.88 -17.77 21.90
N THR C 50 18.97 -16.55 22.39
CA THR C 50 18.54 -16.22 23.74
C THR C 50 17.03 -16.41 23.86
N CYS C 51 16.33 -15.94 22.83
CA CYS C 51 14.87 -16.00 22.77
C CYS C 51 14.27 -17.39 23.03
N LEU C 52 14.65 -18.38 22.23
CA LEU C 52 14.12 -19.74 22.43
C LEU C 52 14.77 -20.54 23.58
N ASN C 53 16.07 -20.39 23.78
CA ASN C 53 16.78 -21.24 24.74
C ASN C 53 16.82 -20.81 26.20
N VAL C 54 16.91 -19.52 26.46
CA VAL C 54 17.03 -19.04 27.85
C VAL C 54 16.30 -17.74 28.10
N GLY C 55 15.39 -17.37 27.21
CA GLY C 55 14.74 -16.07 27.29
C GLY C 55 13.24 -16.05 27.18
N CYS C 56 12.73 -15.56 26.04
CA CYS C 56 11.30 -15.37 25.81
C CYS C 56 10.49 -16.59 26.10
N ILE C 57 10.76 -17.66 25.38
CA ILE C 57 9.95 -18.87 25.48
C ILE C 57 9.89 -19.47 26.88
N PRO C 58 11.05 -19.78 27.49
CA PRO C 58 10.99 -20.33 28.84
C PRO C 58 10.30 -19.43 29.85
N SER C 59 10.58 -18.13 29.81
CA SER C 59 9.92 -17.22 30.75
C SER C 59 8.39 -17.26 30.52
N LYS C 60 7.97 -17.26 29.26
CA LYS C 60 6.53 -17.35 28.95
C LYS C 60 5.92 -18.66 29.46
N ALA C 61 6.64 -19.76 29.37
CA ALA C 61 6.11 -21.04 29.86
C ALA C 61 5.94 -21.01 31.39
N LEU C 62 6.92 -20.46 32.10
CA LEU C 62 6.83 -20.36 33.55
C LEU C 62 5.78 -19.36 33.98
N LEU C 63 5.64 -18.25 33.25
CA LEU C 63 4.58 -17.26 33.55
C LEU C 63 3.18 -17.90 33.44
N ASP C 64 2.98 -18.71 32.41
CA ASP C 64 1.65 -19.36 32.20
C ASP C 64 1.32 -20.37 33.27
N SER C 65 2.27 -21.25 33.57
CA SER C 65 2.03 -22.26 34.59
C SER C 65 1.84 -21.64 35.98
N SER C 66 2.68 -20.66 36.32
CA SER C 66 2.56 -20.01 37.62
C SER C 66 1.27 -19.21 37.73
N HIS C 67 0.81 -18.66 36.59
CA HIS C 67 -0.46 -17.93 36.57
C HIS C 67 -1.61 -18.90 36.84
N ARG C 68 -1.52 -20.09 36.27
CA ARG C 68 -2.59 -21.10 36.50
C ARG C 68 -2.61 -21.54 37.95
N TYR C 69 -1.43 -21.65 38.57
CA TYR C 69 -1.38 -22.01 39.98
C TYR C 69 -2.02 -20.93 40.85
N GLU C 70 -1.63 -19.67 40.64
CA GLU C 70 -2.19 -18.56 41.40
C GLU C 70 -3.70 -18.43 41.21
N ASP C 71 -4.16 -18.57 39.98
CA ASP C 71 -5.60 -18.53 39.70
C ASP C 71 -6.36 -19.61 40.43
N THR C 72 -5.78 -20.80 40.46
CA THR C 72 -6.41 -21.93 41.09
C THR C 72 -6.53 -21.76 42.61
N VAL C 73 -5.50 -21.21 43.24
CA VAL C 73 -5.55 -21.02 44.69
C VAL C 73 -6.42 -19.82 45.10
N HIS C 74 -6.33 -18.72 44.36
CA HIS C 74 -6.96 -17.45 44.76
C HIS C 74 -8.14 -16.89 43.97
N HIS C 75 -8.45 -17.42 42.80
CA HIS C 75 -9.50 -16.80 41.97
C HIS C 75 -10.62 -17.73 41.52
N LEU C 76 -10.81 -18.82 42.25
CA LEU C 76 -11.89 -19.75 41.95
C LEU C 76 -13.05 -19.61 42.92
N ALA C 77 -12.77 -19.21 44.16
CA ALA C 77 -13.83 -19.12 45.18
C ALA C 77 -15.04 -18.27 44.81
N ASP C 78 -14.81 -17.13 44.16
CA ASP C 78 -15.91 -16.24 43.76
C ASP C 78 -16.87 -16.90 42.76
N HIS C 79 -16.37 -17.91 42.05
CA HIS C 79 -17.17 -18.66 41.09
C HIS C 79 -17.89 -19.83 41.75
N GLY C 80 -17.73 -20.00 43.07
CA GLY C 80 -18.35 -21.13 43.78
C GLY C 80 -17.62 -22.46 43.51
N ILE C 81 -16.35 -22.36 43.11
CA ILE C 81 -15.57 -23.55 42.77
C ILE C 81 -14.56 -23.79 43.86
N THR C 82 -14.59 -25.01 44.41
CA THR C 82 -13.64 -25.45 45.45
C THR C 82 -12.79 -26.60 44.94
N THR C 83 -11.56 -26.69 45.42
CA THR C 83 -10.61 -27.69 44.95
C THR C 83 -9.95 -28.57 46.01
N GLY C 84 -10.18 -28.30 47.30
CA GLY C 84 -9.45 -29.06 48.32
C GLY C 84 -8.02 -28.56 48.26
N GLU C 85 -7.03 -29.42 48.50
CA GLU C 85 -5.65 -28.93 48.48
C GLU C 85 -5.06 -28.81 47.06
N VAL C 86 -4.32 -27.72 46.83
CA VAL C 86 -3.70 -27.43 45.55
C VAL C 86 -2.19 -27.49 45.74
N ASN C 87 -1.51 -28.20 44.84
CA ASN C 87 -0.04 -28.32 44.89
C ASN C 87 0.53 -28.18 43.52
N PHE C 88 1.81 -27.85 43.46
CA PHE C 88 2.53 -27.84 42.21
C PHE C 88 3.74 -28.74 42.38
N ASP C 89 4.13 -29.35 41.28
CA ASP C 89 5.31 -30.22 41.20
C ASP C 89 6.24 -29.38 40.35
N LEU C 90 7.18 -28.68 41.00
CA LEU C 90 8.07 -27.79 40.28
C LEU C 90 8.86 -28.47 39.15
N ALA C 91 9.42 -29.64 39.44
CA ALA C 91 10.18 -30.38 38.43
C ALA C 91 9.38 -30.63 37.15
N LYS C 92 8.08 -30.93 37.31
CA LYS C 92 7.20 -31.17 36.16
C LYS C 92 6.93 -29.86 35.41
N LEU C 93 6.71 -28.80 36.17
CA LEU C 93 6.47 -27.47 35.60
C LEU C 93 7.70 -27.08 34.79
N LEU C 94 8.89 -27.28 35.37
CA LEU C 94 10.14 -26.96 34.65
C LEU C 94 10.37 -27.89 33.44
N ALA C 95 10.03 -29.18 33.59
CA ALA C 95 10.18 -30.15 32.49
C ALA C 95 9.33 -29.76 31.28
N ARG C 96 8.11 -29.26 31.53
CA ARG C 96 7.21 -28.83 30.47
C ARG C 96 7.90 -27.73 29.69
N LYS C 97 8.45 -26.77 30.42
CA LYS C 97 9.19 -25.66 29.83
C LYS C 97 10.33 -26.18 28.94
N ASP C 98 11.10 -27.13 29.44
CA ASP C 98 12.24 -27.70 28.70
C ASP C 98 11.83 -28.44 27.41
N LYS C 99 10.70 -29.13 27.48
CA LYS C 99 10.15 -29.87 26.36
C LYS C 99 9.70 -28.91 25.25
N ILE C 100 9.01 -27.83 25.63
CA ILE C 100 8.55 -26.82 24.64
C ILE C 100 9.79 -26.21 23.94
N VAL C 101 10.81 -25.87 24.70
CA VAL C 101 12.05 -25.33 24.15
C VAL C 101 12.65 -26.28 23.12
N ASP C 102 12.77 -27.56 23.50
N ASP C 102 12.76 -27.56 23.49
CA ASP C 102 13.33 -28.58 22.59
CA ASP C 102 13.35 -28.57 22.59
C ASP C 102 12.53 -28.75 21.30
C ASP C 102 12.54 -28.75 21.30
N GLN C 103 11.22 -28.70 21.40
CA GLN C 103 10.34 -28.83 20.23
C GLN C 103 10.53 -27.64 19.27
N LEU C 104 10.58 -26.44 19.83
CA LEU C 104 10.77 -25.23 19.01
C LEU C 104 12.16 -25.12 18.41
N THR C 105 13.20 -25.47 19.18
CA THR C 105 14.57 -25.40 18.64
C THR C 105 14.74 -26.42 17.53
N GLY C 106 14.10 -27.58 17.69
CA GLY C 106 14.12 -28.63 16.68
C GLY C 106 13.44 -28.11 15.42
N GLY C 107 12.33 -27.39 15.59
CA GLY C 107 11.61 -26.77 14.49
C GLY C 107 12.47 -25.84 13.64
N ILE C 108 13.24 -24.97 14.30
CA ILE C 108 14.13 -24.05 13.57
C ILE C 108 15.17 -24.84 12.77
N ASP C 109 15.71 -25.89 13.37
CA ASP C 109 16.68 -26.76 12.71
C ASP C 109 16.09 -27.23 11.37
N GLN C 110 14.90 -27.85 11.42
CA GLN C 110 14.21 -28.33 10.22
C GLN C 110 13.88 -27.23 9.23
N LEU C 111 13.57 -26.05 9.74
CA LEU C 111 13.24 -24.93 8.88
C LEU C 111 14.45 -24.56 8.03
N LEU C 112 15.63 -24.48 8.65
CA LEU C 112 16.86 -24.13 7.91
C LEU C 112 17.18 -25.19 6.85
N LYS C 113 17.07 -26.46 7.21
CA LYS C 113 17.31 -27.57 6.26
C LYS C 113 16.37 -27.50 5.07
N GLY C 114 15.10 -27.23 5.36
CA GLY C 114 14.07 -27.11 4.33
C GLY C 114 14.36 -26.01 3.34
N ASN C 115 15.03 -24.96 3.82
CA ASN C 115 15.41 -23.80 3.00
C ASN C 115 16.81 -23.93 2.35
N GLY C 116 17.50 -25.06 2.55
CA GLY C 116 18.82 -25.25 1.94
C GLY C 116 19.92 -24.44 2.62
N ILE C 117 19.73 -24.16 3.91
CA ILE C 117 20.68 -23.37 4.68
C ILE C 117 21.56 -24.32 5.48
N GLU C 118 22.87 -24.08 5.49
CA GLU C 118 23.78 -24.92 6.25
C GLU C 118 24.01 -24.32 7.62
N TRP C 119 23.69 -25.09 8.65
CA TRP C 119 23.94 -24.67 10.01
C TRP C 119 25.30 -25.20 10.36
N LEU C 120 26.25 -24.28 10.48
CA LEU C 120 27.62 -24.64 10.87
C LEU C 120 27.67 -24.53 12.40
N LYS C 121 27.87 -25.68 13.03
CA LYS C 121 27.88 -25.80 14.49
C LYS C 121 29.28 -25.51 15.04
N GLY C 122 29.44 -24.30 15.55
CA GLY C 122 30.74 -23.83 16.05
C GLY C 122 30.72 -22.33 16.17
N THR C 123 31.91 -21.72 16.21
N THR C 123 31.89 -21.73 16.21
CA THR C 123 32.04 -20.27 16.43
CA THR C 123 32.00 -20.28 16.35
C THR C 123 32.63 -19.53 15.22
C THR C 123 32.43 -19.64 15.06
N GLY C 124 32.01 -18.39 14.88
CA GLY C 124 32.39 -17.58 13.70
C GLY C 124 33.09 -16.27 14.07
N LYS C 125 34.07 -15.86 13.26
CA LYS C 125 34.82 -14.61 13.45
C LYS C 125 35.00 -13.88 12.11
N LEU C 126 34.64 -12.61 12.08
CA LEU C 126 34.78 -11.79 10.86
C LEU C 126 36.23 -11.39 10.74
N LEU C 127 36.87 -11.81 9.66
CA LEU C 127 38.25 -11.49 9.39
C LEU C 127 38.28 -10.38 8.34
N ALA C 128 39.47 -9.88 8.05
CA ALA C 128 39.60 -8.84 7.03
C ALA C 128 39.15 -9.41 5.67
N GLY C 129 38.69 -8.53 4.78
CA GLY C 129 38.24 -8.91 3.44
C GLY C 129 36.94 -9.70 3.43
N LYS C 130 36.15 -9.54 4.49
CA LYS C 130 34.87 -10.26 4.67
C LYS C 130 34.97 -11.78 4.76
N LYS C 131 36.18 -12.27 5.03
CA LYS C 131 36.41 -13.69 5.25
C LYS C 131 35.82 -14.01 6.63
N VAL C 132 35.37 -15.24 6.81
CA VAL C 132 34.81 -15.66 8.09
C VAL C 132 35.48 -16.95 8.53
N GLU C 133 36.02 -16.92 9.74
CA GLU C 133 36.68 -18.06 10.34
C GLU C 133 35.62 -18.90 11.05
N PHE C 134 35.46 -20.15 10.62
CA PHE C 134 34.52 -21.07 11.26
C PHE C 134 35.31 -22.13 12.02
N VAL C 135 35.13 -22.16 13.34
CA VAL C 135 35.78 -23.15 14.17
C VAL C 135 34.68 -24.07 14.69
N PRO C 136 34.54 -25.28 14.10
CA PRO C 136 33.50 -26.21 14.51
C PRO C 136 33.76 -26.76 15.91
N HIS C 137 32.72 -27.31 16.54
CA HIS C 137 32.89 -27.90 17.88
C HIS C 137 33.95 -28.99 17.79
N GLU C 138 33.88 -29.75 16.69
CA GLU C 138 34.85 -30.78 16.39
C GLU C 138 35.20 -30.75 14.91
N GLY C 139 36.48 -30.79 14.61
CA GLY C 139 36.94 -30.82 13.22
C GLY C 139 37.83 -29.67 12.79
N GLU C 140 38.10 -29.64 11.49
CA GLU C 140 39.00 -28.66 10.92
C GLU C 140 38.40 -27.29 10.77
N THR C 141 39.17 -26.29 11.17
CA THR C 141 38.78 -24.91 11.02
C THR C 141 38.64 -24.60 9.53
N GLN C 142 37.56 -23.91 9.17
CA GLN C 142 37.31 -23.52 7.79
C GLN C 142 37.31 -22.01 7.67
N ILE C 143 37.82 -21.51 6.55
CA ILE C 143 37.83 -20.09 6.29
C ILE C 143 36.91 -19.83 5.11
N LEU C 144 35.76 -19.21 5.39
CA LEU C 144 34.77 -18.93 4.35
C LEU C 144 35.05 -17.57 3.72
N GLU C 145 34.65 -17.41 2.46
CA GLU C 145 34.89 -16.18 1.71
C GLU C 145 33.60 -15.65 1.08
N PRO C 146 32.61 -15.30 1.90
CA PRO C 146 31.34 -14.81 1.36
C PRO C 146 31.42 -13.39 0.80
N LYS C 147 30.41 -13.02 0.04
CA LYS C 147 30.30 -11.67 -0.49
C LYS C 147 29.68 -10.78 0.59
N TYR C 148 28.79 -11.38 1.39
CA TYR C 148 28.11 -10.62 2.44
C TYR C 148 28.13 -11.31 3.81
N VAL C 149 28.16 -10.51 4.87
CA VAL C 149 28.16 -11.04 6.22
C VAL C 149 27.17 -10.30 7.09
N ILE C 150 26.37 -11.05 7.83
CA ILE C 150 25.44 -10.47 8.78
C ILE C 150 25.87 -10.89 10.19
N LEU C 151 26.17 -9.90 11.03
CA LEU C 151 26.61 -10.10 12.40
C LEU C 151 25.37 -10.06 13.27
N ALA C 152 25.09 -11.15 13.99
CA ALA C 152 23.90 -11.27 14.82
C ALA C 152 24.20 -12.09 16.08
N SER C 153 25.26 -11.69 16.78
CA SER C 153 25.77 -12.37 17.96
C SER C 153 25.00 -12.10 19.26
N GLY C 154 24.01 -11.22 19.21
CA GLY C 154 23.14 -11.00 20.35
C GLY C 154 23.65 -10.31 21.60
N SER C 155 23.15 -10.77 22.74
CA SER C 155 23.42 -10.22 24.06
C SER C 155 23.67 -11.26 25.15
N VAL C 156 24.17 -10.76 26.28
CA VAL C 156 24.38 -11.54 27.49
C VAL C 156 23.96 -10.62 28.64
N PRO C 157 23.77 -11.17 29.84
CA PRO C 157 23.39 -10.31 30.96
C PRO C 157 24.47 -9.32 31.39
N VAL C 158 24.06 -8.13 31.80
CA VAL C 158 24.99 -7.17 32.40
C VAL C 158 25.38 -7.77 33.76
N ASN C 159 26.66 -7.71 34.12
CA ASN C 159 27.13 -8.21 35.42
C ASN C 159 27.22 -7.09 36.47
N ILE C 160 27.06 -7.46 37.74
CA ILE C 160 27.21 -6.54 38.87
C ILE C 160 28.37 -7.06 39.70
N PRO C 161 29.52 -6.39 39.66
CA PRO C 161 30.67 -6.87 40.44
C PRO C 161 30.38 -7.11 41.94
N VAL C 162 29.57 -6.27 42.55
CA VAL C 162 29.27 -6.46 43.97
C VAL C 162 28.24 -7.58 44.23
N ALA C 163 27.62 -8.12 43.17
CA ALA C 163 26.69 -9.26 43.29
C ALA C 163 27.01 -10.26 42.19
N PRO C 164 28.13 -10.98 42.33
CA PRO C 164 28.58 -11.90 41.30
C PRO C 164 27.70 -13.16 41.18
N VAL C 165 27.41 -13.53 39.94
CA VAL C 165 26.59 -14.70 39.68
C VAL C 165 27.41 -15.97 39.84
N ASP C 166 26.91 -16.93 40.63
CA ASP C 166 27.55 -18.26 40.80
C ASP C 166 26.66 -19.42 40.34
N GLN C 167 25.52 -19.10 39.70
CA GLN C 167 24.53 -20.09 39.22
C GLN C 167 23.95 -20.98 40.33
N ASP C 168 24.05 -20.54 41.57
CA ASP C 168 23.53 -21.31 42.70
C ASP C 168 22.69 -20.40 43.63
N ILE C 169 23.35 -19.60 44.48
CA ILE C 169 22.65 -18.69 45.39
C ILE C 169 22.33 -17.37 44.67
N ILE C 170 23.29 -16.89 43.89
CA ILE C 170 23.14 -15.70 43.07
C ILE C 170 23.13 -16.15 41.62
N VAL C 171 21.99 -15.92 40.96
CA VAL C 171 21.81 -16.32 39.58
C VAL C 171 21.51 -15.15 38.65
N ASP C 172 21.68 -15.39 37.35
CA ASP C 172 21.24 -14.43 36.35
C ASP C 172 19.90 -14.96 35.84
N SER C 173 19.38 -14.40 34.75
CA SER C 173 18.07 -14.83 34.22
C SER C 173 18.00 -16.31 33.85
N THR C 174 19.11 -16.88 33.38
CA THR C 174 19.15 -18.30 33.03
C THR C 174 18.92 -19.17 34.27
N GLY C 175 19.70 -18.94 35.32
CA GLY C 175 19.52 -19.67 36.58
C GLY C 175 18.13 -19.45 37.21
N ALA C 176 17.57 -18.26 37.02
CA ALA C 176 16.23 -17.93 37.56
C ALA C 176 15.11 -18.74 36.92
N LEU C 177 15.38 -19.30 35.76
CA LEU C 177 14.36 -20.13 35.10
C LEU C 177 14.51 -21.60 35.47
N ASN C 178 15.43 -21.92 36.39
CA ASN C 178 15.74 -23.28 36.72
C ASN C 178 15.90 -23.57 38.20
N PHE C 179 15.42 -22.70 39.10
CA PHE C 179 15.56 -23.01 40.54
C PHE C 179 14.98 -24.41 40.81
N PRO C 180 15.69 -25.24 41.56
CA PRO C 180 15.18 -26.58 41.87
C PRO C 180 14.08 -26.59 42.92
N GLU C 181 13.96 -25.49 43.68
CA GLU C 181 12.94 -25.34 44.71
C GLU C 181 12.54 -23.88 44.71
N VAL C 182 11.32 -23.59 45.12
CA VAL C 182 10.86 -22.21 45.24
C VAL C 182 11.56 -21.55 46.43
N PRO C 183 12.33 -20.47 46.17
CA PRO C 183 13.00 -19.84 47.31
C PRO C 183 11.99 -19.19 48.25
N LYS C 184 12.13 -19.35 49.56
CA LYS C 184 11.18 -18.72 50.48
C LYS C 184 11.27 -17.21 50.41
N ARG C 185 12.50 -16.70 50.31
CA ARG C 185 12.77 -15.26 50.20
C ARG C 185 13.64 -15.05 48.95
N LEU C 186 13.16 -14.20 48.04
CA LEU C 186 13.85 -13.94 46.77
C LEU C 186 14.10 -12.46 46.55
N GLY C 187 15.34 -12.12 46.26
CA GLY C 187 15.72 -10.76 45.92
C GLY C 187 15.92 -10.72 44.41
N VAL C 188 15.48 -9.65 43.76
CA VAL C 188 15.65 -9.47 42.31
C VAL C 188 16.25 -8.08 42.13
N ILE C 189 17.44 -8.01 41.54
CA ILE C 189 18.07 -6.72 41.28
C ILE C 189 17.78 -6.36 39.85
N GLY C 190 16.94 -5.35 39.67
CA GLY C 190 16.50 -4.88 38.36
C GLY C 190 14.99 -5.01 38.24
N ALA C 191 14.33 -3.87 38.05
CA ALA C 191 12.87 -3.81 37.93
C ALA C 191 12.43 -3.51 36.49
N GLY C 192 13.26 -3.96 35.52
CA GLY C 192 12.93 -3.86 34.11
C GLY C 192 12.00 -5.03 33.77
N VAL C 193 11.69 -5.19 32.49
N VAL C 193 11.69 -5.19 32.49
CA VAL C 193 10.76 -6.24 32.03
CA VAL C 193 10.78 -6.23 32.04
C VAL C 193 11.12 -7.66 32.51
C VAL C 193 11.12 -7.63 32.56
N ILE C 194 12.39 -8.01 32.47
CA ILE C 194 12.84 -9.34 32.90
C ILE C 194 12.66 -9.54 34.41
N GLY C 195 13.08 -8.58 35.24
CA GLY C 195 12.89 -8.70 36.69
C GLY C 195 11.43 -8.78 37.14
N LEU C 196 10.57 -8.02 36.47
CA LEU C 196 9.15 -8.02 36.80
C LEU C 196 8.55 -9.38 36.47
N GLU C 197 8.94 -9.94 35.34
CA GLU C 197 8.43 -11.25 34.92
C GLU C 197 8.95 -12.37 35.83
N LEU C 198 10.26 -12.42 36.06
CA LEU C 198 10.87 -13.42 36.92
C LEU C 198 10.36 -13.32 38.35
N GLY C 199 10.23 -12.09 38.86
CA GLY C 199 9.73 -11.89 40.22
C GLY C 199 8.31 -12.40 40.35
N SER C 200 7.51 -12.17 39.31
CA SER C 200 6.11 -12.58 39.30
C SER C 200 5.98 -14.10 39.33
N VAL C 201 6.81 -14.80 38.55
CA VAL C 201 6.76 -16.27 38.50
C VAL C 201 6.94 -16.88 39.89
N TRP C 202 8.01 -16.47 40.56
CA TRP C 202 8.37 -17.04 41.86
C TRP C 202 7.47 -16.55 42.97
N ARG C 203 6.96 -15.32 42.87
CA ARG C 203 6.04 -14.83 43.88
C ARG C 203 4.76 -15.69 43.83
N ARG C 204 4.26 -15.90 42.62
CA ARG C 204 3.06 -16.73 42.43
C ARG C 204 3.20 -18.13 43.00
N LEU C 205 4.42 -18.66 42.94
CA LEU C 205 4.68 -20.02 43.44
C LEU C 205 5.00 -20.09 44.93
N GLY C 206 4.94 -18.94 45.63
CA GLY C 206 5.11 -18.91 47.09
C GLY C 206 6.28 -18.10 47.63
N ALA C 207 7.15 -17.59 46.77
CA ALA C 207 8.29 -16.80 47.27
C ALA C 207 7.89 -15.42 47.78
N GLU C 208 8.59 -14.95 48.82
CA GLU C 208 8.43 -13.59 49.31
C GLU C 208 9.50 -12.82 48.48
N VAL C 209 9.04 -11.89 47.65
CA VAL C 209 9.93 -11.21 46.68
C VAL C 209 10.15 -9.72 46.89
N VAL C 210 11.41 -9.29 46.78
CA VAL C 210 11.73 -7.87 46.78
C VAL C 210 12.39 -7.61 45.45
N VAL C 211 11.89 -6.61 44.72
CA VAL C 211 12.46 -6.21 43.44
C VAL C 211 13.11 -4.85 43.64
N PHE C 212 14.46 -4.81 43.59
CA PHE C 212 15.18 -3.55 43.74
C PHE C 212 15.36 -2.82 42.40
N GLU C 213 14.94 -1.57 42.32
CA GLU C 213 15.29 -0.76 41.13
C GLU C 213 16.44 0.17 41.52
N ALA C 214 17.47 0.26 40.67
CA ALA C 214 18.59 1.18 40.94
C ALA C 214 18.20 2.63 40.61
N MET C 215 17.69 2.83 39.40
CA MET C 215 17.27 4.15 38.88
C MET C 215 16.18 4.76 39.77
N ASP C 216 16.01 6.08 39.70
CA ASP C 216 14.94 6.75 40.46
C ASP C 216 13.57 6.56 39.76
N ALA C 217 13.59 6.21 38.48
CA ALA C 217 12.34 6.04 37.70
C ALA C 217 12.05 4.58 37.36
N PHE C 218 10.77 4.23 37.39
CA PHE C 218 10.30 2.89 37.03
C PHE C 218 9.92 2.86 35.55
N LEU C 219 10.42 1.88 34.80
CA LEU C 219 10.16 1.75 33.35
C LEU C 219 10.21 3.10 32.63
N PRO C 220 11.40 3.73 32.60
CA PRO C 220 11.57 5.06 32.03
C PRO C 220 11.20 5.23 30.55
N MET C 221 11.24 4.17 29.76
CA MET C 221 10.91 4.29 28.34
C MET C 221 9.42 4.01 28.04
N ALA C 222 8.62 3.76 29.08
CA ALA C 222 7.17 3.62 28.89
C ALA C 222 6.54 4.99 29.15
N ASP C 223 5.27 5.12 28.76
CA ASP C 223 4.51 6.33 28.99
C ASP C 223 4.39 6.46 30.52
N LYS C 224 4.53 7.68 31.05
CA LYS C 224 4.48 7.89 32.51
C LYS C 224 3.16 7.50 33.15
N ALA C 225 2.06 7.68 32.43
CA ALA C 225 0.76 7.27 32.98
C ALA C 225 0.71 5.74 33.09
N LEU C 226 1.27 5.04 32.10
CA LEU C 226 1.25 3.57 32.12
C LEU C 226 2.13 3.03 33.22
N SER C 227 3.35 3.51 33.33
N SER C 227 3.35 3.54 33.32
CA SER C 227 4.27 3.02 34.36
CA SER C 227 4.30 3.11 34.33
C SER C 227 3.79 3.31 35.79
C SER C 227 3.79 3.32 35.76
N LYS C 228 3.10 4.45 35.97
CA LYS C 228 2.57 4.81 37.29
C LYS C 228 1.47 3.85 37.72
N GLU C 229 0.52 3.62 36.83
CA GLU C 229 -0.58 2.71 37.11
C GLU C 229 -0.09 1.26 37.19
N TYR C 230 0.83 0.88 36.31
CA TYR C 230 1.37 -0.48 36.28
C TYR C 230 2.08 -0.80 37.60
N GLN C 231 2.89 0.12 38.09
CA GLN C 231 3.58 -0.10 39.37
C GLN C 231 2.57 -0.34 40.50
N LYS C 232 1.48 0.45 40.49
CA LYS C 232 0.43 0.33 41.47
C LYS C 232 -0.20 -1.04 41.40
N ILE C 233 -0.52 -1.48 40.18
CA ILE C 233 -1.16 -2.77 40.00
C ILE C 233 -0.27 -3.90 40.48
N LEU C 234 1.01 -3.87 40.13
CA LEU C 234 1.93 -4.94 40.50
C LEU C 234 2.19 -4.96 42.00
N THR C 235 2.27 -3.79 42.60
CA THR C 235 2.49 -3.67 44.04
C THR C 235 1.28 -4.27 44.75
N LYS C 236 0.09 -3.91 44.31
CA LYS C 236 -1.15 -4.39 44.92
C LYS C 236 -1.32 -5.92 44.79
N GLN C 237 -0.69 -6.53 43.80
CA GLN C 237 -0.71 -7.99 43.62
C GLN C 237 0.15 -8.65 44.65
N GLY C 238 1.13 -7.92 45.17
CA GLY C 238 2.05 -8.43 46.16
C GLY C 238 3.50 -8.38 45.74
N LEU C 239 3.79 -7.74 44.60
CA LEU C 239 5.16 -7.60 44.13
C LEU C 239 5.81 -6.36 44.74
N ASP C 240 6.76 -6.59 45.64
CA ASP C 240 7.41 -5.53 46.38
C ASP C 240 8.54 -4.84 45.58
N ILE C 241 8.19 -3.74 44.94
CA ILE C 241 9.12 -2.97 44.13
C ILE C 241 9.68 -1.87 45.00
N ARG C 242 10.96 -1.99 45.33
CA ARG C 242 11.64 -1.10 46.23
C ARG C 242 12.38 -0.02 45.45
N ILE C 243 12.16 1.22 45.84
CA ILE C 243 12.75 2.33 45.10
C ILE C 243 13.83 3.02 45.91
N GLY C 244 14.71 3.69 45.18
CA GLY C 244 15.84 4.43 45.76
C GLY C 244 16.98 3.59 46.30
N ALA C 245 16.97 2.29 45.99
CA ALA C 245 17.98 1.37 46.54
C ALA C 245 19.00 0.90 45.53
N LYS C 246 20.26 1.21 45.80
CA LYS C 246 21.35 0.72 44.96
C LYS C 246 22.15 -0.28 45.78
N VAL C 247 22.34 -1.47 45.22
CA VAL C 247 23.06 -2.53 45.90
C VAL C 247 24.54 -2.18 45.95
N SER C 248 25.12 -2.29 47.13
CA SER C 248 26.53 -1.96 47.35
C SER C 248 27.37 -3.19 47.63
N GLY C 249 26.71 -4.29 48.03
CA GLY C 249 27.45 -5.52 48.32
C GLY C 249 26.55 -6.69 48.61
N THR C 250 27.14 -7.88 48.60
CA THR C 250 26.42 -9.10 48.90
C THR C 250 27.29 -9.99 49.76
N GLU C 251 26.67 -10.76 50.62
CA GLU C 251 27.38 -11.67 51.50
C GLU C 251 26.66 -13.01 51.49
N VAL C 252 27.28 -14.00 50.85
CA VAL C 252 26.73 -15.35 50.76
C VAL C 252 27.21 -16.18 51.95
N ASN C 253 26.31 -16.46 52.89
CA ASN C 253 26.61 -17.26 54.07
C ASN C 253 25.81 -18.55 53.96
N GLY C 254 26.50 -19.66 53.69
CA GLY C 254 25.85 -20.96 53.54
C GLY C 254 24.83 -21.00 52.43
N ARG C 255 23.56 -21.20 52.78
CA ARG C 255 22.47 -21.28 51.80
C ARG C 255 21.61 -20.00 51.74
N GLU C 256 22.20 -18.88 52.12
CA GLU C 256 21.50 -17.61 52.07
C GLU C 256 22.42 -16.47 51.70
N VAL C 257 21.82 -15.35 51.29
CA VAL C 257 22.61 -14.20 50.84
C VAL C 257 22.04 -12.92 51.39
N THR C 258 22.91 -12.11 51.98
CA THR C 258 22.50 -10.83 52.50
C THR C 258 22.89 -9.75 51.49
N VAL C 259 21.91 -8.94 51.11
CA VAL C 259 22.12 -7.86 50.18
C VAL C 259 22.26 -6.56 50.96
N LYS C 260 23.38 -5.88 50.74
CA LYS C 260 23.62 -4.59 51.36
C LYS C 260 23.29 -3.53 50.33
N TYR C 261 22.48 -2.55 50.73
CA TYR C 261 22.10 -1.49 49.82
C TYR C 261 21.94 -0.15 50.48
N THR C 262 22.11 0.91 49.70
N THR C 262 22.10 0.91 49.70
CA THR C 262 21.96 2.27 50.19
CA THR C 262 21.93 2.26 50.19
C THR C 262 20.61 2.83 49.74
C THR C 262 20.57 2.77 49.75
N GLN C 263 19.84 3.35 50.69
CA GLN C 263 18.52 3.93 50.39
C GLN C 263 18.32 5.12 51.30
N ALA C 264 17.83 6.21 50.73
CA ALA C 264 17.61 7.44 51.50
C ALA C 264 18.84 7.83 52.33
N GLY C 265 20.02 7.68 51.73
CA GLY C 265 21.27 8.01 52.40
C GLY C 265 21.68 7.11 53.55
N GLU C 266 21.01 5.97 53.73
CA GLU C 266 21.35 5.04 54.82
C GLU C 266 21.74 3.67 54.27
N ASP C 267 22.68 3.01 54.95
CA ASP C 267 23.11 1.67 54.57
C ASP C 267 22.18 0.66 55.22
N LYS C 268 21.46 -0.09 54.39
CA LYS C 268 20.50 -1.07 54.85
C LYS C 268 20.87 -2.46 54.36
N GLU C 269 20.18 -3.48 54.85
CA GLU C 269 20.44 -4.87 54.47
C GLU C 269 19.17 -5.68 54.49
N GLN C 270 19.14 -6.75 53.70
CA GLN C 270 18.05 -7.71 53.76
C GLN C 270 18.60 -9.05 53.28
N THR C 271 18.11 -10.11 53.91
CA THR C 271 18.58 -11.47 53.61
C THR C 271 17.58 -12.28 52.81
N PHE C 272 18.10 -13.00 51.83
CA PHE C 272 17.31 -13.84 50.94
C PHE C 272 17.91 -15.23 50.78
N ASP C 273 17.11 -16.14 50.26
CA ASP C 273 17.56 -17.50 49.98
C ASP C 273 18.20 -17.57 48.58
N LYS C 274 17.71 -16.73 47.69
CA LYS C 274 18.23 -16.65 46.32
C LYS C 274 18.18 -15.21 45.88
N LEU C 275 19.07 -14.86 44.97
CA LEU C 275 19.15 -13.53 44.43
C LEU C 275 19.31 -13.59 42.91
N ILE C 276 18.46 -12.85 42.20
CA ILE C 276 18.55 -12.79 40.75
C ILE C 276 19.12 -11.44 40.34
N VAL C 277 20.14 -11.47 39.48
CA VAL C 277 20.69 -10.26 38.95
C VAL C 277 20.18 -10.12 37.52
N CYS C 278 19.32 -9.12 37.28
CA CYS C 278 18.75 -8.85 35.96
C CYS C 278 18.58 -7.34 35.76
N VAL C 279 19.72 -6.64 35.67
CA VAL C 279 19.73 -5.20 35.47
C VAL C 279 19.91 -4.84 33.98
N GLY C 280 19.52 -5.72 33.08
CA GLY C 280 19.68 -5.43 31.67
C GLY C 280 20.68 -6.34 30.98
N ARG C 281 20.77 -6.15 29.67
CA ARG C 281 21.63 -6.97 28.85
C ARG C 281 22.47 -6.07 28.01
N LYS C 282 23.62 -6.57 27.60
CA LYS C 282 24.58 -5.83 26.81
C LYS C 282 24.96 -6.67 25.59
N ALA C 283 25.37 -6.00 24.52
CA ALA C 283 25.79 -6.67 23.28
C ALA C 283 26.91 -7.67 23.56
N TYR C 284 26.87 -8.79 22.86
CA TYR C 284 27.89 -9.82 22.99
C TYR C 284 28.62 -9.92 21.66
N ALA C 285 29.92 -9.65 21.70
CA ALA C 285 30.76 -9.71 20.50
C ALA C 285 32.12 -10.37 20.78
N GLU C 286 32.19 -11.21 21.83
CA GLU C 286 33.45 -11.90 22.15
C GLU C 286 33.78 -12.87 21.03
N GLY C 287 34.98 -12.73 20.48
CA GLY C 287 35.43 -13.58 19.38
C GLY C 287 34.76 -13.29 18.04
N LEU C 288 34.00 -12.20 17.97
CA LEU C 288 33.26 -11.86 16.74
C LEU C 288 34.11 -11.22 15.66
N LEU C 289 35.05 -10.37 16.06
CA LEU C 289 35.85 -9.60 15.11
C LEU C 289 37.36 -9.79 15.23
N ALA C 290 38.04 -9.95 14.10
CA ALA C 290 39.50 -10.00 14.11
C ALA C 290 39.97 -8.57 14.32
N GLU C 291 41.22 -8.38 14.71
CA GLU C 291 41.75 -7.03 14.94
C GLU C 291 41.67 -6.17 13.68
N ASP C 292 41.89 -6.76 12.51
CA ASP C 292 41.83 -6.01 11.24
C ASP C 292 40.53 -6.24 10.44
N SER C 293 39.39 -6.44 11.13
CA SER C 293 38.11 -6.66 10.45
C SER C 293 37.59 -5.41 9.76
N GLY C 294 37.97 -4.24 10.27
CA GLY C 294 37.56 -2.95 9.72
C GLY C 294 36.24 -2.40 10.24
N ILE C 295 35.64 -3.07 11.21
CA ILE C 295 34.34 -2.66 11.76
C ILE C 295 34.49 -1.59 12.85
N LYS C 296 33.84 -0.44 12.64
CA LYS C 296 33.85 0.65 13.63
C LYS C 296 33.04 0.29 14.86
N LEU C 297 33.66 0.46 16.03
CA LEU C 297 33.01 0.20 17.31
C LEU C 297 32.58 1.51 17.95
N THR C 298 31.82 1.41 19.03
CA THR C 298 31.37 2.59 19.78
C THR C 298 31.91 2.49 21.21
N GLU C 299 32.32 3.63 21.75
CA GLU C 299 32.86 3.72 23.12
C GLU C 299 31.94 3.09 24.17
N ARG C 300 30.63 3.08 23.90
CA ARG C 300 29.66 2.45 24.80
C ARG C 300 29.83 0.93 24.74
N GLY C 301 30.08 0.42 23.54
CA GLY C 301 30.30 -1.01 23.32
C GLY C 301 29.29 -1.65 22.38
N LEU C 302 29.32 -1.23 21.12
CA LEU C 302 28.43 -1.78 20.09
C LEU C 302 29.08 -1.69 18.73
N VAL C 303 28.53 -2.45 17.78
CA VAL C 303 28.95 -2.36 16.40
C VAL C 303 28.12 -1.22 15.86
N GLU C 304 28.79 -0.20 15.35
CA GLU C 304 28.14 0.98 14.80
C GLU C 304 27.46 0.63 13.49
N VAL C 305 26.19 1.03 13.36
CA VAL C 305 25.44 0.84 12.14
C VAL C 305 24.58 2.05 11.87
N ASN C 306 24.16 2.21 10.61
CA ASN C 306 23.30 3.30 10.23
C ASN C 306 21.84 2.84 10.37
N ASP C 307 20.90 3.65 9.89
CA ASP C 307 19.47 3.35 10.00
C ASP C 307 19.04 2.01 9.39
N HIS C 308 19.79 1.51 8.40
CA HIS C 308 19.46 0.18 7.81
C HIS C 308 20.46 -0.95 8.17
N CYS C 309 21.10 -0.79 9.33
CA CYS C 309 22.00 -1.82 9.89
C CYS C 309 23.28 -2.12 9.14
N ALA C 310 23.70 -1.23 8.24
CA ALA C 310 24.96 -1.40 7.53
C ALA C 310 26.11 -0.89 8.40
N THR C 311 27.21 -1.67 8.45
CA THR C 311 28.41 -1.32 9.21
C THR C 311 29.32 -0.47 8.35
N SER C 312 30.51 -0.14 8.87
CA SER C 312 31.52 0.61 8.13
C SER C 312 32.15 -0.20 7.00
N VAL C 313 31.98 -1.53 7.04
CA VAL C 313 32.53 -2.38 5.99
C VAL C 313 31.41 -2.69 5.00
N GLU C 314 31.63 -2.30 3.75
CA GLU C 314 30.66 -2.52 2.68
C GLU C 314 30.32 -4.00 2.61
N GLY C 315 29.03 -4.34 2.60
CA GLY C 315 28.58 -5.72 2.56
C GLY C 315 28.50 -6.45 3.91
N VAL C 316 28.81 -5.75 5.00
CA VAL C 316 28.70 -6.33 6.34
C VAL C 316 27.63 -5.57 7.11
N TYR C 317 26.64 -6.28 7.62
CA TYR C 317 25.55 -5.70 8.39
C TYR C 317 25.59 -6.25 9.81
N ALA C 318 24.99 -5.52 10.74
CA ALA C 318 24.89 -5.95 12.15
C ALA C 318 23.45 -5.66 12.60
N ILE C 319 22.86 -6.63 13.29
CA ILE C 319 21.45 -6.56 13.66
C ILE C 319 21.16 -7.09 15.05
N GLY C 320 19.94 -6.88 15.51
CA GLY C 320 19.48 -7.40 16.77
C GLY C 320 20.10 -6.79 18.00
N ASP C 321 20.21 -7.60 19.06
CA ASP C 321 20.74 -7.17 20.34
C ASP C 321 22.18 -6.66 20.24
N LEU C 322 22.87 -7.03 19.18
CA LEU C 322 24.24 -6.56 18.97
C LEU C 322 24.35 -5.03 18.73
N VAL C 323 23.29 -4.43 18.20
CA VAL C 323 23.29 -3.01 17.81
C VAL C 323 22.24 -2.20 18.54
N ARG C 324 22.19 -0.89 18.23
CA ARG C 324 21.24 0.04 18.88
C ARG C 324 19.79 -0.32 18.65
N GLY C 325 18.94 0.16 19.56
CA GLY C 325 17.50 -0.05 19.48
C GLY C 325 16.98 -0.98 20.57
N PRO C 326 15.66 -1.16 20.65
CA PRO C 326 15.11 -2.02 21.70
C PRO C 326 15.58 -3.46 21.51
N MET C 327 16.02 -4.08 22.60
CA MET C 327 16.54 -5.43 22.58
C MET C 327 15.38 -6.39 22.69
N LEU C 328 14.69 -6.55 21.57
CA LEU C 328 13.51 -7.39 21.43
C LEU C 328 13.70 -8.37 20.26
N ALA C 329 13.01 -9.51 20.31
CA ALA C 329 13.14 -10.54 19.29
C ALA C 329 12.63 -10.08 17.95
N HIS C 330 11.41 -9.53 17.93
CA HIS C 330 10.85 -9.05 16.67
C HIS C 330 11.66 -7.89 16.02
N LYS C 331 12.35 -7.11 16.84
CA LYS C 331 13.21 -6.04 16.33
C LYS C 331 14.38 -6.67 15.58
N ALA C 332 14.99 -7.68 16.19
CA ALA C 332 16.07 -8.43 15.59
C ALA C 332 15.63 -9.12 14.29
N MET C 333 14.46 -9.74 14.30
CA MET C 333 13.95 -10.42 13.11
C MET C 333 13.78 -9.44 11.95
N GLU C 334 13.13 -8.30 12.22
CA GLU C 334 12.87 -7.30 11.19
C GLU C 334 14.15 -6.70 10.67
N GLU C 335 15.14 -6.57 11.54
CA GLU C 335 16.44 -6.05 11.12
C GLU C 335 17.18 -7.05 10.24
N GLY C 336 17.00 -8.34 10.53
CA GLY C 336 17.63 -9.38 9.69
C GLY C 336 17.06 -9.33 8.29
N VAL C 337 15.73 -9.25 8.19
CA VAL C 337 15.04 -9.15 6.92
C VAL C 337 15.48 -7.90 6.15
N MET C 338 15.50 -6.76 6.84
CA MET C 338 15.91 -5.51 6.22
C MET C 338 17.33 -5.60 5.65
N ALA C 339 18.26 -6.19 6.43
CA ALA C 339 19.65 -6.29 5.98
C ALA C 339 19.75 -7.06 4.68
N VAL C 340 19.02 -8.18 4.60
CA VAL C 340 19.04 -9.02 3.41
C VAL C 340 18.40 -8.30 2.21
N GLU C 341 17.25 -7.67 2.43
CA GLU C 341 16.59 -6.91 1.37
C GLU C 341 17.52 -5.84 0.85
N ARG C 342 18.23 -5.16 1.76
CA ARG C 342 19.20 -4.14 1.38
C ARG C 342 20.28 -4.72 0.47
N ILE C 343 20.85 -5.85 0.89
CA ILE C 343 21.85 -6.55 0.09
C ILE C 343 21.35 -6.84 -1.31
N HIS C 344 20.10 -7.24 -1.42
CA HIS C 344 19.50 -7.61 -2.70
C HIS C 344 19.08 -6.39 -3.58
N GLY C 345 19.29 -5.17 -3.08
CA GLY C 345 18.98 -3.95 -3.84
C GLY C 345 17.67 -3.25 -3.52
N HIS C 346 17.04 -3.61 -2.41
CA HIS C 346 15.76 -3.02 -2.00
C HIS C 346 15.97 -2.14 -0.77
N ALA C 347 15.57 -0.87 -0.86
CA ALA C 347 15.76 0.07 0.25
C ALA C 347 14.76 -0.21 1.37
N ALA C 348 14.87 -1.39 1.98
CA ALA C 348 13.96 -1.76 3.06
C ALA C 348 14.23 -0.91 4.29
N GLN C 349 13.20 -0.63 5.06
CA GLN C 349 13.38 0.17 6.25
C GLN C 349 12.47 -0.25 7.37
N VAL C 350 13.07 -0.50 8.52
CA VAL C 350 12.31 -0.81 9.72
C VAL C 350 11.78 0.51 10.28
N ASN C 351 10.51 0.53 10.66
CA ASN C 351 9.91 1.72 11.26
C ASN C 351 10.08 1.49 12.75
N TYR C 352 11.03 2.22 13.34
CA TYR C 352 11.33 2.09 14.76
C TYR C 352 10.25 2.66 15.70
N ASP C 353 9.24 3.33 15.14
CA ASP C 353 8.13 3.88 15.93
C ASP C 353 6.87 3.00 15.86
N THR C 354 7.01 1.79 15.34
CA THR C 354 5.88 0.87 15.35
C THR C 354 6.34 -0.45 15.95
N ILE C 355 7.46 -0.43 16.70
CA ILE C 355 7.98 -1.61 17.39
C ILE C 355 7.22 -1.77 18.72
N ILE C 356 6.57 -2.91 18.87
CA ILE C 356 5.78 -3.21 20.06
C ILE C 356 6.65 -3.66 21.23
N SER C 357 6.30 -3.22 22.43
CA SER C 357 6.94 -3.64 23.68
C SER C 357 5.86 -4.34 24.48
N ILE C 358 6.20 -5.46 25.10
CA ILE C 358 5.24 -6.22 25.90
C ILE C 358 5.93 -6.75 27.16
N ILE C 359 5.22 -6.69 28.28
CA ILE C 359 5.67 -7.25 29.56
C ILE C 359 4.59 -8.27 29.88
N TYR C 360 4.97 -9.54 29.93
CA TYR C 360 4.01 -10.65 30.06
C TYR C 360 3.58 -11.03 31.49
N THR C 361 3.40 -10.03 32.33
CA THR C 361 2.86 -10.20 33.66
C THR C 361 1.35 -10.44 33.51
N HIS C 362 0.65 -10.55 34.62
CA HIS C 362 -0.81 -10.62 34.60
C HIS C 362 -1.28 -9.57 35.59
N PRO C 363 -1.91 -8.48 35.11
CA PRO C 363 -2.17 -8.23 33.69
C PRO C 363 -0.93 -7.85 32.89
N GLU C 364 -1.01 -8.06 31.58
CA GLU C 364 0.07 -7.72 30.70
C GLU C 364 0.10 -6.21 30.49
N ALA C 365 1.28 -5.71 30.11
CA ALA C 365 1.44 -4.33 29.72
C ALA C 365 2.00 -4.37 28.33
N ALA C 366 1.61 -3.43 27.50
CA ALA C 366 2.13 -3.38 26.14
C ALA C 366 1.91 -2.00 25.58
N TRP C 367 2.80 -1.59 24.69
CA TRP C 367 2.71 -0.30 24.07
C TRP C 367 3.43 -0.27 22.75
N VAL C 368 3.06 0.72 21.93
CA VAL C 368 3.61 0.91 20.60
C VAL C 368 3.48 2.37 20.22
N GLY C 369 4.46 2.86 19.47
CA GLY C 369 4.44 4.25 19.04
C GLY C 369 4.95 5.20 20.11
N LEU C 370 4.50 6.43 20.03
CA LEU C 370 4.99 7.48 20.91
C LEU C 370 4.29 7.61 22.27
N THR C 371 5.10 7.77 23.31
CA THR C 371 4.62 8.07 24.64
C THR C 371 4.16 9.52 24.62
N GLU C 372 3.46 9.95 25.65
CA GLU C 372 3.04 11.34 25.68
C GLU C 372 4.30 12.23 25.68
N GLU C 373 5.30 11.83 26.46
CA GLU C 373 6.57 12.58 26.59
C GLU C 373 7.21 12.75 25.22
N GLN C 374 7.37 11.63 24.50
CA GLN C 374 8.03 11.62 23.17
C GLN C 374 7.30 12.48 22.13
N ALA C 375 5.98 12.46 22.16
CA ALA C 375 5.18 13.27 21.23
C ALA C 375 5.44 14.75 21.46
N LYS C 376 5.39 15.16 22.73
CA LYS C 376 5.64 16.56 23.11
C LYS C 376 7.05 16.97 22.74
N GLU C 377 8.03 16.18 23.17
CA GLU C 377 9.43 16.46 22.86
C GLU C 377 9.66 16.53 21.35
N LYS C 378 8.83 15.83 20.58
CA LYS C 378 8.95 15.87 19.11
C LYS C 378 8.21 17.04 18.43
N GLY C 379 7.71 17.98 19.22
CA GLY C 379 7.05 19.17 18.66
C GLY C 379 5.56 19.09 18.41
N HIS C 380 4.95 17.93 18.61
CA HIS C 380 3.52 17.80 18.39
C HIS C 380 2.72 18.51 19.46
N GLU C 381 1.59 19.10 19.09
CA GLU C 381 0.67 19.58 20.08
C GLU C 381 -0.07 18.28 20.38
N VAL C 382 -0.05 17.83 21.64
CA VAL C 382 -0.60 16.52 22.00
C VAL C 382 -1.95 16.51 22.72
N LYS C 383 -2.79 15.54 22.33
CA LYS C 383 -4.03 15.28 23.03
C LYS C 383 -4.01 13.78 23.35
N THR C 384 -4.58 13.42 24.50
CA THR C 384 -4.62 12.04 24.92
C THR C 384 -5.99 11.68 25.46
N GLY C 385 -6.26 10.40 25.50
CA GLY C 385 -7.51 9.88 26.03
C GLY C 385 -7.28 8.48 26.53
N GLN C 386 -7.99 8.09 27.59
CA GLN C 386 -7.89 6.74 28.11
C GLN C 386 -9.22 6.23 28.64
N PHE C 387 -9.31 4.92 28.77
CA PHE C 387 -10.52 4.31 29.30
C PHE C 387 -10.13 3.01 29.97
N GLY C 388 -10.77 2.70 31.09
CA GLY C 388 -10.40 1.53 31.88
C GLY C 388 -11.19 0.25 31.65
N PHE C 389 -10.62 -0.85 32.15
CA PHE C 389 -11.27 -2.16 32.07
C PHE C 389 -12.21 -2.40 33.27
N ALA C 390 -12.11 -1.55 34.30
CA ALA C 390 -12.90 -1.66 35.55
C ALA C 390 -14.40 -2.04 35.42
N VAL C 391 -15.13 -1.44 34.48
CA VAL C 391 -16.55 -1.80 34.30
C VAL C 391 -16.85 -2.31 32.88
N ASN C 392 -15.82 -2.81 32.21
CA ASN C 392 -15.97 -3.44 30.91
C ASN C 392 -16.70 -4.76 31.21
N GLY C 393 -17.81 -5.01 30.50
CA GLY C 393 -18.64 -6.21 30.73
C GLY C 393 -17.89 -7.52 30.63
N ARG C 394 -17.01 -7.61 29.63
CA ARG C 394 -16.22 -8.81 29.42
C ARG C 394 -15.27 -9.02 30.59
N ALA C 395 -14.65 -7.94 31.05
CA ALA C 395 -13.70 -8.03 32.16
C ALA C 395 -14.41 -8.46 33.43
N LEU C 396 -15.57 -7.87 33.70
CA LEU C 396 -16.31 -8.24 34.91
C LEU C 396 -16.77 -9.69 34.87
N ALA C 397 -17.14 -10.16 33.68
CA ALA C 397 -17.55 -11.55 33.51
C ALA C 397 -16.35 -12.46 33.81
N ALA C 398 -15.17 -12.03 33.40
CA ALA C 398 -13.93 -12.80 33.62
C ALA C 398 -13.29 -12.57 35.00
N GLY C 399 -13.71 -11.50 35.68
CA GLY C 399 -13.12 -11.12 36.96
C GLY C 399 -11.73 -10.50 36.81
N GLU C 400 -11.51 -9.74 35.73
CA GLU C 400 -10.20 -9.12 35.41
C GLU C 400 -10.30 -7.62 35.08
N GLY C 401 -10.69 -6.79 36.04
CA GLY C 401 -10.92 -5.34 35.78
C GLY C 401 -9.79 -4.32 35.77
N ALA C 402 -8.58 -4.71 36.17
CA ALA C 402 -7.47 -3.75 36.23
C ALA C 402 -6.95 -3.30 34.88
N GLY C 403 -6.49 -2.04 34.83
CA GLY C 403 -5.82 -1.49 33.65
C GLY C 403 -6.61 -0.52 32.78
N PHE C 404 -5.99 -0.14 31.67
CA PHE C 404 -6.61 0.78 30.73
C PHE C 404 -5.95 0.77 29.37
N VAL C 405 -6.58 1.47 28.43
CA VAL C 405 -6.01 1.71 27.11
C VAL C 405 -5.89 3.22 27.03
N LYS C 406 -4.71 3.71 26.69
CA LYS C 406 -4.43 5.13 26.54
C LYS C 406 -3.88 5.42 25.12
N PHE C 407 -4.49 6.40 24.45
CA PHE C 407 -4.01 6.84 23.15
C PHE C 407 -3.34 8.21 23.24
N VAL C 408 -2.30 8.39 22.43
CA VAL C 408 -1.57 9.65 22.28
C VAL C 408 -1.77 10.05 20.82
N ALA C 409 -2.19 11.28 20.59
CA ALA C 409 -2.47 11.76 19.24
C ALA C 409 -2.10 13.23 19.09
N ASP C 410 -2.01 13.66 17.82
CA ASP C 410 -1.70 15.04 17.48
C ASP C 410 -3.01 15.85 17.52
N ALA C 411 -3.03 16.90 18.32
CA ALA C 411 -4.23 17.75 18.49
C ALA C 411 -4.65 18.53 17.25
N LYS C 412 -3.70 18.87 16.39
CA LYS C 412 -4.00 19.65 15.19
C LYS C 412 -4.45 18.78 14.01
N THR C 413 -3.77 17.66 13.78
CA THR C 413 -4.05 16.78 12.64
C THR C 413 -4.97 15.59 12.94
N ASP C 414 -5.12 15.27 14.22
CA ASP C 414 -5.91 14.12 14.69
C ASP C 414 -5.22 12.77 14.38
N ARG C 415 -3.94 12.80 14.01
CA ARG C 415 -3.26 11.54 13.69
C ARG C 415 -2.89 10.80 14.98
N LEU C 416 -3.13 9.50 14.99
CA LEU C 416 -2.77 8.64 16.12
C LEU C 416 -1.25 8.58 16.17
N LEU C 417 -0.67 8.69 17.38
CA LEU C 417 0.80 8.68 17.53
C LEU C 417 1.32 7.49 18.37
N GLY C 418 0.51 7.04 19.32
CA GLY C 418 0.88 5.92 20.19
C GLY C 418 -0.28 5.31 20.95
N MET C 419 -0.10 4.07 21.39
CA MET C 419 -1.09 3.32 22.19
C MET C 419 -0.36 2.64 23.35
N HIS C 420 -0.95 2.72 24.54
CA HIS C 420 -0.35 2.22 25.77
C HIS C 420 -1.41 1.47 26.54
N VAL C 421 -1.17 0.17 26.76
CA VAL C 421 -2.18 -0.67 27.37
C VAL C 421 -1.72 -1.54 28.56
N ILE C 422 -2.55 -1.57 29.60
CA ILE C 422 -2.39 -2.51 30.72
C ILE C 422 -3.75 -3.21 30.78
N GLY C 423 -3.76 -4.52 30.73
CA GLY C 423 -5.00 -5.22 30.87
C GLY C 423 -5.06 -6.57 30.24
N PRO C 424 -6.27 -7.16 30.26
CA PRO C 424 -6.47 -8.45 29.65
C PRO C 424 -6.19 -8.36 28.15
N ALA C 425 -5.45 -9.35 27.65
CA ALA C 425 -5.11 -9.46 26.24
C ALA C 425 -4.28 -8.29 25.70
N ALA C 426 -3.60 -7.53 26.57
CA ALA C 426 -2.83 -6.38 26.10
C ALA C 426 -1.90 -6.70 24.92
N SER C 427 -1.23 -7.84 24.99
CA SER C 427 -0.25 -8.20 23.95
C SER C 427 -0.91 -8.38 22.59
N ASP C 428 -2.18 -8.74 22.55
CA ASP C 428 -2.91 -8.88 21.27
C ASP C 428 -3.68 -7.58 20.94
N ILE C 429 -4.16 -6.87 21.95
CA ILE C 429 -4.82 -5.57 21.71
C ILE C 429 -3.85 -4.51 21.18
N VAL C 430 -2.59 -4.54 21.63
CA VAL C 430 -1.63 -3.54 21.17
C VAL C 430 -1.39 -3.67 19.65
N HIS C 431 -1.58 -4.87 19.10
CA HIS C 431 -1.42 -5.06 17.66
C HIS C 431 -2.47 -4.30 16.87
N GLN C 432 -3.62 -4.03 17.48
CA GLN C 432 -4.66 -3.23 16.83
C GLN C 432 -4.13 -1.79 16.67
N GLY C 433 -3.39 -1.32 17.67
CA GLY C 433 -2.79 0.03 17.62
C GLY C 433 -1.66 0.07 16.60
N MET C 434 -0.85 -0.97 16.61
CA MET C 434 0.25 -1.09 15.67
C MET C 434 -0.26 -1.05 14.22
N ILE C 435 -1.33 -1.79 13.94
CA ILE C 435 -1.88 -1.83 12.59
C ILE C 435 -2.45 -0.45 12.20
N ALA C 436 -3.12 0.21 13.13
CA ALA C 436 -3.68 1.53 12.91
C ALA C 436 -2.59 2.54 12.55
N LEU C 437 -1.49 2.50 13.31
CA LEU C 437 -0.34 3.38 13.08
C LEU C 437 0.26 3.13 11.69
N GLU C 438 0.36 1.85 11.33
CA GLU C 438 0.89 1.47 10.01
C GLU C 438 0.01 2.02 8.85
N PHE C 439 -1.30 2.07 9.05
CA PHE C 439 -2.20 2.63 8.05
C PHE C 439 -2.40 4.15 8.22
N VAL C 440 -1.59 4.78 9.08
CA VAL C 440 -1.63 6.23 9.31
C VAL C 440 -3.04 6.69 9.74
N SER C 441 -3.64 5.90 10.62
CA SER C 441 -4.97 6.16 11.13
C SER C 441 -5.05 7.45 11.94
N SER C 442 -6.21 8.08 11.86
CA SER C 442 -6.51 9.22 12.69
C SER C 442 -7.24 8.65 13.89
N VAL C 443 -7.47 9.47 14.90
CA VAL C 443 -8.25 9.06 16.05
C VAL C 443 -9.71 8.83 15.58
N GLU C 444 -10.21 9.70 14.72
CA GLU C 444 -11.60 9.60 14.21
C GLU C 444 -11.86 8.26 13.52
N ASP C 445 -10.89 7.79 12.74
CA ASP C 445 -11.03 6.51 12.04
C ASP C 445 -11.38 5.38 13.01
N LEU C 446 -10.71 5.34 14.16
CA LEU C 446 -10.97 4.31 15.19
C LEU C 446 -12.33 4.53 15.82
N GLN C 447 -12.67 5.80 16.07
CA GLN C 447 -13.98 6.16 16.65
C GLN C 447 -15.15 5.71 15.77
N LEU C 448 -14.95 5.70 14.45
CA LEU C 448 -15.99 5.35 13.49
C LEU C 448 -16.12 3.85 13.24
N MET C 449 -15.26 3.06 13.86
CA MET C 449 -15.32 1.60 13.70
C MET C 449 -16.24 0.92 14.68
N THR C 450 -16.72 -0.25 14.28
CA THR C 450 -17.56 -1.07 15.13
C THR C 450 -16.68 -2.11 15.80
N PHE C 451 -16.54 -2.01 17.13
CA PHE C 451 -15.83 -3.01 17.92
C PHE C 451 -16.86 -3.98 18.53
N GLY C 452 -16.48 -5.25 18.62
CA GLY C 452 -17.36 -6.28 19.18
C GLY C 452 -17.76 -6.05 20.63
N HIS C 453 -18.98 -6.49 20.97
CA HIS C 453 -19.50 -6.33 22.33
C HIS C 453 -20.14 -7.64 22.74
N PRO C 454 -19.78 -8.22 23.89
CA PRO C 454 -18.80 -7.70 24.84
C PRO C 454 -17.39 -8.24 24.58
N THR C 455 -16.40 -7.35 24.55
CA THR C 455 -15.01 -7.78 24.34
C THR C 455 -14.07 -6.89 25.10
N PHE C 456 -12.86 -7.37 25.32
CA PHE C 456 -11.82 -6.54 25.93
C PHE C 456 -11.46 -5.40 24.97
N SER C 457 -11.45 -5.73 23.67
CA SER C 457 -11.06 -4.78 22.65
C SER C 457 -11.93 -3.53 22.56
N GLU C 458 -13.19 -3.60 23.00
CA GLU C 458 -14.02 -2.41 22.92
C GLU C 458 -13.55 -1.26 23.82
N VAL C 459 -12.67 -1.57 24.78
CA VAL C 459 -12.04 -0.55 25.61
C VAL C 459 -11.16 0.33 24.72
N VAL C 460 -10.65 -0.25 23.63
CA VAL C 460 -9.87 0.50 22.64
C VAL C 460 -10.77 1.55 22.00
N HIS C 461 -11.99 1.17 21.66
CA HIS C 461 -12.93 2.11 21.06
C HIS C 461 -13.29 3.27 22.03
N GLU C 462 -13.51 2.94 23.30
N GLU C 462 -13.54 2.96 23.30
CA GLU C 462 -13.85 3.95 24.30
CA GLU C 462 -13.87 4.00 24.29
C GLU C 462 -12.69 4.93 24.53
C GLU C 462 -12.69 4.94 24.49
N ALA C 463 -11.47 4.41 24.44
CA ALA C 463 -10.27 5.23 24.61
C ALA C 463 -10.15 6.22 23.45
N ALA C 464 -10.43 5.75 22.22
CA ALA C 464 -10.42 6.65 21.04
C ALA C 464 -11.46 7.77 21.21
N LEU C 465 -12.65 7.41 21.70
CA LEU C 465 -13.68 8.39 21.99
C LEU C 465 -13.26 9.35 23.12
N ALA C 466 -12.55 8.84 24.12
CA ALA C 466 -12.11 9.66 25.25
C ALA C 466 -11.04 10.69 24.86
N VAL C 467 -10.39 10.49 23.72
CA VAL C 467 -9.40 11.46 23.22
C VAL C 467 -10.11 12.79 22.95
N ASP C 468 -11.37 12.70 22.55
CA ASP C 468 -12.19 13.89 22.30
C ASP C 468 -13.25 14.06 23.40
N GLY C 469 -12.98 13.49 24.58
CA GLY C 469 -13.86 13.59 25.74
C GLY C 469 -15.30 13.14 25.56
N ARG C 470 -15.51 12.11 24.74
CA ARG C 470 -16.87 11.62 24.50
C ARG C 470 -17.06 10.09 24.50
N ALA C 471 -16.37 9.41 25.40
CA ALA C 471 -16.58 7.98 25.59
C ALA C 471 -18.04 7.86 26.05
N ILE C 472 -18.76 6.87 25.53
CA ILE C 472 -20.16 6.70 25.91
C ILE C 472 -20.37 6.32 27.38
N HIS C 473 -19.52 5.42 27.90
CA HIS C 473 -19.67 4.95 29.30
C HIS C 473 -18.83 5.73 30.33
N ALA C 474 -18.39 6.93 29.97
CA ALA C 474 -17.60 7.77 30.88
C ALA C 474 -18.50 8.40 31.95
N ILE C 475 -18.12 8.25 33.21
CA ILE C 475 -18.92 8.83 34.30
C ILE C 475 -18.69 10.35 34.34
N GLN D 6 -42.82 16.02 29.85
CA GLN D 6 -41.72 17.02 29.67
C GLN D 6 -41.40 17.21 28.18
N GLN D 7 -40.68 18.28 27.86
CA GLN D 7 -40.31 18.57 26.47
C GLN D 7 -38.97 17.91 26.11
N PHE D 8 -39.05 16.94 25.21
CA PHE D 8 -37.90 16.21 24.73
C PHE D 8 -37.75 16.43 23.24
N ASP D 9 -36.52 16.67 22.79
CA ASP D 9 -36.22 16.81 21.36
C ASP D 9 -36.23 15.41 20.73
N LEU D 10 -35.70 14.42 21.46
CA LEU D 10 -35.61 13.02 21.00
C LEU D 10 -36.19 12.04 21.99
N VAL D 11 -37.00 11.12 21.49
CA VAL D 11 -37.51 10.03 22.32
C VAL D 11 -36.98 8.72 21.70
N VAL D 12 -36.37 7.91 22.56
CA VAL D 12 -35.85 6.61 22.18
C VAL D 12 -36.73 5.57 22.84
N ILE D 13 -37.33 4.70 22.03
CA ILE D 13 -38.15 3.60 22.55
C ILE D 13 -37.29 2.35 22.59
N GLY D 14 -36.86 2.00 23.80
CA GLY D 14 -36.01 0.83 24.03
C GLY D 14 -34.76 1.25 24.78
N GLY D 15 -34.42 0.50 25.84
CA GLY D 15 -33.26 0.79 26.70
C GLY D 15 -32.15 -0.24 26.62
N GLY D 16 -32.08 -0.96 25.49
CA GLY D 16 -31.03 -1.95 25.25
C GLY D 16 -29.79 -1.25 24.70
N PRO D 17 -28.77 -2.02 24.29
CA PRO D 17 -27.51 -1.43 23.78
C PRO D 17 -27.74 -0.35 22.73
N GLY D 18 -28.68 -0.61 21.81
CA GLY D 18 -28.97 0.36 20.74
C GLY D 18 -29.56 1.65 21.28
N GLY D 19 -30.61 1.49 22.09
CA GLY D 19 -31.31 2.61 22.70
C GLY D 19 -30.51 3.47 23.66
N TYR D 20 -29.79 2.86 24.61
CA TYR D 20 -29.08 3.70 25.57
C TYR D 20 -27.84 4.35 24.96
N GLU D 21 -27.23 3.67 23.97
CA GLU D 21 -26.05 4.24 23.30
C GLU D 21 -26.50 5.48 22.50
N ALA D 22 -27.64 5.35 21.83
CA ALA D 22 -28.24 6.46 21.06
C ALA D 22 -28.59 7.62 21.99
N ALA D 23 -29.23 7.30 23.11
CA ALA D 23 -29.64 8.30 24.09
C ALA D 23 -28.44 9.09 24.61
N ILE D 24 -27.36 8.40 24.95
CA ILE D 24 -26.15 9.06 25.45
C ILE D 24 -25.50 9.91 24.37
N ARG D 25 -25.35 9.37 23.16
CA ARG D 25 -24.78 10.15 22.08
C ARG D 25 -25.59 11.42 21.85
N ALA D 26 -26.91 11.27 21.85
CA ALA D 26 -27.79 12.43 21.68
C ALA D 26 -27.61 13.48 22.80
N ALA D 27 -27.50 13.02 24.04
CA ALA D 27 -27.30 13.93 25.16
C ALA D 27 -25.96 14.67 24.99
N GLN D 28 -24.93 13.93 24.59
CA GLN D 28 -23.64 14.55 24.33
C GLN D 28 -23.77 15.66 23.30
N LEU D 29 -24.62 15.46 22.29
CA LEU D 29 -24.82 16.44 21.22
C LEU D 29 -25.82 17.58 21.55
N GLY D 30 -26.25 17.68 22.80
CA GLY D 30 -27.12 18.78 23.23
C GLY D 30 -28.62 18.55 23.25
N PHE D 31 -29.07 17.36 22.84
CA PHE D 31 -30.49 17.03 22.85
C PHE D 31 -31.02 16.74 24.25
N LYS D 32 -32.30 17.09 24.44
CA LYS D 32 -33.06 16.72 25.63
C LYS D 32 -33.71 15.40 25.24
N VAL D 33 -33.29 14.34 25.93
CA VAL D 33 -33.67 12.98 25.57
C VAL D 33 -34.50 12.26 26.62
N ALA D 34 -35.42 11.44 26.12
CA ALA D 34 -36.21 10.55 26.93
C ALA D 34 -35.92 9.15 26.41
N CYS D 35 -35.60 8.21 27.30
CA CYS D 35 -35.41 6.80 26.91
C CYS D 35 -36.53 6.02 27.58
N ILE D 36 -37.43 5.46 26.78
CA ILE D 36 -38.56 4.68 27.35
C ILE D 36 -38.18 3.21 27.36
N GLU D 37 -38.22 2.59 28.54
CA GLU D 37 -37.84 1.19 28.71
C GLU D 37 -38.78 0.52 29.70
N LYS D 38 -39.37 -0.59 29.28
CA LYS D 38 -40.42 -1.26 30.05
C LYS D 38 -40.00 -2.46 30.90
N ARG D 39 -38.76 -2.89 30.80
CA ARG D 39 -38.34 -4.09 31.51
C ARG D 39 -38.38 -4.01 33.03
N ILE D 40 -38.88 -5.10 33.62
CA ILE D 40 -38.90 -5.35 35.07
C ILE D 40 -38.13 -6.67 35.26
N HIS D 41 -36.86 -6.60 35.67
CA HIS D 41 -36.01 -7.78 35.91
C HIS D 41 -35.87 -7.95 37.42
N ASN D 42 -36.31 -9.09 37.95
CA ASN D 42 -36.33 -9.36 39.40
C ASN D 42 -37.23 -8.37 40.16
N GLY D 43 -38.37 -8.04 39.57
CA GLY D 43 -39.33 -7.12 40.19
C GLY D 43 -38.87 -5.69 40.38
N LYS D 44 -37.95 -5.22 39.51
CA LYS D 44 -37.46 -3.84 39.60
C LYS D 44 -37.08 -3.35 38.19
N PRO D 45 -37.49 -2.11 37.82
CA PRO D 45 -37.18 -1.59 36.49
C PRO D 45 -35.70 -1.69 36.18
N SER D 46 -35.34 -2.05 34.95
N SER D 46 -35.34 -2.06 34.95
CA SER D 46 -33.93 -2.15 34.60
CA SER D 46 -33.93 -2.26 34.59
C SER D 46 -33.65 -1.89 33.12
C SER D 46 -33.61 -1.96 33.11
N LEU D 47 -32.59 -1.14 32.88
CA LEU D 47 -32.11 -0.80 31.55
C LEU D 47 -31.12 -1.88 31.14
N GLY D 48 -30.63 -1.78 29.91
CA GLY D 48 -29.62 -2.72 29.40
C GLY D 48 -30.15 -3.74 28.42
N GLY D 49 -31.46 -3.90 28.36
CA GLY D 49 -32.06 -4.83 27.42
C GLY D 49 -31.75 -6.31 27.56
N THR D 50 -31.75 -6.96 26.41
CA THR D 50 -31.48 -8.36 26.29
C THR D 50 -30.01 -8.58 26.65
N CYS D 51 -29.14 -7.82 26.00
CA CYS D 51 -27.70 -7.92 26.22
C CYS D 51 -27.33 -8.02 27.72
N LEU D 52 -27.72 -7.04 28.52
CA LEU D 52 -27.37 -7.04 29.94
C LEU D 52 -28.17 -7.93 30.86
N ASN D 53 -29.48 -8.01 30.63
CA ASN D 53 -30.35 -8.71 31.56
C ASN D 53 -30.46 -10.23 31.36
N VAL D 54 -30.57 -10.67 30.12
CA VAL D 54 -30.79 -12.09 29.83
C VAL D 54 -30.02 -12.60 28.60
N GLY D 55 -28.91 -11.95 28.26
CA GLY D 55 -28.17 -12.26 27.03
C GLY D 55 -26.67 -12.33 27.11
N CYS D 56 -25.99 -11.45 26.35
CA CYS D 56 -24.52 -11.43 26.28
C CYS D 56 -23.86 -11.54 27.63
N ILE D 57 -24.20 -10.64 28.55
CA ILE D 57 -23.50 -10.57 29.84
C ILE D 57 -23.67 -11.79 30.72
N PRO D 58 -24.93 -12.17 31.03
CA PRO D 58 -25.08 -13.34 31.88
C PRO D 58 -24.48 -14.61 31.25
N SER D 59 -24.61 -14.76 29.93
CA SER D 59 -24.05 -15.94 29.25
C SER D 59 -22.52 -15.93 29.33
N LYS D 60 -21.91 -14.75 29.20
CA LYS D 60 -20.43 -14.66 29.30
C LYS D 60 -19.96 -14.99 30.72
N ALA D 61 -20.71 -14.55 31.72
CA ALA D 61 -20.38 -14.87 33.11
C ALA D 61 -20.40 -16.39 33.37
N LEU D 62 -21.43 -17.08 32.87
CA LEU D 62 -21.54 -18.52 33.03
C LEU D 62 -20.48 -19.26 32.21
N LEU D 63 -20.17 -18.75 31.02
CA LEU D 63 -19.11 -19.33 30.20
C LEU D 63 -17.75 -19.24 30.92
N ASP D 64 -17.49 -18.11 31.56
N ASP D 64 -17.47 -18.10 31.57
CA ASP D 64 -16.22 -17.90 32.25
CA ASP D 64 -16.18 -17.98 32.27
C ASP D 64 -16.09 -18.79 33.51
C ASP D 64 -16.12 -18.92 33.45
N SER D 65 -17.15 -18.89 34.30
CA SER D 65 -17.17 -19.74 35.50
C SER D 65 -17.07 -21.24 35.13
N SER D 66 -17.83 -21.65 34.12
CA SER D 66 -17.80 -23.07 33.70
C SER D 66 -16.47 -23.39 33.04
N HIS D 67 -15.90 -22.43 32.34
CA HIS D 67 -14.57 -22.64 31.74
C HIS D 67 -13.51 -22.85 32.84
N ARG D 68 -13.56 -22.05 33.90
CA ARG D 68 -12.65 -22.23 35.06
C ARG D 68 -12.79 -23.61 35.68
N TYR D 69 -14.02 -24.10 35.83
CA TYR D 69 -14.25 -25.42 36.35
C TYR D 69 -13.62 -26.46 35.47
N GLU D 70 -13.93 -26.42 34.17
CA GLU D 70 -13.37 -27.38 33.22
C GLU D 70 -11.85 -27.32 33.19
N ASP D 71 -11.28 -26.11 33.18
CA ASP D 71 -9.82 -25.96 33.21
C ASP D 71 -9.16 -26.57 34.43
N THR D 72 -9.81 -26.41 35.55
CA THR D 72 -9.29 -26.89 36.81
C THR D 72 -9.31 -28.40 36.86
N VAL D 73 -10.36 -29.01 36.33
CA VAL D 73 -10.42 -30.46 36.35
C VAL D 73 -9.49 -31.10 35.32
N HIS D 74 -9.46 -30.54 34.11
CA HIS D 74 -8.74 -31.20 33.01
C HIS D 74 -7.47 -30.55 32.48
N HIS D 75 -7.21 -29.28 32.79
CA HIS D 75 -6.04 -28.63 32.18
C HIS D 75 -4.97 -28.12 33.15
N LEU D 76 -4.88 -28.73 34.32
CA LEU D 76 -3.84 -28.36 35.30
C LEU D 76 -2.71 -29.38 35.33
N ALA D 77 -3.02 -30.65 35.02
CA ALA D 77 -2.01 -31.73 35.06
C ALA D 77 -0.73 -31.43 34.27
N ASP D 78 -0.87 -30.90 33.04
CA ASP D 78 0.31 -30.65 32.21
C ASP D 78 1.27 -29.61 32.80
N HIS D 79 0.70 -28.70 33.61
CA HIS D 79 1.50 -27.68 34.29
C HIS D 79 2.10 -28.14 35.62
N GLY D 80 1.92 -29.40 35.98
CA GLY D 80 2.41 -29.91 37.25
C GLY D 80 1.56 -29.50 38.46
N ILE D 81 0.34 -29.08 38.21
CA ILE D 81 -0.53 -28.63 39.28
C ILE D 81 -1.56 -29.71 39.54
N THR D 82 -1.75 -30.05 40.82
CA THR D 82 -2.70 -31.05 41.25
C THR D 82 -3.65 -30.44 42.28
N THR D 83 -4.87 -30.95 42.32
CA THR D 83 -5.86 -30.47 43.26
C THR D 83 -6.54 -31.65 43.94
N GLY D 84 -7.36 -31.36 44.93
CA GLY D 84 -8.20 -32.40 45.50
C GLY D 84 -9.41 -32.49 44.58
N GLU D 85 -10.53 -32.98 45.10
N GLU D 85 -10.51 -32.99 45.11
CA GLU D 85 -11.74 -33.12 44.32
CA GLU D 85 -11.74 -33.10 44.34
C GLU D 85 -12.32 -31.74 44.03
C GLU D 85 -12.27 -31.70 44.02
N VAL D 86 -12.60 -31.46 42.76
CA VAL D 86 -13.12 -30.16 42.31
C VAL D 86 -14.63 -30.17 42.34
N ASN D 87 -15.22 -29.20 43.03
CA ASN D 87 -16.67 -29.07 43.15
C ASN D 87 -17.09 -27.65 42.87
N PHE D 88 -18.35 -27.50 42.49
CA PHE D 88 -18.90 -26.19 42.27
C PHE D 88 -20.25 -26.13 42.98
N ASP D 89 -20.52 -24.97 43.56
CA ASP D 89 -21.79 -24.69 44.23
C ASP D 89 -22.54 -23.87 43.18
N LEU D 90 -23.51 -24.50 42.52
CA LEU D 90 -24.24 -23.87 41.43
C LEU D 90 -24.98 -22.59 41.84
N ALA D 91 -25.61 -22.58 43.01
CA ALA D 91 -26.32 -21.39 43.46
C ALA D 91 -25.36 -20.22 43.60
N LYS D 92 -24.17 -20.49 44.11
CA LYS D 92 -23.19 -19.43 44.26
C LYS D 92 -22.67 -18.95 42.89
N LEU D 93 -22.40 -19.89 42.00
CA LEU D 93 -21.95 -19.57 40.65
C LEU D 93 -22.99 -18.66 39.95
N LEU D 94 -24.27 -19.03 40.05
CA LEU D 94 -25.34 -18.23 39.45
C LEU D 94 -25.47 -16.86 40.12
N ALA D 95 -25.33 -16.81 41.45
CA ALA D 95 -25.43 -15.55 42.19
C ALA D 95 -24.33 -14.57 41.78
N ARG D 96 -23.15 -15.09 41.43
CA ARG D 96 -22.08 -14.23 40.97
C ARG D 96 -22.55 -13.55 39.67
N LYS D 97 -23.13 -14.34 38.78
CA LYS D 97 -23.64 -13.79 37.51
C LYS D 97 -24.74 -12.76 37.76
N ASP D 98 -25.64 -13.04 38.72
CA ASP D 98 -26.74 -12.10 39.04
C ASP D 98 -26.21 -10.77 39.61
N LYS D 99 -25.16 -10.84 40.43
CA LYS D 99 -24.52 -9.67 41.01
C LYS D 99 -23.87 -8.79 39.93
N ILE D 100 -23.16 -9.43 38.98
CA ILE D 100 -22.54 -8.69 37.86
C ILE D 100 -23.62 -7.94 37.08
N VAL D 101 -24.71 -8.64 36.75
CA VAL D 101 -25.81 -8.03 36.02
C VAL D 101 -26.40 -6.84 36.79
N ASP D 102 -26.58 -6.99 38.10
N ASP D 102 -26.57 -6.98 38.10
CA ASP D 102 -27.12 -5.92 38.94
CA ASP D 102 -27.14 -5.89 38.90
C ASP D 102 -26.20 -4.70 38.93
C ASP D 102 -26.20 -4.68 38.98
N GLN D 103 -24.90 -4.94 39.02
CA GLN D 103 -23.92 -3.88 39.04
C GLN D 103 -23.98 -3.10 37.72
N LEU D 104 -23.98 -3.83 36.61
CA LEU D 104 -23.97 -3.22 35.29
C LEU D 104 -25.25 -2.47 34.95
N THR D 105 -26.42 -3.03 35.30
CA THR D 105 -27.70 -2.34 35.03
C THR D 105 -27.85 -1.07 35.88
N GLY D 106 -27.32 -1.10 37.09
CA GLY D 106 -27.33 0.09 37.95
C GLY D 106 -26.43 1.14 37.33
N GLY D 107 -25.31 0.69 36.79
CA GLY D 107 -24.34 1.55 36.12
C GLY D 107 -24.93 2.31 34.95
N ILE D 108 -25.73 1.62 34.13
CA ILE D 108 -26.37 2.28 32.98
C ILE D 108 -27.36 3.32 33.48
N ASP D 109 -28.06 3.00 34.57
CA ASP D 109 -29.02 3.92 35.18
C ASP D 109 -28.30 5.22 35.59
N GLN D 110 -27.14 5.06 36.24
N GLN D 110 -27.14 5.10 36.24
CA GLN D 110 -26.27 6.18 36.64
CA GLN D 110 -26.37 6.27 36.65
C GLN D 110 -25.89 7.02 35.43
C GLN D 110 -25.79 7.04 35.46
N LEU D 111 -25.48 6.35 34.36
CA LEU D 111 -25.02 7.05 33.13
C LEU D 111 -26.08 7.95 32.53
N LEU D 112 -27.30 7.45 32.42
CA LEU D 112 -28.37 8.28 31.89
C LEU D 112 -28.60 9.53 32.74
N LYS D 113 -28.60 9.35 34.07
CA LYS D 113 -28.78 10.46 35.01
C LYS D 113 -27.67 11.48 34.85
N GLY D 114 -26.43 11.01 34.86
CA GLY D 114 -25.25 11.88 34.71
C GLY D 114 -25.21 12.62 33.39
N ASN D 115 -25.88 12.07 32.37
CA ASN D 115 -25.96 12.70 31.06
C ASN D 115 -27.24 13.52 30.88
N GLY D 116 -28.06 13.60 31.94
CA GLY D 116 -29.28 14.39 31.90
C GLY D 116 -30.38 13.76 31.07
N ILE D 117 -30.34 12.44 30.91
CA ILE D 117 -31.35 11.73 30.15
C ILE D 117 -32.43 11.23 31.08
N GLU D 118 -33.70 11.30 30.66
CA GLU D 118 -34.80 10.83 31.49
C GLU D 118 -35.21 9.43 31.08
N TRP D 119 -35.09 8.48 32.00
CA TRP D 119 -35.55 7.12 31.77
C TRP D 119 -37.00 7.05 32.21
N LEU D 120 -37.89 6.92 31.23
CA LEU D 120 -39.32 6.82 31.48
C LEU D 120 -39.62 5.33 31.60
N LYS D 121 -40.07 4.94 32.78
CA LYS D 121 -40.29 3.53 33.07
C LYS D 121 -41.70 3.05 32.69
N GLY D 122 -41.78 2.44 31.52
CA GLY D 122 -43.04 1.93 31.00
C GLY D 122 -42.92 1.61 29.54
N THR D 123 -44.05 1.66 28.85
CA THR D 123 -44.14 1.31 27.44
C THR D 123 -44.30 2.52 26.52
N GLY D 124 -43.69 2.44 25.33
CA GLY D 124 -43.78 3.51 24.34
C GLY D 124 -44.40 3.03 23.04
N LYS D 125 -45.21 3.89 22.42
CA LYS D 125 -45.81 3.60 21.11
C LYS D 125 -45.70 4.81 20.19
N LEU D 126 -45.30 4.57 18.94
CA LEU D 126 -45.24 5.64 17.96
C LEU D 126 -46.63 5.86 17.36
N LEU D 127 -47.13 7.08 17.52
CA LEU D 127 -48.43 7.47 17.00
C LEU D 127 -48.21 8.30 15.74
N ALA D 128 -49.31 8.72 15.11
CA ALA D 128 -49.25 9.56 13.92
C ALA D 128 -48.56 10.88 14.25
N GLY D 129 -47.88 11.46 13.25
CA GLY D 129 -47.17 12.73 13.40
C GLY D 129 -46.07 12.73 14.44
N LYS D 130 -45.31 11.63 14.50
CA LYS D 130 -44.19 11.46 15.43
C LYS D 130 -44.48 11.66 16.91
N LYS D 131 -45.76 11.62 17.30
CA LYS D 131 -46.09 11.71 18.72
C LYS D 131 -45.82 10.34 19.32
N VAL D 132 -45.48 10.30 20.61
CA VAL D 132 -45.19 9.03 21.29
C VAL D 132 -46.00 8.89 22.57
N GLU D 133 -46.77 7.81 22.63
CA GLU D 133 -47.58 7.51 23.80
C GLU D 133 -46.70 6.82 24.83
N PHE D 134 -46.61 7.37 26.03
CA PHE D 134 -45.86 6.76 27.11
C PHE D 134 -46.83 6.35 28.20
N VAL D 135 -46.94 5.05 28.41
CA VAL D 135 -47.77 4.44 29.43
C VAL D 135 -46.84 3.95 30.54
N PRO D 136 -46.76 4.67 31.68
CA PRO D 136 -45.83 4.22 32.74
C PRO D 136 -46.34 2.97 33.45
N HIS D 137 -45.44 2.30 34.19
CA HIS D 137 -45.87 1.12 34.95
C HIS D 137 -46.94 1.52 35.94
N GLU D 138 -46.72 2.66 36.60
CA GLU D 138 -47.66 3.23 37.56
C GLU D 138 -47.69 4.71 37.31
N GLY D 139 -48.86 5.22 36.88
CA GLY D 139 -49.02 6.63 36.58
C GLY D 139 -49.94 6.88 35.40
N GLU D 140 -50.10 8.15 35.07
CA GLU D 140 -50.98 8.57 33.99
C GLU D 140 -50.25 8.50 32.65
N THR D 141 -51.00 8.14 31.60
CA THR D 141 -50.45 8.07 30.24
C THR D 141 -50.13 9.47 29.72
N GLN D 142 -48.99 9.60 29.07
CA GLN D 142 -48.56 10.87 28.51
C GLN D 142 -48.36 10.75 27.01
N ILE D 143 -48.60 11.85 26.28
CA ILE D 143 -48.38 11.91 24.84
C ILE D 143 -47.25 12.89 24.62
N LEU D 144 -46.09 12.36 24.24
CA LEU D 144 -44.90 13.18 24.01
C LEU D 144 -44.90 13.65 22.55
N GLU D 145 -44.31 14.82 22.31
CA GLU D 145 -44.24 15.42 20.96
C GLU D 145 -42.81 15.84 20.55
N PRO D 146 -41.92 14.86 20.39
CA PRO D 146 -40.53 15.13 20.02
C PRO D 146 -40.32 15.36 18.53
N LYS D 147 -39.21 15.98 18.17
CA LYS D 147 -38.90 16.23 16.78
C LYS D 147 -38.35 14.95 16.15
N TYR D 148 -37.67 14.13 16.96
CA TYR D 148 -37.07 12.89 16.47
C TYR D 148 -37.42 11.68 17.33
N VAL D 149 -37.51 10.52 16.69
CA VAL D 149 -37.78 9.27 17.37
C VAL D 149 -36.85 8.17 16.87
N ILE D 150 -36.31 7.39 17.80
CA ILE D 150 -35.48 6.24 17.46
C ILE D 150 -36.19 5.01 18.03
N LEU D 151 -36.50 4.06 17.15
CA LEU D 151 -37.16 2.82 17.53
C LEU D 151 -36.06 1.78 17.78
N ALA D 152 -36.01 1.23 19.00
CA ALA D 152 -34.98 0.28 19.37
C ALA D 152 -35.55 -0.78 20.32
N SER D 153 -36.65 -1.39 19.88
CA SER D 153 -37.38 -2.38 20.68
C SER D 153 -36.77 -3.79 20.75
N GLY D 154 -35.70 -4.02 19.98
CA GLY D 154 -34.97 -5.26 20.07
C GLY D 154 -35.63 -6.53 19.55
N SER D 155 -35.31 -7.63 20.22
CA SER D 155 -35.78 -8.96 19.85
C SER D 155 -36.25 -9.82 21.01
N VAL D 156 -36.86 -10.95 20.64
CA VAL D 156 -37.25 -12.00 21.58
C VAL D 156 -36.92 -13.32 20.90
N PRO D 157 -36.86 -14.41 21.66
CA PRO D 157 -36.58 -15.68 21.01
C PRO D 157 -37.67 -16.13 20.02
N VAL D 158 -37.26 -16.87 19.00
CA VAL D 158 -38.20 -17.46 18.07
C VAL D 158 -38.92 -18.59 18.85
N ASN D 159 -40.23 -18.68 18.68
CA ASN D 159 -41.04 -19.71 19.31
C ASN D 159 -41.31 -20.82 18.31
N ILE D 160 -41.24 -22.07 18.77
CA ILE D 160 -41.58 -23.22 17.91
C ILE D 160 -42.72 -23.99 18.61
N PRO D 161 -43.90 -24.06 17.97
CA PRO D 161 -45.05 -24.78 18.55
C PRO D 161 -44.76 -26.22 18.94
N VAL D 162 -43.79 -26.81 18.26
CA VAL D 162 -43.32 -28.16 18.53
C VAL D 162 -42.65 -28.30 19.91
N ALA D 163 -42.12 -27.20 20.45
CA ALA D 163 -41.44 -27.21 21.74
C ALA D 163 -41.79 -25.95 22.54
N PRO D 164 -43.00 -25.92 23.12
CA PRO D 164 -43.47 -24.76 23.88
C PRO D 164 -42.69 -24.56 25.17
N VAL D 165 -42.21 -23.34 25.36
CA VAL D 165 -41.43 -22.95 26.52
C VAL D 165 -42.30 -22.70 27.74
N ASP D 166 -42.05 -23.46 28.82
CA ASP D 166 -42.78 -23.31 30.09
C ASP D 166 -41.84 -22.69 31.15
N GLN D 167 -40.61 -22.45 30.71
CA GLN D 167 -39.52 -21.92 31.52
C GLN D 167 -39.25 -22.81 32.76
N ASP D 168 -39.47 -24.13 32.59
CA ASP D 168 -39.19 -25.13 33.62
C ASP D 168 -38.48 -26.34 32.96
N ILE D 169 -39.24 -27.22 32.31
CA ILE D 169 -38.69 -28.38 31.62
C ILE D 169 -38.15 -27.96 30.26
N ILE D 170 -38.95 -27.16 29.55
CA ILE D 170 -38.53 -26.61 28.28
C ILE D 170 -38.32 -25.11 28.48
N VAL D 171 -37.05 -24.70 28.35
CA VAL D 171 -36.67 -23.30 28.54
C VAL D 171 -36.17 -22.67 27.26
N ASP D 172 -36.23 -21.35 27.20
CA ASP D 172 -35.58 -20.62 26.13
C ASP D 172 -34.25 -20.18 26.75
N SER D 173 -33.48 -19.32 26.07
CA SER D 173 -32.17 -18.89 26.60
C SER D 173 -32.24 -18.24 28.00
N THR D 174 -33.34 -17.55 28.32
CA THR D 174 -33.48 -16.91 29.63
C THR D 174 -33.45 -17.97 30.73
N GLY D 175 -34.30 -18.99 30.61
CA GLY D 175 -34.37 -20.06 31.60
C GLY D 175 -33.09 -20.92 31.64
N ALA D 176 -32.42 -21.05 30.51
CA ALA D 176 -31.18 -21.82 30.42
C ALA D 176 -30.04 -21.18 31.21
N LEU D 177 -30.17 -19.90 31.55
CA LEU D 177 -29.15 -19.20 32.34
C LEU D 177 -29.45 -19.31 33.83
N ASN D 178 -30.51 -20.02 34.19
CA ASN D 178 -30.96 -20.09 35.58
C ASN D 178 -31.33 -21.52 36.09
N PHE D 179 -30.93 -22.58 35.38
CA PHE D 179 -31.27 -23.93 35.85
C PHE D 179 -30.87 -24.08 37.33
N PRO D 180 -31.79 -24.55 38.17
CA PRO D 180 -31.44 -24.68 39.59
C PRO D 180 -30.48 -25.84 39.88
N GLU D 181 -30.44 -26.83 39.00
CA GLU D 181 -29.52 -27.96 39.10
C GLU D 181 -29.00 -28.23 37.72
N VAL D 182 -27.80 -28.81 37.62
CA VAL D 182 -27.28 -29.18 36.32
C VAL D 182 -28.11 -30.35 35.81
N PRO D 183 -28.71 -30.25 34.62
CA PRO D 183 -29.50 -31.39 34.15
C PRO D 183 -28.56 -32.54 33.73
N LYS D 184 -28.97 -33.78 33.98
CA LYS D 184 -28.10 -34.91 33.60
C LYS D 184 -28.06 -35.06 32.09
N ARG D 185 -29.21 -34.90 31.47
CA ARG D 185 -29.37 -35.03 30.05
C ARG D 185 -29.97 -33.71 29.57
N LEU D 186 -29.28 -33.04 28.66
CA LEU D 186 -29.72 -31.77 28.15
C LEU D 186 -29.81 -31.79 26.64
N GLY D 187 -30.98 -31.41 26.15
CA GLY D 187 -31.22 -31.30 24.73
C GLY D 187 -31.25 -29.82 24.39
N VAL D 188 -30.68 -29.46 23.24
CA VAL D 188 -30.62 -28.08 22.80
C VAL D 188 -31.13 -28.05 21.38
N ILE D 189 -32.21 -27.31 21.14
CA ILE D 189 -32.74 -27.17 19.78
C ILE D 189 -32.20 -25.87 19.21
N GLY D 190 -31.32 -26.00 18.23
CA GLY D 190 -30.65 -24.87 17.58
C GLY D 190 -29.16 -24.95 17.86
N ALA D 191 -28.36 -25.07 16.81
CA ALA D 191 -26.90 -25.18 16.94
C ALA D 191 -26.20 -23.91 16.47
N GLY D 192 -26.86 -22.77 16.72
CA GLY D 192 -26.30 -21.46 16.38
C GLY D 192 -25.41 -20.99 17.51
N VAL D 193 -24.97 -19.73 17.46
CA VAL D 193 -24.07 -19.22 18.48
C VAL D 193 -24.60 -19.37 19.91
N ILE D 194 -25.88 -19.10 20.12
CA ILE D 194 -26.45 -19.16 21.45
C ILE D 194 -26.51 -20.59 21.97
N GLY D 195 -26.91 -21.51 21.11
CA GLY D 195 -27.02 -22.93 21.50
C GLY D 195 -25.68 -23.57 21.85
N LEU D 196 -24.65 -23.26 21.07
CA LEU D 196 -23.30 -23.82 21.30
C LEU D 196 -22.74 -23.31 22.62
N GLU D 197 -22.97 -22.03 22.91
CA GLU D 197 -22.56 -21.43 24.15
C GLU D 197 -23.30 -22.04 25.34
N LEU D 198 -24.64 -22.05 25.29
CA LEU D 198 -25.42 -22.60 26.42
C LEU D 198 -25.13 -24.08 26.60
N GLY D 199 -25.01 -24.79 25.49
CA GLY D 199 -24.68 -26.22 25.53
C GLY D 199 -23.35 -26.44 26.21
N SER D 200 -22.36 -25.59 25.87
CA SER D 200 -21.03 -25.70 26.44
C SER D 200 -21.02 -25.44 27.95
N VAL D 201 -21.74 -24.42 28.39
CA VAL D 201 -21.81 -24.10 29.82
C VAL D 201 -22.23 -25.31 30.63
N TRP D 202 -23.39 -25.87 30.29
CA TRP D 202 -23.90 -27.01 31.05
C TRP D 202 -23.13 -28.30 30.84
N ARG D 203 -22.60 -28.51 29.65
CA ARG D 203 -21.75 -29.67 29.39
C ARG D 203 -20.55 -29.67 30.33
N ARG D 204 -19.91 -28.51 30.47
CA ARG D 204 -18.74 -28.38 31.34
C ARG D 204 -19.08 -28.69 32.80
N LEU D 205 -20.28 -28.32 33.22
CA LEU D 205 -20.72 -28.55 34.59
C LEU D 205 -21.26 -29.97 34.82
N GLY D 206 -21.22 -30.85 33.81
CA GLY D 206 -21.63 -32.26 34.00
C GLY D 206 -22.78 -32.82 33.18
N ALA D 207 -23.45 -31.99 32.40
CA ALA D 207 -24.58 -32.50 31.61
C ALA D 207 -24.10 -33.22 30.36
N GLU D 208 -24.86 -34.25 29.95
CA GLU D 208 -24.62 -34.94 28.69
C GLU D 208 -25.50 -34.18 27.71
N VAL D 209 -24.89 -33.56 26.71
CA VAL D 209 -25.61 -32.65 25.84
C VAL D 209 -25.74 -33.09 24.41
N VAL D 210 -26.94 -32.92 23.86
CA VAL D 210 -27.20 -33.20 22.47
C VAL D 210 -27.72 -31.90 21.87
N VAL D 211 -27.17 -31.50 20.74
CA VAL D 211 -27.58 -30.28 20.07
C VAL D 211 -28.18 -30.64 18.70
N PHE D 212 -29.45 -30.26 18.50
CA PHE D 212 -30.16 -30.53 17.25
C PHE D 212 -30.08 -29.37 16.26
N GLU D 213 -29.55 -29.65 15.07
N GLU D 213 -29.56 -29.65 15.06
CA GLU D 213 -29.45 -28.66 14.01
CA GLU D 213 -29.44 -28.65 14.00
C GLU D 213 -30.33 -29.13 12.86
C GLU D 213 -30.31 -29.11 12.84
N ALA D 214 -31.39 -28.37 12.57
CA ALA D 214 -32.33 -28.73 11.48
C ALA D 214 -31.72 -28.66 10.08
N MET D 215 -30.88 -27.66 9.83
CA MET D 215 -30.24 -27.49 8.51
C MET D 215 -29.24 -28.60 8.24
N ASP D 216 -28.95 -28.81 6.96
CA ASP D 216 -28.03 -29.88 6.54
C ASP D 216 -26.55 -29.50 6.74
N ALA D 217 -26.28 -28.26 7.14
CA ALA D 217 -24.91 -27.82 7.40
C ALA D 217 -24.80 -27.13 8.76
N PHE D 218 -23.60 -27.21 9.35
CA PHE D 218 -23.28 -26.60 10.63
C PHE D 218 -22.79 -25.16 10.40
N LEU D 219 -23.32 -24.21 11.17
CA LEU D 219 -22.96 -22.78 11.04
C LEU D 219 -22.81 -22.35 9.59
N PRO D 220 -23.90 -22.46 8.81
CA PRO D 220 -23.83 -22.12 7.37
C PRO D 220 -23.34 -20.70 7.07
N MET D 221 -23.49 -19.76 8.00
CA MET D 221 -23.00 -18.38 7.79
C MET D 221 -21.48 -18.27 7.86
N ALA D 222 -20.85 -19.19 8.62
CA ALA D 222 -19.41 -19.19 8.80
C ALA D 222 -18.68 -19.78 7.61
N ASP D 223 -17.37 -19.53 7.56
CA ASP D 223 -16.53 -20.07 6.52
C ASP D 223 -16.52 -21.61 6.70
N LYS D 224 -16.56 -22.34 5.59
CA LYS D 224 -16.65 -23.82 5.66
C LYS D 224 -15.46 -24.50 6.31
N ALA D 225 -14.27 -23.92 6.15
CA ALA D 225 -13.11 -24.46 6.82
C ALA D 225 -13.24 -24.26 8.33
N LEU D 226 -13.73 -23.11 8.75
CA LEU D 226 -13.90 -22.83 10.18
C LEU D 226 -14.98 -23.72 10.78
N SER D 227 -16.14 -23.79 10.12
CA SER D 227 -17.22 -24.60 10.66
C SER D 227 -16.83 -26.09 10.79
N LYS D 228 -16.11 -26.62 9.80
CA LYS D 228 -15.69 -28.04 9.85
C LYS D 228 -14.77 -28.34 11.04
N GLU D 229 -13.74 -27.52 11.18
CA GLU D 229 -12.78 -27.67 12.26
C GLU D 229 -13.45 -27.42 13.61
N TYR D 230 -14.31 -26.42 13.65
CA TYR D 230 -15.01 -26.04 14.87
C TYR D 230 -15.99 -27.14 15.29
N GLN D 231 -16.69 -27.72 14.32
CA GLN D 231 -17.63 -28.80 14.63
C GLN D 231 -16.87 -29.98 15.26
N LYS D 232 -15.72 -30.30 14.68
CA LYS D 232 -14.87 -31.39 15.18
C LYS D 232 -14.41 -31.13 16.62
N ILE D 233 -13.90 -29.92 16.88
CA ILE D 233 -13.42 -29.53 18.20
C ILE D 233 -14.53 -29.65 19.26
N LEU D 234 -15.69 -29.08 18.95
CA LEU D 234 -16.82 -29.12 19.88
C LEU D 234 -17.36 -30.53 20.09
N THR D 235 -17.34 -31.35 19.02
CA THR D 235 -17.83 -32.73 19.12
C THR D 235 -16.92 -33.53 20.05
N LYS D 236 -15.61 -33.33 19.88
CA LYS D 236 -14.62 -34.00 20.73
C LYS D 236 -14.84 -33.57 22.19
N GLN D 237 -15.16 -32.30 22.44
CA GLN D 237 -15.43 -31.81 23.79
C GLN D 237 -16.61 -32.53 24.43
N GLY D 238 -17.51 -33.08 23.62
CA GLY D 238 -18.66 -33.80 24.15
C GLY D 238 -20.00 -33.25 23.72
N LEU D 239 -20.02 -32.20 22.91
CA LEU D 239 -21.31 -31.72 22.40
C LEU D 239 -21.69 -32.61 21.24
N ASP D 240 -22.75 -33.39 21.41
CA ASP D 240 -23.22 -34.28 20.37
C ASP D 240 -24.08 -33.46 19.42
N ILE D 241 -23.44 -32.92 18.37
CA ILE D 241 -24.13 -32.08 17.38
C ILE D 241 -24.74 -32.94 16.27
N ARG D 242 -26.06 -32.90 16.15
CA ARG D 242 -26.78 -33.70 15.16
C ARG D 242 -27.29 -32.84 14.00
N ILE D 243 -26.67 -33.02 12.84
CA ILE D 243 -26.96 -32.26 11.63
C ILE D 243 -28.13 -32.87 10.84
N GLY D 244 -28.90 -32.00 10.20
CA GLY D 244 -30.07 -32.43 9.42
C GLY D 244 -31.10 -33.13 10.29
N ALA D 245 -31.13 -32.77 11.57
CA ALA D 245 -32.06 -33.36 12.54
C ALA D 245 -33.15 -32.36 12.82
N LYS D 246 -34.32 -32.57 12.21
CA LYS D 246 -35.46 -31.68 12.34
C LYS D 246 -36.47 -32.19 13.35
N VAL D 247 -36.78 -31.35 14.35
CA VAL D 247 -37.70 -31.69 15.43
C VAL D 247 -39.15 -31.62 14.93
N SER D 248 -39.86 -32.74 15.05
CA SER D 248 -41.23 -32.87 14.62
C SER D 248 -42.23 -32.78 15.77
N GLY D 249 -41.72 -32.87 16.99
CA GLY D 249 -42.59 -32.82 18.16
C GLY D 249 -41.79 -33.07 19.44
N THR D 250 -42.30 -32.57 20.55
CA THR D 250 -41.69 -32.83 21.86
C THR D 250 -42.80 -33.40 22.69
N GLU D 251 -42.44 -34.21 23.69
CA GLU D 251 -43.46 -34.83 24.53
C GLU D 251 -42.96 -34.77 25.95
N VAL D 252 -43.71 -34.08 26.81
CA VAL D 252 -43.34 -33.90 28.21
C VAL D 252 -44.07 -34.95 29.02
N ASN D 253 -43.30 -35.81 29.69
CA ASN D 253 -43.83 -36.89 30.53
C ASN D 253 -43.22 -36.67 31.91
N GLY D 254 -43.94 -35.99 32.79
CA GLY D 254 -43.43 -35.71 34.14
C GLY D 254 -42.24 -34.76 34.07
N ARG D 255 -41.15 -35.15 34.73
CA ARG D 255 -39.93 -34.32 34.74
C ARG D 255 -38.96 -34.68 33.61
N GLU D 256 -39.49 -35.29 32.55
CA GLU D 256 -38.69 -35.68 31.40
C GLU D 256 -39.34 -35.16 30.13
N VAL D 257 -38.52 -34.95 29.10
CA VAL D 257 -39.04 -34.49 27.83
C VAL D 257 -38.42 -35.27 26.69
N THR D 258 -39.26 -35.86 25.87
CA THR D 258 -38.80 -36.64 24.73
C THR D 258 -38.86 -35.77 23.47
N VAL D 259 -37.77 -35.79 22.71
CA VAL D 259 -37.67 -35.06 21.46
C VAL D 259 -37.82 -36.04 20.31
N LYS D 260 -38.83 -35.82 19.47
CA LYS D 260 -39.07 -36.62 18.28
C LYS D 260 -38.56 -35.82 17.09
N TYR D 261 -37.66 -36.40 16.33
CA TYR D 261 -37.08 -35.71 15.17
C TYR D 261 -36.84 -36.64 14.01
N THR D 262 -36.62 -36.06 12.84
CA THR D 262 -36.33 -36.83 11.64
C THR D 262 -34.93 -36.45 11.13
N GLN D 263 -34.12 -37.46 10.86
CA GLN D 263 -32.75 -37.28 10.39
C GLN D 263 -32.36 -38.47 9.51
N ALA D 264 -31.83 -38.19 8.33
CA ALA D 264 -31.40 -39.23 7.39
C ALA D 264 -32.59 -40.14 7.00
N GLY D 265 -33.73 -39.50 6.70
CA GLY D 265 -34.95 -40.22 6.33
C GLY D 265 -35.58 -41.11 7.40
N GLU D 266 -35.02 -41.13 8.61
CA GLU D 266 -35.51 -42.00 9.69
C GLU D 266 -36.12 -41.24 10.85
N ASP D 267 -37.20 -41.78 11.43
CA ASP D 267 -37.85 -41.18 12.61
C ASP D 267 -37.11 -41.66 13.85
N LYS D 268 -36.55 -40.72 14.61
CA LYS D 268 -35.77 -41.05 15.82
C LYS D 268 -36.32 -40.30 17.00
N GLU D 269 -35.87 -40.69 18.19
CA GLU D 269 -36.26 -40.01 19.41
C GLU D 269 -35.23 -40.17 20.51
N GLN D 270 -35.24 -39.24 21.47
CA GLN D 270 -34.36 -39.27 22.63
C GLN D 270 -34.95 -38.42 23.77
N THR D 271 -34.74 -38.89 24.99
CA THR D 271 -35.29 -38.27 26.18
C THR D 271 -34.22 -37.50 26.94
N PHE D 272 -34.65 -36.40 27.55
CA PHE D 272 -33.78 -35.52 28.32
C PHE D 272 -34.48 -35.02 29.57
N ASP D 273 -33.71 -34.37 30.43
CA ASP D 273 -34.23 -33.80 31.67
C ASP D 273 -34.66 -32.36 31.46
N LYS D 274 -33.94 -31.65 30.58
CA LYS D 274 -34.29 -30.28 30.22
C LYS D 274 -34.06 -30.13 28.73
N LEU D 275 -34.78 -29.18 28.15
CA LEU D 275 -34.66 -28.88 26.75
C LEU D 275 -34.58 -27.35 26.60
N ILE D 276 -33.56 -26.88 25.88
CA ILE D 276 -33.40 -25.47 25.61
C ILE D 276 -33.81 -25.24 24.16
N VAL D 277 -34.68 -24.26 23.94
CA VAL D 277 -35.08 -23.90 22.60
C VAL D 277 -34.32 -22.62 22.25
N CYS D 278 -33.45 -22.71 21.26
CA CYS D 278 -32.69 -21.55 20.79
C CYS D 278 -32.41 -21.65 19.30
N VAL D 279 -33.50 -21.53 18.53
CA VAL D 279 -33.45 -21.60 17.07
C VAL D 279 -33.40 -20.21 16.39
N GLY D 280 -32.90 -19.21 17.12
CA GLY D 280 -32.81 -17.85 16.59
C GLY D 280 -33.68 -16.87 17.34
N ARG D 281 -33.56 -15.60 16.98
CA ARG D 281 -34.33 -14.55 17.59
C ARG D 281 -34.98 -13.75 16.48
N LYS D 282 -36.10 -13.12 16.80
CA LYS D 282 -36.85 -12.33 15.83
C LYS D 282 -37.14 -10.94 16.40
N ALA D 283 -37.32 -9.97 15.51
CA ALA D 283 -37.62 -8.60 15.90
C ALA D 283 -38.87 -8.52 16.76
N TYR D 284 -38.82 -7.70 17.80
CA TYR D 284 -39.94 -7.51 18.71
C TYR D 284 -40.48 -6.11 18.52
N ALA D 285 -41.76 -6.01 18.18
CA ALA D 285 -42.40 -4.73 17.95
C ALA D 285 -43.84 -4.69 18.47
N GLU D 286 -44.17 -5.58 19.40
CA GLU D 286 -45.54 -5.62 19.94
C GLU D 286 -45.80 -4.33 20.67
N GLY D 287 -46.87 -3.63 20.26
CA GLY D 287 -47.24 -2.36 20.85
C GLY D 287 -46.36 -1.18 20.46
N LEU D 288 -45.46 -1.39 19.52
CA LEU D 288 -44.52 -0.33 19.14
C LEU D 288 -45.13 0.75 18.23
N LEU D 289 -46.01 0.32 17.34
CA LEU D 289 -46.54 1.20 16.31
C LEU D 289 -48.04 1.25 16.25
N ALA D 290 -48.58 2.45 16.10
CA ALA D 290 -50.01 2.64 15.89
C ALA D 290 -50.27 2.30 14.42
N GLU D 291 -51.50 1.85 14.11
CA GLU D 291 -51.88 1.53 12.72
C GLU D 291 -51.58 2.68 11.76
N ASP D 292 -51.72 3.91 12.24
CA ASP D 292 -51.48 5.08 11.39
C ASP D 292 -50.20 5.87 11.76
N SER D 293 -49.17 5.17 12.23
CA SER D 293 -47.89 5.80 12.55
C SER D 293 -47.14 6.19 11.27
N GLY D 294 -47.49 5.52 10.16
CA GLY D 294 -46.87 5.76 8.86
C GLY D 294 -45.62 4.94 8.59
N ILE D 295 -45.32 4.00 9.48
CA ILE D 295 -44.11 3.17 9.38
C ILE D 295 -44.34 1.89 8.56
N LYS D 296 -43.58 1.77 7.47
CA LYS D 296 -43.65 0.64 6.57
C LYS D 296 -42.96 -0.60 7.16
N LEU D 297 -43.74 -1.67 7.32
CA LEU D 297 -43.23 -2.95 7.83
C LEU D 297 -42.76 -3.78 6.63
N THR D 298 -42.36 -5.03 6.91
CA THR D 298 -41.95 -5.96 5.87
C THR D 298 -42.50 -7.35 6.18
N GLU D 299 -42.37 -8.25 5.21
CA GLU D 299 -42.85 -9.62 5.35
C GLU D 299 -42.22 -10.40 6.52
N ARG D 300 -40.99 -10.04 6.88
CA ARG D 300 -40.26 -10.73 7.97
C ARG D 300 -40.48 -10.09 9.37
N GLY D 301 -41.42 -9.16 9.48
CA GLY D 301 -41.70 -8.51 10.76
C GLY D 301 -40.68 -7.46 11.18
N LEU D 302 -39.93 -6.92 10.21
CA LEU D 302 -38.95 -5.88 10.50
C LEU D 302 -39.51 -4.51 10.14
N VAL D 303 -38.87 -3.45 10.65
CA VAL D 303 -39.21 -2.08 10.28
C VAL D 303 -38.22 -1.78 9.13
N GLU D 304 -38.76 -1.37 8.00
CA GLU D 304 -37.94 -1.10 6.82
C GLU D 304 -37.14 0.18 7.04
N VAL D 305 -35.83 0.10 6.78
CA VAL D 305 -34.96 1.26 6.87
C VAL D 305 -33.95 1.23 5.74
N ASN D 306 -33.35 2.40 5.46
CA ASN D 306 -32.31 2.47 4.45
C ASN D 306 -30.95 2.21 5.09
N ASP D 307 -29.86 2.47 4.37
CA ASP D 307 -28.49 2.26 4.88
C ASP D 307 -28.14 3.02 6.17
N HIS D 308 -28.80 4.15 6.41
CA HIS D 308 -28.55 4.98 7.58
C HIS D 308 -29.58 4.78 8.69
N CYS D 309 -30.39 3.72 8.60
CA CYS D 309 -31.42 3.38 9.61
C CYS D 309 -32.63 4.33 9.67
N ALA D 310 -32.82 5.14 8.64
CA ALA D 310 -33.95 6.03 8.55
C ALA D 310 -35.17 5.25 8.03
N THR D 311 -36.32 5.45 8.66
CA THR D 311 -37.57 4.80 8.25
C THR D 311 -38.24 5.65 7.17
N SER D 312 -39.42 5.22 6.73
CA SER D 312 -40.19 5.95 5.73
C SER D 312 -40.76 7.27 6.26
N VAL D 313 -40.78 7.42 7.58
CA VAL D 313 -41.27 8.64 8.20
C VAL D 313 -40.08 9.50 8.61
N GLU D 314 -40.05 10.73 8.09
CA GLU D 314 -38.99 11.70 8.38
C GLU D 314 -38.85 11.93 9.90
N GLY D 315 -37.59 11.95 10.36
CA GLY D 315 -37.28 12.14 11.77
C GLY D 315 -37.39 10.88 12.62
N VAL D 316 -37.82 9.77 12.01
CA VAL D 316 -37.95 8.51 12.73
C VAL D 316 -36.95 7.50 12.18
N TYR D 317 -36.14 6.95 13.08
CA TYR D 317 -35.11 5.96 12.77
C TYR D 317 -35.41 4.68 13.54
N ALA D 318 -34.84 3.58 13.08
CA ALA D 318 -35.01 2.27 13.71
C ALA D 318 -33.69 1.55 13.62
N ILE D 319 -33.28 0.92 14.73
CA ILE D 319 -31.97 0.31 14.85
C ILE D 319 -31.99 -1.04 15.58
N GLY D 320 -30.82 -1.67 15.59
CA GLY D 320 -30.63 -2.91 16.31
C GLY D 320 -31.36 -4.13 15.78
N ASP D 321 -31.74 -5.01 16.70
CA ASP D 321 -32.41 -6.27 16.34
C ASP D 321 -33.79 -6.07 15.71
N LEU D 322 -34.29 -4.83 15.74
CA LEU D 322 -35.58 -4.51 15.13
C LEU D 322 -35.50 -4.41 13.61
N VAL D 323 -34.29 -4.18 13.08
CA VAL D 323 -34.13 -3.97 11.63
C VAL D 323 -33.13 -4.96 11.02
N ARG D 324 -32.96 -4.89 9.70
CA ARG D 324 -32.08 -5.82 8.98
C ARG D 324 -30.66 -5.80 9.50
N GLY D 325 -29.95 -6.91 9.26
CA GLY D 325 -28.55 -7.05 9.60
C GLY D 325 -28.30 -8.00 10.74
N PRO D 326 -27.02 -8.31 11.01
CA PRO D 326 -26.70 -9.23 12.11
C PRO D 326 -27.29 -8.78 13.45
N MET D 327 -27.89 -9.72 14.17
CA MET D 327 -28.51 -9.43 15.45
C MET D 327 -27.47 -9.48 16.57
N LEU D 328 -26.65 -8.43 16.60
CA LEU D 328 -25.53 -8.33 17.55
C LEU D 328 -25.59 -7.02 18.29
N ALA D 329 -25.12 -7.03 19.53
CA ALA D 329 -25.13 -5.86 20.38
C ALA D 329 -24.37 -4.69 19.77
N HIS D 330 -23.16 -4.96 19.26
CA HIS D 330 -22.36 -3.89 18.68
C HIS D 330 -22.99 -3.29 17.41
N LYS D 331 -23.72 -4.11 16.67
CA LYS D 331 -24.43 -3.61 15.50
C LYS D 331 -25.50 -2.62 15.98
N ALA D 332 -26.23 -2.99 17.02
CA ALA D 332 -27.26 -2.11 17.60
C ALA D 332 -26.64 -0.78 18.13
N MET D 333 -25.54 -0.89 18.88
CA MET D 333 -24.85 0.28 19.43
C MET D 333 -24.39 1.26 18.37
N GLU D 334 -23.71 0.75 17.34
CA GLU D 334 -23.24 1.64 16.27
C GLU D 334 -24.34 2.23 15.41
N GLU D 335 -25.44 1.51 15.27
CA GLU D 335 -26.57 2.05 14.54
C GLU D 335 -27.22 3.17 15.33
N GLY D 336 -27.27 3.02 16.67
CA GLY D 336 -27.84 4.02 17.54
C GLY D 336 -27.05 5.30 17.41
N VAL D 337 -25.73 5.17 17.47
CA VAL D 337 -24.86 6.32 17.30
C VAL D 337 -25.05 6.93 15.90
N MET D 338 -25.05 6.08 14.86
CA MET D 338 -25.22 6.55 13.46
C MET D 338 -26.52 7.35 13.29
N ALA D 339 -27.62 6.81 13.84
CA ALA D 339 -28.91 7.47 13.74
C ALA D 339 -28.87 8.88 14.32
N VAL D 340 -28.33 9.00 15.53
CA VAL D 340 -28.25 10.30 16.20
C VAL D 340 -27.38 11.28 15.42
N GLU D 341 -26.23 10.82 14.93
CA GLU D 341 -25.35 11.68 14.15
C GLU D 341 -26.04 12.16 12.85
N ARG D 342 -26.77 11.25 12.20
CA ARG D 342 -27.59 11.57 11.02
C ARG D 342 -28.62 12.65 11.33
N ILE D 343 -29.24 12.57 12.50
CA ILE D 343 -30.21 13.58 12.94
C ILE D 343 -29.50 14.91 13.12
N HIS D 344 -28.29 14.85 13.67
CA HIS D 344 -27.47 16.03 13.95
C HIS D 344 -26.77 16.53 12.67
N GLY D 345 -27.19 16.03 11.51
CA GLY D 345 -26.66 16.49 10.24
C GLY D 345 -25.33 15.93 9.75
N HIS D 346 -24.80 14.90 10.40
CA HIS D 346 -23.53 14.29 10.00
C HIS D 346 -23.80 13.05 9.15
N ALA D 347 -23.01 12.85 8.10
CA ALA D 347 -23.19 11.73 7.19
C ALA D 347 -22.49 10.45 7.70
N ALA D 348 -22.81 10.06 8.93
CA ALA D 348 -22.20 8.87 9.54
C ALA D 348 -22.73 7.59 8.89
N GLN D 349 -21.86 6.58 8.77
CA GLN D 349 -22.25 5.33 8.16
C GLN D 349 -21.62 4.08 8.81
N VAL D 350 -22.47 3.12 9.18
CA VAL D 350 -21.99 1.86 9.71
C VAL D 350 -21.57 1.03 8.49
N ASN D 351 -20.36 0.49 8.55
CA ASN D 351 -19.83 -0.35 7.49
C ASN D 351 -20.30 -1.78 7.74
N TYR D 352 -21.33 -2.22 7.01
CA TYR D 352 -21.87 -3.56 7.23
C TYR D 352 -20.98 -4.72 6.81
N ASP D 353 -19.95 -4.42 6.03
CA ASP D 353 -19.00 -5.44 5.57
C ASP D 353 -17.87 -5.72 6.59
N THR D 354 -17.88 -5.03 7.74
CA THR D 354 -16.83 -5.21 8.77
C THR D 354 -17.40 -5.44 10.17
N ILE D 355 -18.58 -6.04 10.25
N ILE D 355 -18.56 -6.07 10.23
CA ILE D 355 -19.17 -6.34 11.53
CA ILE D 355 -19.22 -6.41 11.48
C ILE D 355 -18.65 -7.71 11.96
C ILE D 355 -18.64 -7.74 11.96
N ILE D 356 -18.05 -7.73 13.15
CA ILE D 356 -17.46 -8.94 13.73
C ILE D 356 -18.48 -9.90 14.33
N SER D 357 -18.29 -11.20 14.10
CA SER D 357 -19.11 -12.23 14.74
C SER D 357 -18.17 -12.99 15.67
N ILE D 358 -18.63 -13.27 16.89
CA ILE D 358 -17.84 -14.02 17.89
C ILE D 358 -18.69 -15.08 18.57
N ILE D 359 -18.09 -16.26 18.81
CA ILE D 359 -18.75 -17.30 19.57
C ILE D 359 -17.82 -17.48 20.75
N TYR D 360 -18.34 -17.31 21.95
CA TYR D 360 -17.55 -17.33 23.17
C TYR D 360 -17.35 -18.70 23.81
N THR D 361 -17.25 -19.73 22.98
CA THR D 361 -16.90 -21.06 23.45
C THR D 361 -15.42 -21.02 23.75
N HIS D 362 -14.86 -22.16 24.12
CA HIS D 362 -13.43 -22.28 24.34
C HIS D 362 -12.97 -23.55 23.62
N PRO D 363 -12.16 -23.41 22.56
CA PRO D 363 -11.67 -22.13 22.04
C PRO D 363 -12.77 -21.25 21.41
N GLU D 364 -12.53 -19.95 21.41
CA GLU D 364 -13.43 -18.97 20.79
C GLU D 364 -13.32 -19.07 19.29
N ALA D 365 -14.39 -18.69 18.61
CA ALA D 365 -14.41 -18.59 17.15
C ALA D 365 -14.83 -17.17 16.88
N ALA D 366 -14.27 -16.57 15.82
CA ALA D 366 -14.63 -15.23 15.44
C ALA D 366 -14.28 -14.98 14.00
N TRP D 367 -15.04 -14.11 13.34
CA TRP D 367 -14.79 -13.79 11.95
C TRP D 367 -15.33 -12.43 11.57
N VAL D 368 -14.82 -11.93 10.45
CA VAL D 368 -15.22 -10.64 9.95
C VAL D 368 -14.98 -10.63 8.45
N GLY D 369 -15.85 -9.94 7.72
CA GLY D 369 -15.68 -9.87 6.29
C GLY D 369 -16.29 -11.08 5.64
N LEU D 370 -15.82 -11.36 4.43
CA LEU D 370 -16.37 -12.42 3.61
C LEU D 370 -15.77 -13.80 3.83
N THR D 371 -16.65 -14.81 3.79
CA THR D 371 -16.24 -16.20 3.81
C THR D 371 -15.78 -16.51 2.37
N GLU D 372 -15.16 -17.67 2.17
CA GLU D 372 -14.68 -18.03 0.85
C GLU D 372 -15.85 -18.14 -0.15
N GLU D 373 -16.98 -18.72 0.29
CA GLU D 373 -18.15 -18.84 -0.59
C GLU D 373 -18.75 -17.48 -0.89
N GLN D 374 -18.90 -16.62 0.12
CA GLN D 374 -19.44 -15.27 -0.09
C GLN D 374 -18.61 -14.45 -1.07
N ALA D 375 -17.29 -14.55 -0.95
CA ALA D 375 -16.40 -13.80 -1.85
C ALA D 375 -16.61 -14.27 -3.30
N LYS D 376 -16.65 -15.59 -3.50
CA LYS D 376 -16.91 -16.15 -4.84
C LYS D 376 -18.29 -15.77 -5.35
N GLU D 377 -19.30 -15.92 -4.50
CA GLU D 377 -20.67 -15.56 -4.85
C GLU D 377 -20.86 -14.07 -5.14
N LYS D 378 -19.91 -13.23 -4.70
CA LYS D 378 -19.94 -11.79 -4.99
C LYS D 378 -19.06 -11.39 -6.20
N GLY D 379 -18.62 -12.37 -6.98
CA GLY D 379 -17.83 -12.10 -8.19
C GLY D 379 -16.32 -12.08 -8.05
N HIS D 380 -15.80 -12.30 -6.84
CA HIS D 380 -14.35 -12.29 -6.67
C HIS D 380 -13.75 -13.63 -7.02
N GLU D 381 -12.55 -13.60 -7.58
CA GLU D 381 -11.77 -14.80 -7.77
C GLU D 381 -10.95 -14.78 -6.49
N VAL D 382 -11.01 -15.86 -5.72
CA VAL D 382 -10.38 -15.86 -4.39
C VAL D 382 -9.13 -16.67 -4.19
N LYS D 383 -8.28 -16.18 -3.30
CA LYS D 383 -7.12 -16.90 -2.84
C LYS D 383 -7.21 -16.87 -1.31
N THR D 384 -6.80 -17.96 -0.67
CA THR D 384 -6.87 -18.05 0.80
C THR D 384 -5.57 -18.58 1.37
N GLY D 385 -5.42 -18.44 2.67
CA GLY D 385 -4.24 -18.96 3.34
C GLY D 385 -4.63 -19.11 4.79
N GLN D 386 -4.01 -20.06 5.48
CA GLN D 386 -4.26 -20.24 6.88
C GLN D 386 -3.04 -20.76 7.60
N PHE D 387 -3.00 -20.59 8.92
CA PHE D 387 -1.87 -21.01 9.74
C PHE D 387 -2.41 -21.34 11.12
N GLY D 388 -1.92 -22.45 11.68
CA GLY D 388 -2.38 -22.93 12.96
C GLY D 388 -1.60 -22.43 14.18
N PHE D 389 -2.26 -22.48 15.34
CA PHE D 389 -1.66 -22.12 16.61
C PHE D 389 -0.81 -23.27 17.18
N ALA D 390 -0.96 -24.47 16.61
CA ALA D 390 -0.22 -25.66 17.10
C ALA D 390 1.29 -25.47 17.26
N VAL D 391 1.89 -24.71 16.35
CA VAL D 391 3.34 -24.50 16.33
C VAL D 391 3.79 -23.14 16.90
N ASN D 392 2.83 -22.31 17.25
CA ASN D 392 3.10 -20.96 17.77
C ASN D 392 3.66 -21.02 19.21
N GLY D 393 4.85 -20.44 19.39
CA GLY D 393 5.53 -20.41 20.68
C GLY D 393 4.66 -19.94 21.82
N ARG D 394 3.93 -18.85 21.63
CA ARG D 394 3.06 -18.33 22.67
C ARG D 394 1.94 -19.32 23.08
N ALA D 395 1.32 -19.95 22.09
CA ALA D 395 0.27 -20.94 22.36
C ALA D 395 0.82 -22.20 23.02
N LEU D 396 2.00 -22.62 22.61
CA LEU D 396 2.62 -23.81 23.23
C LEU D 396 2.89 -23.55 24.70
N ALA D 397 3.36 -22.33 25.02
CA ALA D 397 3.64 -21.96 26.41
C ALA D 397 2.34 -21.94 27.22
N ALA D 398 1.27 -21.40 26.64
CA ALA D 398 -0.01 -21.30 27.33
C ALA D 398 -0.74 -22.62 27.43
N GLY D 399 -0.39 -23.58 26.56
CA GLY D 399 -1.09 -24.86 26.51
C GLY D 399 -2.39 -24.75 25.70
N GLU D 400 -2.42 -23.85 24.71
CA GLU D 400 -3.59 -23.63 23.83
C GLU D 400 -3.23 -23.70 22.34
N GLY D 401 -2.41 -24.66 21.95
CA GLY D 401 -2.00 -24.80 20.55
C GLY D 401 -2.98 -25.58 19.69
N ALA D 402 -4.12 -24.95 19.39
CA ALA D 402 -5.17 -25.55 18.55
C ALA D 402 -5.95 -24.40 17.91
N GLY D 403 -6.46 -24.65 16.70
CA GLY D 403 -7.14 -23.65 15.94
C GLY D 403 -6.24 -23.03 14.87
N PHE D 404 -6.74 -21.98 14.23
CA PHE D 404 -6.01 -21.31 13.16
C PHE D 404 -6.59 -19.95 12.84
N VAL D 405 -5.88 -19.25 11.97
CA VAL D 405 -6.30 -17.99 11.41
C VAL D 405 -6.34 -18.25 9.91
N LYS D 406 -7.46 -17.91 9.27
CA LYS D 406 -7.63 -18.09 7.82
C LYS D 406 -7.98 -16.76 7.20
N PHE D 407 -7.27 -16.39 6.13
CA PHE D 407 -7.60 -15.19 5.38
C PHE D 407 -8.22 -15.54 4.04
N VAL D 408 -9.11 -14.66 3.58
CA VAL D 408 -9.76 -14.77 2.29
C VAL D 408 -9.39 -13.47 1.60
N ALA D 409 -8.94 -13.55 0.36
CA ALA D 409 -8.50 -12.38 -0.37
C ALA D 409 -8.78 -12.49 -1.86
N ASP D 410 -8.79 -11.33 -2.53
CA ASP D 410 -9.02 -11.25 -3.96
C ASP D 410 -7.72 -11.61 -4.68
N ALA D 411 -7.81 -12.62 -5.56
CA ALA D 411 -6.64 -13.13 -6.29
C ALA D 411 -5.96 -12.12 -7.24
N LYS D 412 -6.71 -11.19 -7.79
CA LYS D 412 -6.15 -10.20 -8.73
C LYS D 412 -5.57 -8.96 -8.06
N THR D 413 -6.31 -8.36 -7.13
CA THR D 413 -5.90 -7.12 -6.46
C THR D 413 -5.14 -7.33 -5.14
N ASP D 414 -5.16 -8.55 -4.61
CA ASP D 414 -4.49 -8.86 -3.34
C ASP D 414 -5.24 -8.20 -2.16
N ARG D 415 -6.46 -7.74 -2.41
CA ARG D 415 -7.29 -7.10 -1.38
C ARG D 415 -7.79 -8.12 -0.34
N LEU D 416 -7.59 -7.80 0.94
CA LEU D 416 -8.06 -8.65 2.01
C LEU D 416 -9.57 -8.56 1.99
N LEU D 417 -10.25 -9.71 2.04
CA LEU D 417 -11.70 -9.73 2.01
C LEU D 417 -12.32 -10.26 3.29
N GLY D 418 -11.61 -11.13 4.01
CA GLY D 418 -12.15 -11.69 5.23
C GLY D 418 -11.12 -12.39 6.07
N MET D 419 -11.44 -12.52 7.36
CA MET D 419 -10.58 -13.19 8.35
C MET D 419 -11.46 -14.10 9.19
N HIS D 420 -10.97 -15.31 9.46
CA HIS D 420 -11.74 -16.32 10.19
C HIS D 420 -10.81 -17.02 11.15
N VAL D 421 -11.16 -16.99 12.43
CA VAL D 421 -10.28 -17.51 13.47
C VAL D 421 -10.93 -18.41 14.50
N ILE D 422 -10.20 -19.47 14.88
CA ILE D 422 -10.56 -20.34 15.97
C ILE D 422 -9.27 -20.40 16.79
N GLY D 423 -9.37 -20.09 18.07
CA GLY D 423 -8.18 -20.18 18.90
C GLY D 423 -8.07 -19.18 20.01
N PRO D 424 -6.89 -19.18 20.68
CA PRO D 424 -6.69 -18.25 21.76
C PRO D 424 -6.87 -16.81 21.31
N ALA D 425 -7.56 -16.03 22.15
CA ALA D 425 -7.79 -14.61 21.93
C ALA D 425 -8.44 -14.31 20.58
N ALA D 426 -9.28 -15.21 20.10
CA ALA D 426 -9.92 -15.00 18.80
C ALA D 426 -10.72 -13.69 18.76
N SER D 427 -11.50 -13.43 19.81
CA SER D 427 -12.38 -12.26 19.85
C SER D 427 -11.64 -10.94 19.84
N ASP D 428 -10.36 -10.97 20.17
CA ASP D 428 -9.55 -9.77 20.16
C ASP D 428 -8.63 -9.77 18.93
N ILE D 429 -8.17 -10.94 18.49
CA ILE D 429 -7.37 -11.05 17.27
C ILE D 429 -8.18 -10.66 16.02
N VAL D 430 -9.47 -10.99 16.00
CA VAL D 430 -10.32 -10.65 14.84
C VAL D 430 -10.42 -9.13 14.62
N HIS D 431 -10.25 -8.32 15.67
CA HIS D 431 -10.29 -6.85 15.54
C HIS D 431 -9.15 -6.34 14.66
N GLN D 432 -8.04 -7.08 14.64
CA GLN D 432 -6.91 -6.76 13.77
C GLN D 432 -7.35 -6.83 12.30
N GLY D 433 -8.06 -7.90 11.95
CA GLY D 433 -8.61 -8.06 10.61
C GLY D 433 -9.64 -7.00 10.31
N MET D 434 -10.48 -6.67 11.29
CA MET D 434 -11.51 -5.65 11.12
C MET D 434 -10.86 -4.31 10.77
N ILE D 435 -9.83 -3.94 11.52
CA ILE D 435 -9.11 -2.72 11.26
C ILE D 435 -8.49 -2.73 9.86
N ALA D 436 -7.84 -3.83 9.50
CA ALA D 436 -7.23 -4.00 8.16
C ALA D 436 -8.27 -3.81 7.04
N LEU D 437 -9.45 -4.40 7.21
CA LEU D 437 -10.52 -4.24 6.20
C LEU D 437 -11.00 -2.78 6.11
N GLU D 438 -11.08 -2.10 7.25
CA GLU D 438 -11.48 -0.68 7.27
C GLU D 438 -10.53 0.20 6.46
N PHE D 439 -9.26 -0.18 6.39
CA PHE D 439 -8.27 0.58 5.64
C PHE D 439 -7.98 -0.04 4.29
N VAL D 440 -8.88 -0.92 3.84
CA VAL D 440 -8.77 -1.58 2.54
C VAL D 440 -7.37 -2.18 2.37
N SER D 441 -6.96 -2.89 3.41
CA SER D 441 -5.66 -3.54 3.44
C SER D 441 -5.54 -4.61 2.38
N SER D 442 -4.32 -4.75 1.87
CA SER D 442 -3.99 -5.82 0.99
C SER D 442 -3.37 -6.90 1.88
N VAL D 443 -3.23 -8.11 1.34
CA VAL D 443 -2.61 -9.20 2.08
C VAL D 443 -1.15 -8.83 2.35
N GLU D 444 -0.50 -8.25 1.35
CA GLU D 444 0.91 -7.85 1.48
C GLU D 444 1.14 -6.84 2.58
N ASP D 445 0.18 -5.92 2.76
CA ASP D 445 0.27 -4.93 3.82
C ASP D 445 0.49 -5.61 5.16
N LEU D 446 -0.30 -6.65 5.44
CA LEU D 446 -0.16 -7.39 6.71
C LEU D 446 1.14 -8.21 6.76
N GLN D 447 1.56 -8.77 5.62
CA GLN D 447 2.81 -9.55 5.55
C GLN D 447 4.02 -8.70 5.95
N LEU D 448 4.01 -7.41 5.57
CA LEU D 448 5.14 -6.52 5.83
C LEU D 448 5.19 -5.80 7.19
N MET D 449 4.19 -6.04 8.04
CA MET D 449 4.19 -5.43 9.37
C MET D 449 4.95 -6.30 10.36
N THR D 450 5.34 -5.68 11.48
CA THR D 450 6.11 -6.33 12.54
C THR D 450 5.22 -6.71 13.70
N PHE D 451 4.97 -8.00 13.86
CA PHE D 451 4.18 -8.50 14.99
C PHE D 451 5.11 -8.88 16.16
N GLY D 452 4.64 -8.64 17.39
CA GLY D 452 5.40 -8.96 18.57
C GLY D 452 5.64 -10.45 18.68
N HIS D 453 6.80 -10.80 19.23
CA HIS D 453 7.18 -12.20 19.40
C HIS D 453 7.68 -12.38 20.83
N PRO D 454 7.15 -13.34 21.58
CA PRO D 454 6.13 -14.30 21.15
C PRO D 454 4.71 -13.86 21.47
N THR D 455 3.80 -13.95 20.51
CA THR D 455 2.39 -13.59 20.73
C THR D 455 1.46 -14.48 19.91
N PHE D 456 0.21 -14.54 20.34
CA PHE D 456 -0.79 -15.29 19.59
C PHE D 456 -0.98 -14.60 18.23
N SER D 457 -0.91 -13.26 18.23
CA SER D 457 -1.08 -12.46 17.03
C SER D 457 -0.12 -12.80 15.89
N GLU D 458 1.02 -13.41 16.20
CA GLU D 458 1.98 -13.81 15.14
C GLU D 458 1.38 -14.76 14.13
N VAL D 459 0.37 -15.52 14.54
CA VAL D 459 -0.33 -16.45 13.67
C VAL D 459 -1.03 -15.65 12.55
N VAL D 460 -1.48 -14.44 12.86
CA VAL D 460 -2.08 -13.55 11.86
C VAL D 460 -1.08 -13.28 10.74
N HIS D 461 0.14 -12.97 11.13
CA HIS D 461 1.21 -12.67 10.18
C HIS D 461 1.53 -13.89 9.32
N GLU D 462 1.62 -15.05 9.94
CA GLU D 462 1.92 -16.29 9.22
C GLU D 462 0.80 -16.68 8.25
N ALA D 463 -0.44 -16.49 8.67
CA ALA D 463 -1.59 -16.78 7.80
C ALA D 463 -1.58 -15.86 6.58
N ALA D 464 -1.12 -14.63 6.77
CA ALA D 464 -1.04 -13.65 5.68
C ALA D 464 0.02 -14.08 4.67
N LEU D 465 1.13 -14.59 5.17
CA LEU D 465 2.19 -15.08 4.30
C LEU D 465 1.73 -16.34 3.58
N ALA D 466 0.94 -17.17 4.26
CA ALA D 466 0.43 -18.41 3.67
C ALA D 466 -0.52 -18.19 2.49
N VAL D 467 -1.17 -17.02 2.41
CA VAL D 467 -2.03 -16.74 1.27
C VAL D 467 -1.20 -16.91 -0.01
N ASP D 468 0.02 -16.38 0.00
CA ASP D 468 0.91 -16.43 -1.16
C ASP D 468 1.87 -17.66 -1.21
N GLY D 469 2.07 -18.32 -0.08
CA GLY D 469 2.93 -19.51 -0.02
C GLY D 469 4.38 -19.25 0.34
N ARG D 470 4.61 -18.40 1.34
CA ARG D 470 5.96 -18.10 1.82
C ARG D 470 6.02 -17.87 3.34
N ALA D 471 5.26 -18.66 4.10
CA ALA D 471 5.24 -18.53 5.56
C ALA D 471 6.64 -18.77 6.14
N ILE D 472 7.01 -17.94 7.10
CA ILE D 472 8.34 -18.01 7.74
C ILE D 472 8.58 -19.35 8.42
N HIS D 473 7.78 -19.64 9.45
CA HIS D 473 7.89 -20.88 10.21
C HIS D 473 6.93 -21.95 9.66
N ALA D 474 7.01 -22.19 8.35
CA ALA D 474 6.13 -23.16 7.69
C ALA D 474 6.50 -24.60 8.08
#